data_7AFT
#
_entry.id   7AFT
#
_cell.length_a   1.00
_cell.length_b   1.00
_cell.length_c   1.00
_cell.angle_alpha   90.00
_cell.angle_beta   90.00
_cell.angle_gamma   90.00
#
_symmetry.space_group_name_H-M   'P 1'
#
loop_
_entity.id
_entity.type
_entity.pdbx_description
1 polymer 'Protein transport protein SEC61'
2 polymer 'Protein transport protein SBH1'
3 polymer 'Protein transport protein SSS1'
4 polymer 'Protein translocation protein SEC63'
5 polymer 'Translocation protein SEC66'
6 polymer 'Translocation protein SEC72'
7 polymer 'Translocation protein SEC62,Translocation protein SEC62'
8 polymer 'Mating factor alpha-1,Mating factor alpha-1'
#
loop_
_entity_poly.entity_id
_entity_poly.type
_entity_poly.pdbx_seq_one_letter_code
_entity_poly.pdbx_strand_id
1 'polypeptide(L)'
;MSSNRVLDLFKPFESFLPEVIAPERKVPYNQKLIWTGVSLLIFLILGQIPLYGIVSSETSDPLYWLRAMLASNRGTLLEL
GVSPIITSSMIFQFLQGTQLLQIRPESKQDRELFQIAQKVCAIILILGQALVVVMTGNYGAPSDLGLPICLLLIFQLMFA
SLIVMLLDELLSKGYGLGSGISLFTATNIAEQIFWRAFAPTTVNSGRGKEFEGAVIAFFHLLAVRKDKKRALVEAFYRTN
LPNMFQVLMTVAIFLFVLYLQGFRYELPIRSTKVRGQIGIYPIKLFYTSNTPIMLQSALTSNIFLISQILFQKYPTNPLI
RLIGVWGIRPGTQGPQMALSGLAYYIQPLMSLSEALLDPIKTIVYITFVLGSCAVFSKTWIEISGTSPRDIAKQFKDQGM
VINGKRETSIYRELKKIIPTAAAFGGATIGALSVGSDLLGTLGSGASILMATTTIYGYYEAAAKEGGFTKNLVPGFSDLM
;
A
2 'polypeptide(L)'
;MSSPTPPGGQRTLQKRKQGSSQKVAASAPKKNTNSNNSILKIYSDEATGLRVDPLVVLFLAVGFIFSVVALHVISKVAGK
LF
;
B
3 'polypeptide(L)' MARASEKGEEKKQSNNQVEKLVEAPVEFVREGTQFLAKCKKPDLKEYTKIVKAVGIGFIAVGIIGYAIKLIHIPIRYVIV C
4 'polypeptide(L)'
;MPTNYEYDEASETWPSFILTGLLMVVGPMTLLQIYQIFFGANAEDGNSGKSKEFNEEVFKNLNEEYTSDEIKQFRRKFDK
NSNKKSKIWSRRNIIIIVGWILVAILLQRINSNDAIKDAATKLFDPYEILGISTSASDRDIKSAYRKLSVKFHPDKLAKG
LTPDEKSVMEETYVQITKAYESLTDELVRQNYLKYGHPDGPQSTSHGIALPRFLVDGSASPLLVVCYVALLGLILPYFVS
RWWARTQSYTKKGIHNVTASNFVSNLVNYKPSEIVTTDLILHWLSFAHEFKQFFPDLQPTDFEKLLQDHINRRDSGKLNN
AKFRIVAKCHSLLHGLLDIACGFRNLDIALGAINTFKCIVQAVPLTPNCQILQLPNVDKEHFITKTGDIHTLGKLFTLED
AKIGEVLGIKDQAKLNETLRVASHIPNLKIIKADFLVPGENQVTPSSTPYISLKVLVRSAKQPLIPTSLIPEENLTEPQD
FESQRDPFAMMSKQPLVPYSFAPFFPTKRRGSWCCLVSSQKDGKILQTPIIIEKLSYKNLNDDKDFFDKRIKMDLTKHEK
FDINDWEIGTIKIPLGQPAPETVGDFFFRVIVKSTDYFTTDLDITMNMKVRDSPAVEQVEVYSEEDDEYSTDDDETESDD
ESDASDYTDIDTDTEAEDDESPE
;
D
5 'polypeptide(L)'
;MSEFNETKFSNNGTFFETEEPIVETKSISVYTPLIYVFILVVSLVMFASSYRKKQAKKISEQPSIFDENDAHDLYFQIKE
MSENEKIHEKVLKAALLNRGAESVRRSLKLKELAPQINLLYKNGSIGEDYWKRFETEVKLIELEFKDTLQEAERLQPGWV
QLFVMVCKEICFNQALSRRYQSILKRKEVCIKEWELKINNDGRLVN
;
E
6 'polypeptide(L)'
;MVTLEYNANSKLITASDAVVALSTETNIDQINVLTTSLIGETNPNFTPQPNEALSKMIKGLFESGMKNLQQKKLNEALKN
VSLAIEMAQRKRAPWEAFAIQLPELHFMLRSKIDLCLILGKHLEALQDLDFLLGTGLIQPDVFVRKADCLLKLRQWEEAR
ATCERGLALAPEDMKLRALLIETARNLAEYNGE
;
F
7 'polypeptide(L)'
;MSAVGPGSNAGASVNGGSATAIATLLRNHKELKQRQGLFQAKQTDFFRYKRFVRALHSEEYANKSARQPEIYPTIPSNKI
EDQLKSREIFIQLIKAQMVIPVKKLHSQECKEHGLKPSKDFPHLIVSNKAQLEADEYFVWNYNPRTYMDYLIVIGVVSII
LALVCYPLWPRSMRRGSYYVSLGAFGILAGFFAVAILRLILYVLSLIVYKDVGGFWIFPNLFEDCGVLESFKPLYGFGEK
DTYSYKKKLKRMKKKQAKRESNKKKAINEKAEQN(UNK)(UNK)(UNK)(UNK)(UNK)(UNK)(UNK)(UNK)(UNK)
(UNK)(UNK)(UNK)(UNK)(UNK)(UNK)(UNK)(UNK)(UNK)(UNK)(UNK)(UNK)(UNK)(UNK)(UNK)(UNK)
(UNK)(UNK)(UNK)(UNK)(UNK)(UNK)(UNK)(UNK)(UNK)(UNK)(UNK)(UNK)(UNK)(UNK)(UNK)(UNK)
(UNK)(UNK)(UNK)(UNK)(UNK)(UNK)(UNK)(UNK)(UNK)
;
G
8 'polypeptide(L)'
;MRFPSIFTAVLFAASSALAAPVNTTTEDETAQIPAEAVIGYLDLEGDFDVAVLPFSNSTNNGLLFINTTIASIAAKEEGV
SLDKREAEAWHWLQLKPGQPMYKREAEAEAWHWLQLKPGQPMYKREADAEAWHWLQLKPGQPMYKREADAEAWHWLQLKP
GQPMY(UNK)(UNK)(UNK)(UNK)(UNK)(UNK)(UNK)(UNK)(UNK)(UNK)(UNK)(UNK)(UNK)
;
H
#
# COMPACT_ATOMS: atom_id res chain seq x y z
N PHE A 10 13.46 -33.67 18.71
CA PHE A 10 14.20 -33.23 17.54
C PHE A 10 14.05 -31.73 17.33
N LYS A 11 15.08 -30.98 17.70
CA LYS A 11 15.01 -29.52 17.54
C LYS A 11 14.77 -29.14 16.07
N PRO A 12 15.54 -29.64 15.08
CA PRO A 12 15.07 -29.52 13.69
C PRO A 12 14.15 -30.69 13.34
N PHE A 13 13.66 -30.74 12.10
CA PHE A 13 12.87 -31.87 11.62
C PHE A 13 12.66 -31.69 10.12
N GLU A 14 11.92 -32.63 9.52
CA GLU A 14 11.63 -32.62 8.09
C GLU A 14 10.18 -32.21 7.85
N SER A 15 9.96 -31.41 6.82
CA SER A 15 8.68 -30.74 6.59
C SER A 15 7.82 -31.54 5.62
N PHE A 16 7.06 -32.48 6.19
CA PHE A 16 6.05 -33.23 5.46
C PHE A 16 4.66 -32.91 5.98
N LEU A 17 4.41 -31.63 6.24
CA LEU A 17 3.15 -31.13 6.73
C LEU A 17 2.53 -30.17 5.71
N PRO A 18 1.23 -29.96 5.77
CA PRO A 18 0.60 -28.89 4.98
C PRO A 18 0.76 -27.55 5.65
N GLU A 19 1.60 -26.69 5.06
CA GLU A 19 1.87 -25.35 5.57
C GLU A 19 1.18 -24.32 4.70
N VAL A 20 1.08 -23.10 5.22
CA VAL A 20 0.33 -22.02 4.58
C VAL A 20 1.30 -21.06 3.91
N ILE A 21 0.88 -20.52 2.76
CA ILE A 21 1.69 -19.56 2.04
C ILE A 21 1.77 -18.28 2.82
N ALA A 22 2.87 -17.63 2.74
CA ALA A 22 2.99 -16.36 3.44
C ALA A 22 2.35 -15.23 2.64
N PRO A 23 1.96 -14.14 3.28
CA PRO A 23 1.52 -12.96 2.52
C PRO A 23 2.67 -12.42 1.69
N GLU A 24 2.51 -12.50 0.37
CA GLU A 24 3.60 -12.11 -0.51
C GLU A 24 4.02 -10.68 -0.29
N ARG A 25 3.06 -9.80 0.01
CA ARG A 25 3.32 -8.38 0.17
C ARG A 25 2.43 -7.80 1.25
N LYS A 26 2.62 -6.51 1.48
CA LYS A 26 1.69 -5.74 2.30
C LYS A 26 0.29 -5.85 1.71
N VAL A 27 -0.63 -6.38 2.50
CA VAL A 27 -2.01 -6.60 2.04
C VAL A 27 -2.91 -5.56 2.66
N PRO A 28 -3.76 -4.89 1.88
CA PRO A 28 -4.42 -3.69 2.37
C PRO A 28 -5.65 -4.00 3.22
N TYR A 29 -6.12 -2.92 3.86
CA TYR A 29 -7.17 -2.98 4.87
C TYR A 29 -8.39 -3.72 4.35
N ASN A 30 -8.89 -3.32 3.20
CA ASN A 30 -10.06 -3.93 2.60
C ASN A 30 -9.94 -5.46 2.55
N GLN A 31 -8.92 -5.96 1.85
CA GLN A 31 -8.79 -7.41 1.71
C GLN A 31 -8.60 -8.10 3.04
N LYS A 32 -7.83 -7.48 3.94
CA LYS A 32 -7.70 -8.07 5.27
C LYS A 32 -9.07 -8.28 5.90
N LEU A 33 -9.92 -7.24 5.83
CA LEU A 33 -11.23 -7.32 6.44
C LEU A 33 -12.07 -8.40 5.77
N ILE A 34 -11.99 -8.48 4.45
CA ILE A 34 -12.78 -9.49 3.75
C ILE A 34 -12.34 -10.88 4.16
N TRP A 35 -11.05 -11.06 4.35
CA TRP A 35 -10.56 -12.35 4.81
C TRP A 35 -11.12 -12.68 6.17
N THR A 36 -11.10 -11.70 7.07
CA THR A 36 -11.70 -11.94 8.37
C THR A 36 -13.16 -12.34 8.23
N GLY A 37 -13.88 -11.66 7.34
CA GLY A 37 -15.27 -11.98 7.13
C GLY A 37 -15.46 -13.44 6.75
N VAL A 38 -14.78 -13.88 5.70
CA VAL A 38 -15.00 -15.24 5.24
C VAL A 38 -14.51 -16.25 6.26
N SER A 39 -13.40 -15.94 6.93
CA SER A 39 -12.86 -16.89 7.90
C SER A 39 -13.82 -17.07 9.05
N LEU A 40 -14.35 -15.95 9.57
CA LEU A 40 -15.36 -16.04 10.60
C LEU A 40 -16.59 -16.78 10.11
N LEU A 41 -16.92 -16.65 8.83
CA LEU A 41 -18.09 -17.35 8.32
C LEU A 41 -17.87 -18.86 8.35
N ILE A 42 -16.70 -19.29 7.88
CA ILE A 42 -16.36 -20.71 8.00
C ILE A 42 -16.45 -21.14 9.45
N PHE A 43 -15.88 -20.35 10.34
CA PHE A 43 -15.93 -20.67 11.76
C PHE A 43 -17.36 -20.88 12.22
N LEU A 44 -18.25 -19.93 11.92
CA LEU A 44 -19.62 -20.01 12.39
C LEU A 44 -20.33 -21.22 11.80
N ILE A 45 -20.29 -21.37 10.48
CA ILE A 45 -21.01 -22.48 9.87
C ILE A 45 -20.52 -23.80 10.45
N LEU A 46 -19.21 -23.91 10.68
CA LEU A 46 -18.72 -25.12 11.32
C LEU A 46 -19.24 -25.22 12.75
N GLY A 47 -19.50 -24.07 13.38
CA GLY A 47 -20.00 -24.09 14.74
C GLY A 47 -21.47 -24.39 14.86
N GLN A 48 -22.20 -24.35 13.75
CA GLN A 48 -23.63 -24.61 13.79
C GLN A 48 -24.03 -25.67 12.78
N ILE A 49 -23.29 -26.77 12.75
CA ILE A 49 -23.61 -27.89 11.87
C ILE A 49 -23.67 -29.17 12.68
N PRO A 50 -24.73 -29.94 12.57
CA PRO A 50 -24.79 -31.23 13.27
C PRO A 50 -23.85 -32.24 12.64
N LEU A 51 -23.48 -33.23 13.45
CA LEU A 51 -22.56 -34.25 13.02
C LEU A 51 -23.34 -35.41 12.39
N TYR A 52 -22.65 -36.52 12.12
CA TYR A 52 -23.28 -37.72 11.59
C TYR A 52 -23.62 -38.72 12.68
N GLY A 53 -22.64 -39.05 13.52
CA GLY A 53 -22.82 -40.05 14.55
C GLY A 53 -23.34 -39.52 15.87
N ILE A 54 -24.62 -39.19 15.94
CA ILE A 54 -25.23 -38.81 17.21
C ILE A 54 -26.70 -39.18 17.18
N VAL A 55 -27.17 -39.75 18.29
CA VAL A 55 -28.58 -40.14 18.42
C VAL A 55 -29.24 -39.54 19.66
N SER A 56 -28.46 -38.98 20.58
CA SER A 56 -28.97 -38.50 21.86
C SER A 56 -28.66 -37.02 22.03
N SER A 57 -29.15 -36.47 23.15
CA SER A 57 -28.96 -35.05 23.45
C SER A 57 -27.54 -34.77 23.93
N ASN A 73 -21.14 -24.32 21.56
CA ASN A 73 -20.49 -25.38 20.81
C ASN A 73 -20.88 -26.76 21.33
N ARG A 74 -21.89 -26.79 22.21
CA ARG A 74 -22.27 -28.03 22.88
C ARG A 74 -22.74 -29.09 21.90
N GLY A 75 -22.13 -30.26 21.96
CA GLY A 75 -22.49 -31.36 21.08
C GLY A 75 -22.40 -31.05 19.61
N THR A 76 -21.74 -29.96 19.24
CA THR A 76 -21.66 -29.51 17.86
C THR A 76 -20.55 -30.22 17.11
N LEU A 77 -20.45 -29.94 15.81
CA LEU A 77 -19.35 -30.48 15.03
C LEU A 77 -18.00 -29.99 15.55
N LEU A 78 -17.99 -28.90 16.30
CA LEU A 78 -16.78 -28.38 16.92
C LEU A 78 -16.99 -28.27 18.43
N GLU A 79 -17.53 -29.32 19.03
CA GLU A 79 -17.62 -29.38 20.49
C GLU A 79 -16.26 -29.10 21.12
N LEU A 80 -15.21 -29.75 20.60
CA LEU A 80 -13.86 -29.50 21.09
C LEU A 80 -13.40 -28.09 20.79
N GLY A 81 -13.88 -27.50 19.69
CA GLY A 81 -13.44 -26.17 19.35
C GLY A 81 -11.95 -26.12 19.11
N VAL A 82 -11.32 -25.07 19.60
CA VAL A 82 -9.94 -24.77 19.30
C VAL A 82 -9.01 -25.17 20.45
N SER A 83 -9.46 -26.10 21.29
CA SER A 83 -8.62 -26.57 22.39
C SER A 83 -7.24 -27.05 21.93
N PRO A 84 -7.07 -27.75 20.80
CA PRO A 84 -5.71 -28.19 20.46
C PRO A 84 -4.73 -27.04 20.27
N ILE A 85 -5.10 -26.06 19.46
CA ILE A 85 -4.20 -24.94 19.24
C ILE A 85 -4.05 -24.12 20.52
N ILE A 86 -5.13 -23.96 21.28
CA ILE A 86 -5.05 -23.25 22.56
C ILE A 86 -3.98 -23.87 23.44
N THR A 87 -4.05 -25.18 23.63
CA THR A 87 -3.04 -25.89 24.40
C THR A 87 -1.69 -25.61 23.81
N SER A 88 -1.42 -26.10 22.59
CA SER A 88 -0.08 -25.96 22.00
C SER A 88 0.51 -24.59 22.27
N SER A 89 -0.27 -23.55 22.02
CA SER A 89 0.16 -22.19 22.25
C SER A 89 0.58 -21.97 23.71
N MET A 90 -0.37 -22.13 24.64
CA MET A 90 -0.05 -21.80 26.03
C MET A 90 1.00 -22.75 26.61
N ILE A 91 0.99 -24.00 26.17
CA ILE A 91 2.04 -24.96 26.52
C ILE A 91 3.39 -24.36 26.24
N PHE A 92 3.61 -23.94 25.00
CA PHE A 92 4.93 -23.42 24.66
C PHE A 92 5.19 -22.09 25.35
N GLN A 93 4.13 -21.32 25.61
CA GLN A 93 4.30 -20.09 26.38
C GLN A 93 4.87 -20.39 27.76
N PHE A 94 4.28 -21.36 28.47
CA PHE A 94 4.79 -21.72 29.80
C PHE A 94 6.20 -22.30 29.70
N LEU A 95 6.44 -23.15 28.72
CA LEU A 95 7.72 -23.85 28.65
C LEU A 95 8.85 -22.88 28.31
N GLN A 96 8.53 -21.82 27.57
CA GLN A 96 9.56 -20.82 27.31
C GLN A 96 9.60 -19.72 28.37
N GLY A 97 8.53 -19.54 29.14
CA GLY A 97 8.63 -18.74 30.35
C GLY A 97 9.55 -19.39 31.36
N THR A 98 9.57 -20.72 31.39
CA THR A 98 10.64 -21.43 32.05
C THR A 98 11.93 -21.41 31.22
N GLN A 99 11.80 -21.19 29.91
CA GLN A 99 12.91 -21.26 28.96
C GLN A 99 13.55 -22.65 28.98
N LEU A 100 12.76 -23.63 28.56
CA LEU A 100 13.27 -25.00 28.52
C LEU A 100 14.19 -25.20 27.33
N LEU A 101 13.70 -24.92 26.13
CA LEU A 101 14.42 -25.31 24.91
C LEU A 101 15.55 -24.36 24.54
N GLN A 102 15.75 -23.28 25.30
CA GLN A 102 16.82 -22.33 25.03
C GLN A 102 16.74 -21.80 23.59
N ILE A 103 15.64 -21.11 23.31
CA ILE A 103 15.41 -20.59 21.97
C ILE A 103 16.34 -19.41 21.70
N ARG A 104 16.83 -19.33 20.46
CA ARG A 104 17.71 -18.24 20.04
C ARG A 104 16.96 -17.26 19.16
N PRO A 105 16.89 -15.98 19.53
CA PRO A 105 16.08 -15.00 18.78
C PRO A 105 16.85 -14.34 17.63
N GLU A 106 17.46 -15.14 16.79
CA GLU A 106 18.35 -14.62 15.76
C GLU A 106 18.01 -15.08 14.35
N SER A 107 17.54 -16.32 14.19
CA SER A 107 17.36 -16.91 12.88
C SER A 107 15.90 -16.81 12.44
N LYS A 108 15.61 -17.45 11.31
CA LYS A 108 14.24 -17.75 10.91
C LYS A 108 13.86 -19.19 11.19
N GLN A 109 14.83 -20.10 11.10
CA GLN A 109 14.58 -21.50 11.43
C GLN A 109 14.11 -21.65 12.87
N ASP A 110 14.43 -20.69 13.74
CA ASP A 110 13.98 -20.75 15.12
C ASP A 110 12.46 -20.73 15.19
N ARG A 111 11.84 -19.64 14.72
CA ARG A 111 10.39 -19.59 14.64
C ARG A 111 9.84 -20.72 13.78
N GLU A 112 10.60 -21.13 12.76
CA GLU A 112 10.17 -22.24 11.91
C GLU A 112 9.92 -23.47 12.76
N LEU A 113 10.97 -23.97 13.41
CA LEU A 113 10.81 -25.11 14.30
C LEU A 113 9.78 -24.85 15.38
N PHE A 114 9.67 -23.61 15.83
CA PHE A 114 8.69 -23.27 16.85
C PHE A 114 7.29 -23.67 16.40
N GLN A 115 6.83 -23.07 15.31
CA GLN A 115 5.51 -23.39 14.81
C GLN A 115 5.43 -24.83 14.34
N ILE A 116 6.54 -25.39 13.88
CA ILE A 116 6.55 -26.80 13.49
C ILE A 116 6.11 -27.66 14.66
N ALA A 117 6.80 -27.51 15.79
CA ALA A 117 6.44 -28.28 16.97
C ALA A 117 5.01 -28.00 17.38
N GLN A 118 4.61 -26.74 17.30
CA GLN A 118 3.22 -26.38 17.60
C GLN A 118 2.27 -27.27 16.82
N LYS A 119 2.42 -27.28 15.50
CA LYS A 119 1.45 -27.99 14.67
C LYS A 119 1.56 -29.50 14.87
N VAL A 120 2.77 -30.02 15.09
CA VAL A 120 2.88 -31.47 15.20
C VAL A 120 2.24 -31.95 16.50
N CYS A 121 2.51 -31.25 17.61
CA CYS A 121 1.86 -31.64 18.85
C CYS A 121 0.36 -31.47 18.72
N ALA A 122 -0.08 -30.41 18.03
CA ALA A 122 -1.49 -30.24 17.74
C ALA A 122 -2.06 -31.49 17.09
N ILE A 123 -1.43 -31.95 16.00
CA ILE A 123 -1.91 -33.13 15.27
C ILE A 123 -2.05 -34.30 16.21
N ILE A 124 -1.04 -34.51 17.05
CA ILE A 124 -1.10 -35.64 17.97
C ILE A 124 -2.31 -35.49 18.89
N LEU A 125 -2.54 -34.28 19.40
CA LEU A 125 -3.74 -34.05 20.20
C LEU A 125 -4.98 -34.41 19.41
N ILE A 126 -5.04 -33.98 18.15
CA ILE A 126 -6.20 -34.26 17.32
C ILE A 126 -6.50 -35.74 17.36
N LEU A 127 -5.53 -36.54 16.95
CA LEU A 127 -5.73 -37.97 16.86
C LEU A 127 -6.11 -38.55 18.22
N GLY A 128 -5.41 -38.13 19.27
CA GLY A 128 -5.62 -38.66 20.59
C GLY A 128 -7.00 -38.39 21.10
N GLN A 129 -7.31 -37.12 21.39
CA GLN A 129 -8.62 -36.79 21.91
C GLN A 129 -9.73 -37.27 20.98
N ALA A 130 -9.43 -37.44 19.70
CA ALA A 130 -10.40 -38.02 18.79
C ALA A 130 -10.77 -39.43 19.21
N LEU A 131 -9.80 -40.33 19.24
CA LEU A 131 -10.08 -41.69 19.69
C LEU A 131 -10.62 -41.71 21.11
N VAL A 132 -10.19 -40.74 21.93
CA VAL A 132 -10.77 -40.59 23.27
C VAL A 132 -12.27 -40.44 23.16
N VAL A 133 -12.73 -39.36 22.52
CA VAL A 133 -14.16 -39.11 22.43
C VAL A 133 -14.89 -40.31 21.86
N VAL A 134 -14.26 -41.01 20.92
CA VAL A 134 -14.88 -42.23 20.38
C VAL A 134 -15.17 -43.23 21.49
N MET A 135 -14.17 -43.53 22.31
CA MET A 135 -14.39 -44.49 23.38
C MET A 135 -15.34 -43.93 24.43
N THR A 136 -15.05 -42.72 24.91
CA THR A 136 -15.78 -42.13 26.03
C THR A 136 -17.26 -42.00 25.71
N GLY A 137 -17.60 -41.22 24.68
CA GLY A 137 -18.98 -41.08 24.28
C GLY A 137 -19.62 -42.45 24.11
N ASN A 138 -20.83 -42.61 24.61
CA ASN A 138 -21.47 -43.92 24.67
C ASN A 138 -21.93 -44.41 23.33
N TYR A 139 -21.47 -43.73 22.27
CA TYR A 139 -21.82 -44.08 20.89
C TYR A 139 -21.81 -45.59 20.65
N GLY A 140 -20.68 -46.23 20.92
CA GLY A 140 -20.54 -47.64 20.60
C GLY A 140 -20.15 -47.80 19.15
N ALA A 141 -19.13 -48.62 18.89
CA ALA A 141 -18.68 -48.80 17.51
C ALA A 141 -19.78 -49.32 16.60
N PRO A 142 -20.59 -50.33 16.97
CA PRO A 142 -21.70 -50.68 16.07
C PRO A 142 -22.77 -49.60 16.02
N LEU A 147 -19.34 -49.54 12.59
CA LEU A 147 -18.06 -49.97 13.17
C LEU A 147 -16.86 -49.28 12.47
N PRO A 148 -16.85 -49.23 11.12
CA PRO A 148 -15.88 -48.35 10.45
C PRO A 148 -16.44 -46.95 10.29
N ILE A 149 -17.77 -46.84 10.35
CA ILE A 149 -18.42 -45.53 10.28
C ILE A 149 -17.90 -44.64 11.41
N CYS A 150 -17.55 -45.24 12.55
CA CYS A 150 -16.92 -44.47 13.60
C CYS A 150 -15.56 -43.94 13.18
N LEU A 151 -14.79 -44.74 12.43
CA LEU A 151 -13.56 -44.21 11.85
C LEU A 151 -13.86 -43.04 10.92
N LEU A 152 -14.95 -43.12 10.17
CA LEU A 152 -15.30 -42.02 9.29
C LEU A 152 -15.60 -40.76 10.10
N LEU A 153 -16.34 -40.91 11.19
CA LEU A 153 -16.68 -39.76 12.01
C LEU A 153 -15.44 -39.18 12.70
N ILE A 154 -14.53 -40.05 13.14
CA ILE A 154 -13.31 -39.55 13.76
C ILE A 154 -12.47 -38.80 12.74
N PHE A 155 -12.47 -39.29 11.49
CA PHE A 155 -11.86 -38.53 10.41
C PHE A 155 -12.51 -37.16 10.28
N GLN A 156 -13.83 -37.11 10.36
CA GLN A 156 -14.52 -35.84 10.16
C GLN A 156 -14.08 -34.84 11.23
N LEU A 157 -14.01 -35.28 12.48
CA LEU A 157 -13.64 -34.35 13.53
C LEU A 157 -12.18 -33.93 13.38
N MET A 158 -11.32 -34.87 13.02
CA MET A 158 -9.92 -34.54 12.76
C MET A 158 -9.82 -33.44 11.73
N PHE A 159 -10.45 -33.65 10.58
CA PHE A 159 -10.31 -32.69 9.50
C PHE A 159 -10.92 -31.36 9.87
N ALA A 160 -11.99 -31.35 10.64
CA ALA A 160 -12.58 -30.09 11.09
C ALA A 160 -11.57 -29.30 11.90
N SER A 161 -10.97 -29.92 12.90
CA SER A 161 -9.99 -29.21 13.71
C SER A 161 -8.80 -28.76 12.87
N LEU A 162 -8.34 -29.62 11.96
CA LEU A 162 -7.23 -29.25 11.08
C LEU A 162 -7.57 -28.01 10.25
N ILE A 163 -8.80 -27.96 9.74
CA ILE A 163 -9.26 -26.79 9.03
C ILE A 163 -9.17 -25.55 9.90
N VAL A 164 -9.73 -25.61 11.11
CA VAL A 164 -9.68 -24.44 11.98
C VAL A 164 -8.24 -24.02 12.21
N MET A 165 -7.35 -25.00 12.35
CA MET A 165 -5.94 -24.71 12.61
C MET A 165 -5.33 -23.92 11.46
N LEU A 166 -5.34 -24.49 10.26
CA LEU A 166 -4.75 -23.78 9.13
C LEU A 166 -5.48 -22.48 8.85
N LEU A 167 -6.74 -22.39 9.23
CA LEU A 167 -7.48 -21.15 9.06
C LEU A 167 -6.87 -20.05 9.91
N ASP A 168 -6.63 -20.35 11.18
CA ASP A 168 -5.96 -19.35 12.00
C ASP A 168 -4.55 -19.12 11.52
N GLU A 169 -3.94 -20.14 10.91
CA GLU A 169 -2.64 -19.96 10.27
C GLU A 169 -2.69 -18.82 9.26
N LEU A 170 -3.67 -18.85 8.36
CA LEU A 170 -3.74 -17.78 7.37
C LEU A 170 -4.11 -16.45 8.02
N LEU A 171 -5.03 -16.48 8.99
CA LEU A 171 -5.46 -15.22 9.60
C LEU A 171 -4.29 -14.50 10.24
N SER A 172 -3.66 -15.13 11.22
CA SER A 172 -2.54 -14.47 11.87
C SER A 172 -1.25 -14.56 11.06
N LYS A 173 -1.31 -15.16 9.87
CA LYS A 173 -0.15 -15.16 8.99
C LYS A 173 0.05 -13.80 8.35
N GLY A 174 -0.98 -12.95 8.34
CA GLY A 174 -0.88 -11.62 7.79
C GLY A 174 -2.10 -11.19 7.01
N TYR A 175 -2.78 -12.15 6.40
CA TYR A 175 -3.98 -11.81 5.64
C TYR A 175 -5.10 -11.35 6.55
N GLY A 176 -5.16 -11.88 7.76
CA GLY A 176 -6.23 -11.54 8.68
C GLY A 176 -5.95 -10.26 9.42
N LEU A 177 -6.14 -10.27 10.73
CA LEU A 177 -5.79 -9.14 11.57
C LEU A 177 -4.92 -9.50 12.76
N GLY A 178 -4.83 -10.78 13.12
CA GLY A 178 -4.04 -11.17 14.28
C GLY A 178 -4.93 -11.84 15.31
N SER A 179 -4.46 -12.98 15.80
CA SER A 179 -5.14 -13.76 16.84
C SER A 179 -6.62 -13.97 16.51
N GLY A 180 -6.83 -14.68 15.41
CA GLY A 180 -8.15 -15.11 15.04
C GLY A 180 -8.83 -15.86 16.15
N ILE A 181 -8.06 -16.40 17.09
CA ILE A 181 -8.66 -17.08 18.24
C ILE A 181 -9.34 -16.07 19.14
N SER A 182 -8.66 -14.98 19.49
CA SER A 182 -9.32 -13.92 20.25
C SER A 182 -10.50 -13.37 19.47
N LEU A 183 -10.36 -13.30 18.15
CA LEU A 183 -11.50 -12.94 17.32
C LEU A 183 -12.67 -13.87 17.57
N PHE A 184 -12.45 -15.17 17.43
CA PHE A 184 -13.51 -16.16 17.62
C PHE A 184 -14.15 -16.02 18.99
N THR A 185 -13.34 -15.81 20.02
CA THR A 185 -13.89 -15.62 21.36
C THR A 185 -14.81 -14.42 21.38
N ALA A 186 -14.35 -13.30 20.80
CA ALA A 186 -15.19 -12.12 20.70
C ALA A 186 -16.50 -12.44 20.01
N THR A 187 -16.44 -13.24 18.94
CA THR A 187 -17.66 -13.65 18.27
C THR A 187 -18.56 -14.35 19.26
N ASN A 188 -18.11 -15.52 19.72
CA ASN A 188 -18.95 -16.35 20.57
C ASN A 188 -19.63 -15.54 21.65
N ILE A 189 -18.90 -14.62 22.28
CA ILE A 189 -19.51 -13.86 23.36
C ILE A 189 -20.52 -12.84 22.84
N ALA A 190 -20.18 -12.12 21.77
CA ALA A 190 -21.10 -11.11 21.24
C ALA A 190 -22.34 -11.77 20.66
N GLU A 191 -22.13 -12.74 19.78
CA GLU A 191 -23.16 -13.63 19.28
C GLU A 191 -24.03 -14.15 20.41
N GLN A 192 -23.42 -14.54 21.53
CA GLN A 192 -24.21 -15.02 22.65
C GLN A 192 -25.10 -13.92 23.18
N ILE A 193 -24.56 -12.71 23.31
CA ILE A 193 -25.36 -11.58 23.77
C ILE A 193 -26.55 -11.37 22.87
N PHE A 194 -26.31 -11.22 21.58
CA PHE A 194 -27.44 -10.94 20.69
C PHE A 194 -28.41 -12.11 20.65
N TRP A 195 -27.94 -13.34 20.78
CA TRP A 195 -28.86 -14.46 20.77
C TRP A 195 -29.75 -14.43 21.99
N ARG A 196 -29.16 -14.24 23.16
CA ARG A 196 -29.97 -14.12 24.37
C ARG A 196 -30.92 -12.93 24.26
N ALA A 197 -30.54 -11.90 23.52
CA ALA A 197 -31.34 -10.69 23.53
C ALA A 197 -32.49 -10.77 22.53
N PHE A 198 -32.27 -11.44 21.40
CA PHE A 198 -33.18 -11.36 20.26
C PHE A 198 -33.69 -12.71 19.79
N ALA A 199 -33.24 -13.80 20.37
CA ALA A 199 -33.48 -15.11 19.78
C ALA A 199 -34.96 -15.46 19.83
N PRO A 200 -35.46 -16.15 18.86
CA PRO A 200 -36.88 -16.50 18.80
C PRO A 200 -37.19 -17.83 19.49
N THR A 201 -36.72 -18.00 20.71
CA THR A 201 -37.10 -19.15 21.51
C THR A 201 -38.15 -18.71 22.54
N THR A 202 -39.18 -19.52 22.68
CA THR A 202 -40.24 -19.20 23.61
C THR A 202 -40.61 -20.42 24.45
N VAL A 203 -41.06 -20.12 25.66
CA VAL A 203 -41.68 -21.09 26.55
C VAL A 203 -43.04 -20.54 26.91
N ASN A 204 -43.92 -21.41 27.37
CA ASN A 204 -45.25 -20.98 27.72
C ASN A 204 -45.66 -21.52 29.09
N SER A 205 -46.09 -20.60 29.95
CA SER A 205 -46.55 -20.98 31.29
C SER A 205 -47.35 -19.81 31.85
N GLY A 206 -48.62 -20.08 32.16
CA GLY A 206 -49.44 -19.13 32.89
C GLY A 206 -49.90 -17.93 32.08
N ARG A 207 -48.95 -17.16 31.55
CA ARG A 207 -49.28 -15.97 30.79
C ARG A 207 -49.11 -16.18 29.29
N GLY A 208 -49.26 -17.40 28.80
CA GLY A 208 -49.17 -17.66 27.39
C GLY A 208 -47.74 -17.85 26.94
N LYS A 209 -47.48 -17.46 25.70
CA LYS A 209 -46.14 -17.55 25.16
C LYS A 209 -45.28 -16.42 25.67
N GLU A 210 -44.00 -16.72 25.89
CA GLU A 210 -43.01 -15.72 26.26
C GLU A 210 -41.74 -16.08 25.53
N PHE A 211 -41.31 -15.21 24.63
CA PHE A 211 -40.04 -15.38 23.95
C PHE A 211 -38.91 -14.90 24.84
N GLU A 212 -37.77 -15.57 24.75
CA GLU A 212 -36.62 -15.14 25.51
C GLU A 212 -35.85 -14.02 24.83
N GLY A 213 -36.08 -13.80 23.54
CA GLY A 213 -35.58 -12.60 22.91
C GLY A 213 -36.12 -11.40 23.65
N ALA A 214 -35.23 -10.62 24.26
CA ALA A 214 -35.66 -9.50 25.09
C ALA A 214 -36.57 -8.56 24.32
N VAL A 215 -36.06 -7.94 23.28
CA VAL A 215 -36.87 -7.04 22.48
C VAL A 215 -38.04 -7.77 21.86
N ILE A 216 -37.89 -9.07 21.62
CA ILE A 216 -38.99 -9.86 21.05
C ILE A 216 -40.20 -9.77 21.94
N ALA A 217 -40.08 -10.27 23.18
CA ALA A 217 -41.18 -10.19 24.12
C ALA A 217 -41.57 -8.74 24.39
N PHE A 218 -40.61 -7.83 24.35
CA PHE A 218 -40.90 -6.43 24.58
C PHE A 218 -41.95 -5.92 23.59
N PHE A 219 -41.64 -5.98 22.31
CA PHE A 219 -42.58 -5.50 21.31
C PHE A 219 -43.83 -6.37 21.25
N HIS A 220 -43.72 -7.65 21.58
CA HIS A 220 -44.89 -8.52 21.61
C HIS A 220 -45.91 -7.99 22.60
N LEU A 221 -45.50 -7.85 23.86
CA LEU A 221 -46.36 -7.22 24.86
C LEU A 221 -46.83 -5.85 24.40
N LEU A 222 -45.92 -5.05 23.85
CA LEU A 222 -46.29 -3.72 23.39
C LEU A 222 -47.50 -3.80 22.46
N ALA A 223 -47.51 -4.79 21.58
CA ALA A 223 -48.62 -4.92 20.63
C ALA A 223 -49.88 -5.47 21.31
N VAL A 224 -49.78 -6.67 21.89
CA VAL A 224 -50.99 -7.45 22.13
C VAL A 224 -51.83 -6.97 23.31
N ARG A 225 -51.27 -6.19 24.24
CA ARG A 225 -52.00 -5.83 25.44
C ARG A 225 -52.20 -4.33 25.55
N LYS A 226 -53.24 -3.96 26.29
CA LYS A 226 -53.59 -2.57 26.56
C LYS A 226 -52.93 -2.11 27.85
N ASP A 227 -53.37 -0.96 28.37
CA ASP A 227 -52.74 -0.31 29.52
C ASP A 227 -51.28 -0.01 29.22
N LYS A 228 -51.07 0.69 28.09
CA LYS A 228 -49.75 0.90 27.51
C LYS A 228 -48.67 1.20 28.53
N LYS A 229 -48.92 2.16 29.42
CA LYS A 229 -47.93 2.50 30.44
C LYS A 229 -47.69 1.32 31.37
N ARG A 230 -48.77 0.64 31.77
CA ARG A 230 -48.63 -0.49 32.68
C ARG A 230 -47.82 -1.61 32.03
N ALA A 231 -48.12 -1.93 30.78
CA ALA A 231 -47.39 -2.98 30.09
C ALA A 231 -45.92 -2.61 29.91
N LEU A 232 -45.64 -1.36 29.52
CA LEU A 232 -44.25 -0.92 29.38
C LEU A 232 -43.50 -1.09 30.69
N VAL A 233 -43.95 -0.42 31.75
CA VAL A 233 -43.22 -0.46 33.01
C VAL A 233 -43.23 -1.87 33.59
N GLU A 234 -44.18 -2.70 33.19
CA GLU A 234 -44.28 -4.05 33.75
C GLU A 234 -43.24 -4.97 33.12
N ALA A 235 -43.16 -4.96 31.78
CA ALA A 235 -42.07 -5.69 31.12
C ALA A 235 -40.72 -5.12 31.52
N PHE A 236 -40.67 -3.81 31.80
CA PHE A 236 -39.50 -3.20 32.40
C PHE A 236 -39.13 -3.91 33.69
N TYR A 237 -40.08 -3.99 34.62
CA TYR A 237 -39.90 -4.71 35.86
C TYR A 237 -40.18 -6.20 35.61
N ARG A 238 -39.53 -6.77 34.60
CA ARG A 238 -39.65 -8.20 34.37
C ARG A 238 -38.76 -8.88 35.40
N THR A 239 -39.36 -9.31 36.50
CA THR A 239 -38.63 -9.87 37.63
C THR A 239 -37.95 -11.19 37.30
N ASN A 240 -38.14 -11.73 36.10
CA ASN A 240 -37.77 -13.12 35.83
C ASN A 240 -36.71 -13.24 34.76
N LEU A 241 -36.90 -12.63 33.60
CA LEU A 241 -35.94 -12.86 32.53
C LEU A 241 -35.36 -11.52 32.08
N PRO A 242 -34.31 -11.50 31.24
CA PRO A 242 -33.72 -10.24 30.77
C PRO A 242 -34.72 -9.14 30.43
N ASN A 243 -34.44 -7.92 30.90
CA ASN A 243 -35.34 -6.79 30.79
C ASN A 243 -34.90 -5.82 29.69
N MET A 244 -35.85 -4.99 29.26
CA MET A 244 -35.49 -3.77 28.57
C MET A 244 -34.50 -2.96 29.40
N PHE A 245 -34.76 -2.87 30.71
CA PHE A 245 -33.79 -2.30 31.63
C PHE A 245 -32.44 -2.98 31.48
N GLN A 246 -32.43 -4.31 31.39
CA GLN A 246 -31.18 -5.05 31.26
C GLN A 246 -30.41 -4.62 30.02
N VAL A 247 -31.04 -4.71 28.85
CA VAL A 247 -30.31 -4.42 27.62
C VAL A 247 -29.89 -2.96 27.58
N LEU A 248 -30.71 -2.07 28.13
CA LEU A 248 -30.32 -0.67 28.17
C LEU A 248 -29.07 -0.49 29.02
N MET A 249 -29.01 -1.16 30.18
CA MET A 249 -27.80 -1.09 30.97
C MET A 249 -26.62 -1.69 30.22
N THR A 250 -26.87 -2.73 29.44
CA THR A 250 -25.80 -3.36 28.68
C THR A 250 -25.18 -2.37 27.70
N VAL A 251 -26.02 -1.76 26.87
CA VAL A 251 -25.46 -0.81 25.90
C VAL A 251 -24.83 0.37 26.61
N ALA A 252 -25.39 0.77 27.75
CA ALA A 252 -24.82 1.85 28.51
C ALA A 252 -23.37 1.53 28.89
N ILE A 253 -23.19 0.47 29.69
CA ILE A 253 -21.85 0.09 30.12
C ILE A 253 -20.96 -0.17 28.93
N PHE A 254 -21.55 -0.62 27.81
CA PHE A 254 -20.76 -0.89 26.62
C PHE A 254 -20.11 0.37 26.10
N LEU A 255 -20.93 1.37 25.76
CA LEU A 255 -20.34 2.61 25.27
C LEU A 255 -19.48 3.26 26.33
N PHE A 256 -19.76 2.99 27.61
CA PHE A 256 -18.96 3.62 28.65
C PHE A 256 -17.56 3.03 28.71
N VAL A 257 -17.46 1.70 28.71
CA VAL A 257 -16.14 1.09 28.73
C VAL A 257 -15.38 1.45 27.46
N LEU A 258 -16.08 1.49 26.33
CA LEU A 258 -15.42 1.94 25.12
C LEU A 258 -14.83 3.32 25.32
N TYR A 259 -15.61 4.21 25.94
CA TYR A 259 -15.08 5.53 26.27
C TYR A 259 -13.85 5.42 27.14
N LEU A 260 -13.87 4.52 28.11
CA LEU A 260 -12.70 4.34 28.96
C LEU A 260 -11.49 3.93 28.14
N GLN A 261 -11.72 3.19 27.07
CA GLN A 261 -10.64 2.95 26.13
C GLN A 261 -10.21 4.28 25.53
N GLY A 262 -8.96 4.33 25.11
CA GLY A 262 -8.37 5.62 24.81
C GLY A 262 -7.58 6.02 26.03
N PHE A 263 -7.93 7.16 26.63
CA PHE A 263 -7.41 7.56 27.94
C PHE A 263 -5.91 7.35 28.04
N ARG A 264 -5.23 7.47 26.92
CA ARG A 264 -3.86 7.02 26.78
C ARG A 264 -2.89 8.07 27.31
N TYR A 265 -2.11 7.70 28.32
CA TYR A 265 -1.06 8.58 28.80
C TYR A 265 0.04 8.59 27.78
N GLU A 266 0.14 9.70 27.05
CA GLU A 266 1.23 9.84 26.10
C GLU A 266 2.49 10.27 26.83
N LEU A 267 3.61 10.22 26.12
CA LEU A 267 4.82 10.80 26.65
C LEU A 267 5.79 11.02 25.50
N PRO A 268 6.48 12.14 25.48
CA PRO A 268 7.36 12.49 24.36
C PRO A 268 8.72 11.82 24.48
N ILE A 269 9.01 10.92 23.56
CA ILE A 269 10.35 10.36 23.45
C ILE A 269 11.06 11.05 22.30
N ARG A 270 12.38 11.05 22.36
CA ARG A 270 13.19 11.61 21.29
C ARG A 270 14.35 10.66 21.03
N SER A 271 14.59 10.36 19.76
CA SER A 271 15.67 9.46 19.45
C SER A 271 17.02 10.15 19.68
N THR A 272 18.05 9.32 19.78
CA THR A 272 19.41 9.81 19.98
C THR A 272 20.32 9.21 18.94
N LYS A 273 20.00 8.00 18.48
CA LYS A 273 20.85 7.32 17.51
C LYS A 273 20.62 7.86 16.11
N VAL A 274 19.40 7.71 15.59
CA VAL A 274 19.03 8.28 14.30
C VAL A 274 18.33 9.61 14.59
N ARG A 275 19.07 10.69 14.41
CA ARG A 275 18.61 11.99 14.88
C ARG A 275 17.34 12.41 14.16
N GLY A 276 16.59 13.30 14.80
CA GLY A 276 15.39 13.84 14.22
C GLY A 276 14.20 12.92 14.38
N GLN A 277 14.45 11.64 14.62
CA GLN A 277 13.36 10.69 14.77
C GLN A 277 12.58 10.98 16.04
N ILE A 278 11.38 11.51 15.89
CA ILE A 278 10.57 11.89 17.04
C ILE A 278 9.51 10.81 17.19
N GLY A 279 8.76 10.85 18.29
CA GLY A 279 7.69 9.89 18.46
C GLY A 279 6.91 10.20 19.71
N ILE A 280 5.84 9.44 19.89
CA ILE A 280 5.04 9.51 21.10
C ILE A 280 4.86 8.10 21.62
N TYR A 281 5.23 7.88 22.87
CA TYR A 281 4.99 6.59 23.49
C TYR A 281 3.70 6.69 24.29
N PRO A 282 2.65 5.99 23.89
CA PRO A 282 1.41 6.00 24.67
C PRO A 282 1.39 4.88 25.69
N ILE A 283 0.69 5.12 26.77
CA ILE A 283 0.55 4.16 27.86
C ILE A 283 -0.94 4.02 28.12
N LYS A 284 -1.57 3.04 27.50
CA LYS A 284 -2.99 2.84 27.67
C LYS A 284 -3.29 2.34 29.08
N LEU A 285 -4.47 2.71 29.56
CA LEU A 285 -4.88 2.35 30.91
C LEU A 285 -4.78 0.84 31.13
N PHE A 286 -5.37 0.09 30.21
CA PHE A 286 -5.40 -1.36 30.34
C PHE A 286 -4.08 -1.96 29.85
N TYR A 287 -3.00 -1.47 30.46
CA TYR A 287 -1.67 -1.94 30.12
C TYR A 287 -1.58 -3.46 30.21
N THR A 288 -2.26 -4.03 31.19
CA THR A 288 -2.32 -5.47 31.35
C THR A 288 -3.26 -6.16 30.38
N SER A 289 -4.25 -5.45 29.84
CA SER A 289 -5.23 -6.02 28.92
C SER A 289 -6.06 -7.13 29.58
N ASN A 290 -6.77 -6.76 30.65
CA ASN A 290 -7.86 -7.54 31.21
C ASN A 290 -7.38 -8.79 31.95
N THR A 291 -6.10 -9.09 31.82
CA THR A 291 -5.54 -10.26 32.50
C THR A 291 -5.92 -10.34 33.98
N PRO A 292 -6.01 -9.25 34.74
CA PRO A 292 -6.47 -9.36 36.13
C PRO A 292 -7.78 -10.10 36.31
N ILE A 293 -8.73 -9.94 35.39
CA ILE A 293 -9.99 -10.62 35.60
C ILE A 293 -9.84 -12.11 35.33
N MET A 294 -9.09 -12.47 34.29
CA MET A 294 -8.75 -13.89 34.10
C MET A 294 -8.16 -14.47 35.38
N LEU A 295 -7.27 -13.74 36.03
CA LEU A 295 -6.58 -14.28 37.19
C LEU A 295 -7.52 -14.41 38.39
N GLN A 296 -8.26 -13.35 38.72
CA GLN A 296 -9.15 -13.42 39.87
C GLN A 296 -10.21 -14.49 39.65
N SER A 297 -10.71 -14.62 38.42
CA SER A 297 -11.66 -15.68 38.12
C SER A 297 -11.04 -17.04 38.34
N ALA A 298 -9.82 -17.25 37.84
CA ALA A 298 -9.14 -18.52 38.05
C ALA A 298 -9.04 -18.85 39.53
N LEU A 299 -8.68 -17.86 40.34
CA LEU A 299 -8.47 -18.15 41.76
C LEU A 299 -9.79 -18.47 42.46
N THR A 300 -10.83 -17.69 42.21
CA THR A 300 -12.11 -18.01 42.83
C THR A 300 -12.59 -19.39 42.38
N SER A 301 -12.34 -19.73 41.11
CA SER A 301 -12.71 -21.05 40.62
C SER A 301 -11.98 -22.14 41.37
N ASN A 302 -10.66 -21.99 41.54
CA ASN A 302 -9.92 -22.96 42.34
C ASN A 302 -10.46 -23.04 43.76
N ILE A 303 -10.91 -21.92 44.31
CA ILE A 303 -11.30 -21.89 45.71
C ILE A 303 -12.66 -22.54 45.93
N PHE A 304 -13.71 -21.92 45.37
CA PHE A 304 -15.06 -22.27 45.77
C PHE A 304 -15.48 -23.63 45.25
N LEU A 305 -15.08 -23.94 44.02
CA LEU A 305 -15.43 -25.23 43.41
C LEU A 305 -14.89 -26.38 44.25
N ILE A 306 -13.58 -26.41 44.46
CA ILE A 306 -12.98 -27.52 45.19
C ILE A 306 -13.39 -27.46 46.66
N SER A 307 -13.73 -26.28 47.18
CA SER A 307 -14.20 -26.19 48.55
C SER A 307 -15.52 -26.91 48.73
N GLN A 308 -16.55 -26.49 48.00
CA GLN A 308 -17.85 -27.13 48.13
C GLN A 308 -17.90 -28.48 47.43
N ILE A 309 -16.81 -28.93 46.81
CA ILE A 309 -16.78 -30.32 46.34
C ILE A 309 -16.05 -31.26 47.29
N LEU A 310 -15.09 -30.76 48.06
CA LEU A 310 -14.27 -31.62 48.92
C LEU A 310 -13.80 -30.86 50.15
N ILE A 360 -22.18 -5.87 55.30
CA ILE A 360 -22.60 -7.06 54.58
C ILE A 360 -21.38 -7.55 53.81
N LYS A 361 -21.31 -8.86 53.54
CA LYS A 361 -20.18 -9.42 52.80
C LYS A 361 -20.00 -8.77 51.43
N THR A 362 -20.98 -7.97 50.99
CA THR A 362 -20.79 -7.12 49.82
C THR A 362 -19.47 -6.36 49.88
N ILE A 363 -19.27 -5.61 50.97
CA ILE A 363 -18.05 -4.84 51.14
C ILE A 363 -16.84 -5.74 51.04
N VAL A 364 -16.93 -6.94 51.62
CA VAL A 364 -15.84 -7.89 51.57
C VAL A 364 -15.47 -8.20 50.13
N TYR A 365 -16.45 -8.66 49.35
CA TYR A 365 -16.14 -9.11 47.99
C TYR A 365 -15.65 -7.96 47.12
N ILE A 366 -16.20 -6.75 47.30
CA ILE A 366 -15.80 -5.65 46.44
C ILE A 366 -14.37 -5.22 46.77
N THR A 367 -14.06 -5.05 48.05
CA THR A 367 -12.69 -4.71 48.40
C THR A 367 -11.75 -5.84 48.03
N PHE A 368 -12.26 -7.07 48.00
CA PHE A 368 -11.44 -8.20 47.58
C PHE A 368 -11.03 -8.07 46.13
N VAL A 369 -11.99 -7.79 45.25
CA VAL A 369 -11.64 -7.65 43.84
C VAL A 369 -10.70 -6.46 43.65
N LEU A 370 -10.92 -5.40 44.43
CA LEU A 370 -10.00 -4.27 44.44
C LEU A 370 -8.56 -4.72 44.70
N GLY A 371 -8.36 -5.42 45.82
CA GLY A 371 -7.01 -5.83 46.17
C GLY A 371 -6.43 -6.81 45.16
N SER A 372 -7.26 -7.73 44.67
CA SER A 372 -6.78 -8.74 43.74
C SER A 372 -6.27 -8.08 42.48
N CYS A 373 -7.02 -7.12 41.93
CA CYS A 373 -6.55 -6.46 40.73
C CYS A 373 -5.31 -5.63 41.01
N ALA A 374 -5.27 -4.97 42.17
CA ALA A 374 -4.06 -4.25 42.56
C ALA A 374 -2.83 -5.15 42.45
N VAL A 375 -2.86 -6.27 43.16
CA VAL A 375 -1.68 -7.12 43.22
C VAL A 375 -1.40 -7.76 41.87
N PHE A 376 -2.45 -8.22 41.18
CA PHE A 376 -2.24 -8.91 39.91
C PHE A 376 -1.67 -7.97 38.85
N SER A 377 -2.08 -6.71 38.88
CA SER A 377 -1.39 -5.74 38.05
C SER A 377 0.07 -5.73 38.47
N LYS A 378 0.31 -5.29 39.71
CA LYS A 378 1.67 -4.99 40.09
C LYS A 378 2.60 -6.19 39.99
N THR A 379 2.08 -7.38 39.71
CA THR A 379 2.96 -8.50 39.36
C THR A 379 2.97 -8.80 37.87
N TRP A 380 1.79 -8.91 37.24
CA TRP A 380 1.74 -9.23 35.82
C TRP A 380 2.54 -8.23 35.02
N ILE A 381 2.66 -7.00 35.51
CA ILE A 381 3.43 -5.93 34.88
C ILE A 381 4.74 -6.48 34.36
N GLU A 382 5.51 -7.10 35.25
CA GLU A 382 6.87 -7.52 34.93
C GLU A 382 7.02 -9.01 34.76
N ILE A 383 6.15 -9.83 35.37
CA ILE A 383 6.20 -11.24 35.01
C ILE A 383 5.79 -11.42 33.56
N SER A 384 5.11 -10.41 32.98
CA SER A 384 5.02 -10.31 31.54
C SER A 384 6.38 -10.03 30.93
N GLY A 385 7.13 -9.12 31.54
CA GLY A 385 8.38 -8.66 30.98
C GLY A 385 8.35 -7.23 30.51
N THR A 386 7.52 -6.36 31.11
CA THR A 386 7.60 -4.92 30.90
C THR A 386 7.60 -4.26 32.27
N SER A 387 8.77 -4.14 32.86
CA SER A 387 8.94 -3.43 34.12
C SER A 387 9.45 -2.04 33.83
N PRO A 388 9.54 -1.19 34.84
CA PRO A 388 10.34 0.02 34.65
C PRO A 388 11.76 -0.29 34.21
N ARG A 389 12.46 -1.18 34.93
CA ARG A 389 13.83 -1.49 34.53
C ARG A 389 13.87 -2.19 33.19
N ASP A 390 12.93 -3.11 32.95
CA ASP A 390 12.84 -3.77 31.65
C ASP A 390 12.72 -2.75 30.52
N ILE A 391 11.69 -1.92 30.58
CA ILE A 391 11.47 -0.97 29.52
C ILE A 391 12.63 0.00 29.43
N ALA A 392 13.33 0.25 30.54
CA ALA A 392 14.44 1.19 30.50
C ALA A 392 15.63 0.62 29.75
N LYS A 393 16.00 -0.62 30.05
CA LYS A 393 17.06 -1.26 29.28
C LYS A 393 16.65 -1.37 27.82
N GLN A 394 15.36 -1.60 27.57
CA GLN A 394 14.91 -1.66 26.19
C GLN A 394 15.08 -0.31 25.51
N PHE A 395 14.84 0.78 26.24
CA PHE A 395 15.03 2.10 25.67
C PHE A 395 16.49 2.38 25.41
N LYS A 396 17.37 1.83 26.25
CA LYS A 396 18.78 1.95 25.94
C LYS A 396 19.12 1.18 24.67
N ASP A 397 18.49 0.03 24.47
CA ASP A 397 18.68 -0.70 23.23
C ASP A 397 18.20 0.12 22.04
N GLN A 398 17.07 0.79 22.18
CA GLN A 398 16.51 1.58 21.10
C GLN A 398 17.11 2.98 21.03
N GLY A 399 18.02 3.33 21.93
CA GLY A 399 18.59 4.67 21.99
C GLY A 399 17.56 5.77 21.99
N MET A 400 16.68 5.79 22.98
CA MET A 400 15.54 6.71 23.00
C MET A 400 15.49 7.44 24.32
N VAL A 401 15.83 8.73 24.32
CA VAL A 401 15.72 9.54 25.52
C VAL A 401 14.26 9.96 25.71
N ILE A 402 13.92 10.33 26.94
CA ILE A 402 12.68 11.06 27.15
C ILE A 402 12.87 12.48 26.66
N ASN A 403 11.98 12.94 25.79
CA ASN A 403 12.06 14.30 25.30
C ASN A 403 11.54 15.26 26.36
N GLY A 404 12.40 16.19 26.76
CA GLY A 404 12.03 17.20 27.74
C GLY A 404 12.51 16.95 29.15
N LYS A 405 13.13 15.81 29.42
CA LYS A 405 13.57 15.48 30.77
C LYS A 405 14.95 14.83 30.69
N ARG A 406 15.38 14.25 31.80
CA ARG A 406 16.75 13.78 31.95
C ARG A 406 16.90 12.35 31.47
N GLU A 407 18.11 12.03 31.00
CA GLU A 407 18.37 10.76 30.35
C GLU A 407 18.08 9.58 31.27
N THR A 408 18.82 9.47 32.36
CA THR A 408 18.62 8.37 33.28
C THR A 408 17.41 8.60 34.19
N SER A 409 16.80 9.78 34.14
CA SER A 409 15.54 9.99 34.85
C SER A 409 14.43 9.11 34.33
N ILE A 410 14.65 8.43 33.20
CA ILE A 410 13.61 7.55 32.66
C ILE A 410 13.18 6.57 33.73
N TYR A 411 14.12 5.76 34.24
CA TYR A 411 13.78 4.68 35.15
C TYR A 411 12.99 5.16 36.34
N ARG A 412 13.37 6.31 36.91
CA ARG A 412 12.59 6.85 38.01
C ARG A 412 11.19 7.22 37.55
N GLU A 413 11.09 7.88 36.40
CA GLU A 413 9.77 8.29 35.92
C GLU A 413 8.90 7.08 35.61
N LEU A 414 9.51 6.00 35.14
CA LEU A 414 8.77 4.82 34.76
C LEU A 414 8.32 4.06 36.00
N LYS A 415 9.25 3.83 36.92
CA LYS A 415 8.88 3.35 38.25
C LYS A 415 7.71 4.14 38.80
N LYS A 416 7.67 5.44 38.51
CA LYS A 416 6.52 6.23 38.94
C LYS A 416 5.27 5.84 38.17
N ILE A 417 5.33 5.86 36.85
CA ILE A 417 4.12 5.83 36.04
C ILE A 417 3.55 4.42 35.95
N ILE A 418 4.35 3.49 35.46
CA ILE A 418 3.91 2.14 35.12
C ILE A 418 3.03 1.53 36.20
N PRO A 419 3.51 1.36 37.44
CA PRO A 419 2.70 0.62 38.41
C PRO A 419 1.47 1.38 38.83
N THR A 420 1.54 2.71 38.90
CA THR A 420 0.35 3.50 39.18
C THR A 420 -0.74 3.19 38.18
N ALA A 421 -0.50 3.57 36.92
CA ALA A 421 -1.49 3.33 35.88
C ALA A 421 -1.92 1.87 35.85
N ALA A 422 -1.02 0.95 36.18
CA ALA A 422 -1.37 -0.46 36.19
C ALA A 422 -2.43 -0.77 37.23
N ALA A 423 -2.12 -0.49 38.50
CA ALA A 423 -3.08 -0.78 39.56
C ALA A 423 -4.37 -0.01 39.36
N PHE A 424 -4.29 1.19 38.77
CA PHE A 424 -5.52 1.94 38.53
C PHE A 424 -6.36 1.30 37.44
N GLY A 425 -5.76 0.86 36.36
CA GLY A 425 -6.50 0.10 35.38
C GLY A 425 -7.13 -1.14 35.99
N GLY A 426 -6.40 -1.79 36.89
CA GLY A 426 -6.94 -2.96 37.55
C GLY A 426 -8.17 -2.63 38.39
N ALA A 427 -8.05 -1.58 39.20
CA ALA A 427 -9.19 -1.15 40.01
C ALA A 427 -10.38 -0.81 39.13
N THR A 428 -10.15 -0.09 38.04
CA THR A 428 -11.23 0.28 37.15
C THR A 428 -11.91 -0.96 36.58
N ILE A 429 -11.14 -1.90 36.07
CA ILE A 429 -11.74 -3.08 35.45
C ILE A 429 -12.49 -3.90 36.49
N GLY A 430 -11.96 -3.97 37.71
CA GLY A 430 -12.69 -4.65 38.76
C GLY A 430 -14.02 -3.98 39.03
N ALA A 431 -14.01 -2.65 39.11
CA ALA A 431 -15.24 -1.90 39.31
C ALA A 431 -16.25 -2.19 38.21
N LEU A 432 -15.77 -2.21 36.97
CA LEU A 432 -16.64 -2.48 35.84
C LEU A 432 -17.26 -3.86 35.97
N SER A 433 -16.45 -4.85 36.31
CA SER A 433 -16.92 -6.22 36.41
C SER A 433 -17.99 -6.35 37.48
N VAL A 434 -17.74 -5.78 38.66
CA VAL A 434 -18.70 -5.91 39.75
C VAL A 434 -19.97 -5.12 39.44
N GLY A 435 -19.83 -3.96 38.79
CA GLY A 435 -21.02 -3.25 38.37
C GLY A 435 -21.84 -4.05 37.38
N SER A 436 -21.17 -4.73 36.46
CA SER A 436 -21.84 -5.61 35.53
C SER A 436 -22.61 -6.69 36.27
N ASP A 437 -21.93 -7.40 37.17
CA ASP A 437 -22.58 -8.50 37.87
C ASP A 437 -23.73 -8.01 38.74
N LEU A 438 -23.62 -6.79 39.27
CA LEU A 438 -24.71 -6.25 40.06
C LEU A 438 -25.91 -5.92 39.19
N LEU A 439 -25.69 -5.14 38.13
CA LEU A 439 -26.76 -4.80 37.20
C LEU A 439 -27.30 -6.02 36.47
N GLY A 440 -26.63 -7.16 36.55
CA GLY A 440 -27.08 -8.35 35.86
C GLY A 440 -27.11 -8.21 34.36
N THR A 441 -26.29 -7.31 33.80
CA THR A 441 -26.30 -7.06 32.38
C THR A 441 -26.07 -8.36 31.59
N LEU A 442 -26.46 -8.33 30.32
CA LEU A 442 -26.74 -9.55 29.57
C LEU A 442 -25.54 -10.49 29.46
N GLY A 443 -24.33 -10.03 29.73
CA GLY A 443 -23.17 -10.87 29.53
C GLY A 443 -22.08 -10.63 30.57
N SER A 444 -21.09 -11.50 30.52
CA SER A 444 -19.95 -11.39 31.41
C SER A 444 -19.16 -10.14 31.07
N GLY A 445 -18.99 -9.26 32.06
CA GLY A 445 -18.13 -8.10 31.86
C GLY A 445 -16.77 -8.49 31.33
N ALA A 446 -16.23 -9.62 31.79
CA ALA A 446 -14.96 -10.10 31.28
C ALA A 446 -14.99 -10.23 29.77
N SER A 447 -15.94 -11.01 29.28
CA SER A 447 -16.10 -11.18 27.84
C SER A 447 -16.27 -9.83 27.15
N ILE A 448 -17.09 -8.96 27.73
CA ILE A 448 -17.33 -7.64 27.16
C ILE A 448 -16.01 -6.95 26.87
N LEU A 449 -15.19 -6.81 27.91
CA LEU A 449 -13.96 -6.08 27.74
C LEU A 449 -12.99 -6.82 26.83
N MET A 450 -13.02 -8.15 26.85
CA MET A 450 -12.15 -8.90 25.95
C MET A 450 -12.45 -8.56 24.50
N ALA A 451 -13.71 -8.71 24.09
CA ALA A 451 -14.08 -8.43 22.72
C ALA A 451 -13.81 -6.97 22.38
N THR A 452 -14.14 -6.06 23.28
CA THR A 452 -13.97 -4.65 22.97
C THR A 452 -12.50 -4.31 22.75
N THR A 453 -11.62 -4.85 23.58
CA THR A 453 -10.19 -4.59 23.36
C THR A 453 -9.72 -5.26 22.07
N THR A 454 -10.25 -6.43 21.75
CA THR A 454 -9.88 -7.07 20.50
C THR A 454 -10.17 -6.16 19.32
N ILE A 455 -11.45 -5.81 19.15
CA ILE A 455 -11.83 -5.01 17.99
C ILE A 455 -11.27 -3.61 18.07
N TYR A 456 -11.02 -3.10 19.28
CA TYR A 456 -10.43 -1.78 19.40
C TYR A 456 -9.00 -1.80 18.89
N GLY A 457 -8.22 -2.81 19.29
CA GLY A 457 -6.90 -2.95 18.71
C GLY A 457 -6.96 -3.08 17.20
N TYR A 458 -7.96 -3.79 16.70
CA TYR A 458 -8.13 -3.88 15.25
C TYR A 458 -8.29 -2.49 14.65
N TYR A 459 -9.18 -1.70 15.24
CA TYR A 459 -9.32 -0.32 14.80
C TYR A 459 -8.00 0.41 14.83
N GLU A 460 -7.24 0.23 15.91
CA GLU A 460 -6.03 1.02 16.07
C GLU A 460 -5.02 0.69 15.00
N ALA A 461 -4.89 -0.58 14.68
CA ALA A 461 -4.11 -0.95 13.50
C ALA A 461 -4.61 -0.20 12.29
N ALA A 462 -5.90 -0.30 12.03
CA ALA A 462 -6.48 0.34 10.85
C ALA A 462 -6.13 1.82 10.80
N ALA A 463 -6.14 2.47 11.94
CA ALA A 463 -5.97 3.92 11.97
C ALA A 463 -4.51 4.31 11.85
N LYS A 464 -3.65 3.71 12.69
CA LYS A 464 -2.23 4.01 12.62
C LYS A 464 -1.67 3.76 11.23
N GLU A 465 -2.28 2.85 10.47
CA GLU A 465 -1.80 2.64 9.10
C GLU A 465 -2.50 3.53 8.09
N GLY A 466 -3.81 3.71 8.23
CA GLY A 466 -4.62 4.33 7.21
C GLY A 466 -5.66 3.36 6.70
N GLY A 467 -6.93 3.64 6.95
CA GLY A 467 -8.01 2.71 6.63
C GLY A 467 -9.07 3.36 5.77
N PHE A 468 -9.75 2.52 4.97
CA PHE A 468 -10.83 2.97 4.12
C PHE A 468 -12.17 2.74 4.80
N ARG B 51 1.59 -24.19 1.45
CA ARG B 51 1.82 -23.56 0.17
C ARG B 51 0.49 -23.27 -0.53
N VAL B 52 -0.58 -23.81 0.04
CA VAL B 52 -1.90 -23.68 -0.56
C VAL B 52 -2.37 -22.22 -0.51
N ASP B 53 -2.93 -21.75 -1.61
CA ASP B 53 -3.45 -20.39 -1.65
C ASP B 53 -4.77 -20.31 -0.89
N PRO B 54 -5.06 -19.14 -0.31
CA PRO B 54 -6.28 -19.02 0.52
C PRO B 54 -7.56 -19.37 -0.23
N LEU B 55 -7.63 -19.02 -1.50
CA LEU B 55 -8.78 -19.42 -2.30
C LEU B 55 -8.91 -20.93 -2.28
N VAL B 56 -7.80 -21.63 -2.44
CA VAL B 56 -7.82 -23.08 -2.44
C VAL B 56 -8.25 -23.59 -1.08
N VAL B 57 -7.78 -22.93 -0.02
CA VAL B 57 -8.24 -23.24 1.33
C VAL B 57 -9.76 -23.24 1.37
N LEU B 58 -10.36 -22.11 1.04
CA LEU B 58 -11.81 -22.01 1.07
C LEU B 58 -12.45 -23.09 0.22
N PHE B 59 -11.92 -23.30 -0.98
CA PHE B 59 -12.55 -24.23 -1.91
C PHE B 59 -12.59 -25.62 -1.30
N LEU B 60 -11.47 -26.08 -0.77
CA LEU B 60 -11.44 -27.41 -0.19
C LEU B 60 -12.35 -27.50 1.03
N ALA B 61 -12.38 -26.45 1.84
CA ALA B 61 -13.20 -26.48 3.05
C ALA B 61 -14.67 -26.59 2.71
N VAL B 62 -15.12 -25.75 1.77
CA VAL B 62 -16.53 -25.78 1.42
C VAL B 62 -16.87 -27.07 0.70
N GLY B 63 -15.95 -27.62 -0.09
CA GLY B 63 -16.19 -28.92 -0.68
C GLY B 63 -16.40 -29.98 0.38
N PHE B 64 -15.55 -29.95 1.41
CA PHE B 64 -15.72 -30.88 2.52
C PHE B 64 -17.10 -30.75 3.15
N ILE B 65 -17.44 -29.54 3.58
CA ILE B 65 -18.68 -29.39 4.34
C ILE B 65 -19.88 -29.68 3.45
N PHE B 66 -19.77 -29.36 2.16
CA PHE B 66 -20.81 -29.70 1.21
C PHE B 66 -21.00 -31.21 1.12
N SER B 67 -19.90 -31.94 0.98
CA SER B 67 -19.97 -33.39 1.02
C SER B 67 -20.63 -33.87 2.32
N VAL B 68 -20.29 -33.23 3.43
CA VAL B 68 -20.83 -33.67 4.72
C VAL B 68 -22.33 -33.52 4.75
N VAL B 69 -22.84 -32.35 4.43
CA VAL B 69 -24.27 -32.12 4.52
C VAL B 69 -25.01 -32.96 3.48
N ALA B 70 -24.42 -33.10 2.28
CA ALA B 70 -25.02 -33.96 1.27
C ALA B 70 -25.14 -35.38 1.79
N LEU B 71 -24.08 -35.90 2.42
CA LEU B 71 -24.12 -37.26 2.94
C LEU B 71 -25.14 -37.38 4.06
N HIS B 72 -25.25 -36.36 4.92
CA HIS B 72 -26.27 -36.36 5.96
C HIS B 72 -27.67 -36.52 5.35
N VAL B 73 -28.05 -35.60 4.47
CA VAL B 73 -29.42 -35.64 3.97
C VAL B 73 -29.64 -36.86 3.09
N ILE B 74 -28.60 -37.33 2.39
CA ILE B 74 -28.79 -38.45 1.50
C ILE B 74 -28.86 -39.75 2.28
N SER B 75 -28.28 -39.79 3.48
CA SER B 75 -28.49 -40.93 4.36
C SER B 75 -29.88 -40.85 4.99
N LYS B 76 -30.32 -39.65 5.34
CA LYS B 76 -31.71 -39.45 5.73
C LYS B 76 -32.65 -40.04 4.68
N VAL B 77 -32.34 -39.81 3.41
CA VAL B 77 -33.14 -40.37 2.32
C VAL B 77 -32.97 -41.88 2.24
N ALA B 78 -31.71 -42.35 2.25
CA ALA B 78 -31.43 -43.78 2.21
C ALA B 78 -32.11 -44.53 3.33
N GLY B 79 -32.51 -43.84 4.39
CA GLY B 79 -33.29 -44.44 5.45
C GLY B 79 -34.79 -44.29 5.27
N LYS B 80 -35.23 -43.13 4.79
CA LYS B 80 -36.67 -42.86 4.68
C LYS B 80 -37.26 -43.38 3.38
N LEU B 81 -36.78 -42.86 2.24
CA LEU B 81 -37.30 -43.22 0.93
C LEU B 81 -36.47 -44.28 0.23
N PHE B 82 -35.45 -44.83 0.87
CA PHE B 82 -34.64 -45.88 0.27
C PHE B 82 -34.19 -46.92 1.30
N VAL C 26 -6.09 7.64 51.78
CA VAL C 26 -5.56 8.84 52.41
C VAL C 26 -4.66 9.59 51.43
N GLU C 27 -3.82 8.85 50.70
CA GLU C 27 -2.91 9.44 49.72
C GLU C 27 -3.02 8.82 48.33
N PHE C 28 -3.26 7.52 48.24
CA PHE C 28 -3.14 6.81 46.97
C PHE C 28 -4.09 7.35 45.93
N VAL C 29 -5.38 7.44 46.27
CA VAL C 29 -6.38 7.85 45.30
C VAL C 29 -6.18 9.32 44.90
N ARG C 30 -5.89 10.18 45.87
CA ARG C 30 -5.69 11.60 45.56
C ARG C 30 -4.52 11.78 44.60
N GLU C 31 -3.39 11.15 44.91
CA GLU C 31 -2.22 11.27 44.03
C GLU C 31 -2.47 10.66 42.67
N GLY C 32 -3.11 9.48 42.64
CA GLY C 32 -3.36 8.83 41.37
C GLY C 32 -4.35 9.57 40.50
N THR C 33 -5.30 10.30 41.10
CA THR C 33 -6.21 11.09 40.29
C THR C 33 -5.55 12.37 39.80
N GLN C 34 -4.72 12.98 40.65
CA GLN C 34 -3.92 14.10 40.16
C GLN C 34 -3.07 13.66 38.98
N PHE C 35 -2.63 12.40 38.98
CA PHE C 35 -2.05 11.81 37.77
C PHE C 35 -3.07 11.72 36.65
N LEU C 36 -4.14 10.95 36.88
CA LEU C 36 -5.09 10.59 35.85
C LEU C 36 -5.59 11.81 35.08
N ALA C 37 -5.64 12.96 35.74
CA ALA C 37 -6.08 14.16 35.04
C ALA C 37 -5.09 14.59 33.96
N LYS C 38 -4.03 13.80 33.77
CA LYS C 38 -2.97 14.11 32.81
C LYS C 38 -2.78 13.00 31.80
N CYS C 39 -3.86 12.46 31.25
CA CYS C 39 -3.77 11.32 30.34
C CYS C 39 -4.49 11.54 29.01
N LYS C 40 -4.89 12.78 28.71
CA LYS C 40 -5.42 13.17 27.40
C LYS C 40 -6.44 12.17 26.87
N LYS C 41 -7.56 12.10 27.59
CA LYS C 41 -8.69 11.32 27.15
C LYS C 41 -9.15 11.79 25.77
N PRO C 42 -9.94 10.98 25.07
CA PRO C 42 -10.58 11.47 23.85
C PRO C 42 -11.59 12.57 24.16
N ASP C 43 -12.15 13.15 23.09
CA ASP C 43 -13.19 14.16 23.20
C ASP C 43 -14.29 13.82 22.19
N LEU C 44 -15.37 14.60 22.25
CA LEU C 44 -16.62 14.31 21.56
C LEU C 44 -16.44 13.75 20.15
N LYS C 45 -15.76 14.51 19.29
CA LYS C 45 -15.62 14.09 17.90
C LYS C 45 -14.87 12.78 17.80
N GLU C 46 -13.75 12.68 18.51
CA GLU C 46 -12.95 11.46 18.45
C GLU C 46 -13.74 10.27 18.95
N TYR C 47 -14.50 10.46 20.02
CA TYR C 47 -15.34 9.37 20.55
C TYR C 47 -16.36 8.95 19.52
N THR C 48 -16.96 9.91 18.81
CA THR C 48 -17.89 9.55 17.76
C THR C 48 -17.20 8.70 16.71
N LYS C 49 -16.00 9.11 16.31
CA LYS C 49 -15.22 8.31 15.36
C LYS C 49 -15.06 6.89 15.87
N ILE C 50 -14.56 6.76 17.09
CA ILE C 50 -14.17 5.45 17.58
C ILE C 50 -15.39 4.55 17.73
N VAL C 51 -16.52 5.12 18.15
CA VAL C 51 -17.72 4.30 18.25
C VAL C 51 -18.19 3.88 16.87
N LYS C 52 -18.37 4.87 15.98
CA LYS C 52 -18.79 4.59 14.61
C LYS C 52 -17.94 3.51 13.97
N ALA C 53 -16.67 3.39 14.36
CA ALA C 53 -15.88 2.29 13.82
C ALA C 53 -16.13 0.99 14.58
N VAL C 54 -15.82 0.99 15.87
CA VAL C 54 -15.66 -0.27 16.58
C VAL C 54 -17.00 -0.88 16.92
N GLY C 55 -17.93 -0.08 17.45
CA GLY C 55 -19.23 -0.62 17.79
C GLY C 55 -19.94 -1.15 16.57
N ILE C 56 -19.72 -0.52 15.43
CA ILE C 56 -20.33 -1.00 14.20
C ILE C 56 -19.73 -2.33 13.79
N GLY C 57 -18.39 -2.44 13.79
CA GLY C 57 -17.79 -3.73 13.53
C GLY C 57 -18.30 -4.80 14.48
N PHE C 58 -18.54 -4.42 15.73
CA PHE C 58 -18.97 -5.37 16.74
C PHE C 58 -20.38 -5.86 16.48
N ILE C 59 -21.30 -4.92 16.28
CA ILE C 59 -22.66 -5.29 15.91
C ILE C 59 -22.64 -6.15 14.64
N ALA C 60 -21.71 -5.85 13.74
CA ALA C 60 -21.62 -6.62 12.50
C ALA C 60 -21.33 -8.08 12.79
N VAL C 61 -20.20 -8.35 13.43
CA VAL C 61 -19.85 -9.74 13.72
C VAL C 61 -20.96 -10.41 14.52
N GLY C 62 -21.51 -9.71 15.50
CA GLY C 62 -22.55 -10.27 16.31
C GLY C 62 -23.71 -10.75 15.46
N ILE C 63 -24.33 -9.82 14.72
CA ILE C 63 -25.49 -10.17 13.92
C ILE C 63 -25.15 -11.25 12.92
N ILE C 64 -23.91 -11.29 12.44
CA ILE C 64 -23.50 -12.41 11.58
C ILE C 64 -23.78 -13.72 12.29
N GLY C 65 -23.16 -13.90 13.45
CA GLY C 65 -23.35 -15.14 14.19
C GLY C 65 -24.80 -15.38 14.53
N TYR C 66 -25.49 -14.33 14.96
CA TYR C 66 -26.89 -14.43 15.37
C TYR C 66 -27.74 -15.01 14.25
N ALA C 67 -27.78 -14.30 13.12
CA ALA C 67 -28.62 -14.72 12.01
C ALA C 67 -28.22 -16.09 11.51
N ILE C 68 -26.92 -16.38 11.48
CA ILE C 68 -26.52 -17.65 10.88
C ILE C 68 -26.97 -18.81 11.76
N LYS C 69 -26.80 -18.70 13.07
CA LYS C 69 -27.26 -19.77 13.95
C LYS C 69 -28.78 -19.88 13.91
N LEU C 70 -29.46 -18.73 13.90
CA LEU C 70 -30.91 -18.72 13.78
C LEU C 70 -31.37 -19.54 12.59
N ILE C 71 -30.95 -19.14 11.39
CA ILE C 71 -31.41 -19.84 10.19
C ILE C 71 -30.91 -21.27 10.18
N HIS C 72 -29.85 -21.56 10.92
CA HIS C 72 -29.38 -22.93 10.97
C HIS C 72 -30.24 -23.82 11.83
N ILE C 73 -30.99 -23.25 12.75
CA ILE C 73 -31.90 -24.06 13.57
C ILE C 73 -32.72 -25.01 12.70
N PRO C 74 -33.52 -24.53 11.75
CA PRO C 74 -34.35 -25.47 10.99
C PRO C 74 -33.55 -26.33 10.05
N ILE C 75 -32.45 -25.80 9.49
CA ILE C 75 -31.52 -26.65 8.74
C ILE C 75 -31.11 -27.83 9.61
N ARG C 76 -30.70 -27.53 10.84
CA ARG C 76 -30.36 -28.58 11.78
C ARG C 76 -31.49 -29.58 11.93
N TYR C 77 -32.73 -29.08 12.00
CA TYR C 77 -33.87 -29.98 12.13
C TYR C 77 -33.99 -30.90 10.92
N VAL C 78 -33.88 -30.33 9.72
CA VAL C 78 -34.35 -31.02 8.52
C VAL C 78 -33.26 -31.91 7.94
N ILE C 79 -32.01 -31.46 7.99
CA ILE C 79 -30.91 -32.24 7.44
C ILE C 79 -30.88 -33.62 8.07
N VAL C 80 -30.79 -33.65 9.40
CA VAL C 80 -30.68 -34.86 10.21
C VAL C 80 -29.93 -35.99 9.51
N THR D 3 -35.68 -34.12 17.83
CA THR D 3 -36.70 -33.13 17.52
C THR D 3 -37.31 -32.57 18.79
N ASN D 4 -36.47 -31.98 19.64
CA ASN D 4 -36.89 -31.46 20.93
C ASN D 4 -37.53 -30.09 20.83
N TYR D 5 -37.98 -29.69 19.64
CA TYR D 5 -38.40 -28.33 19.40
C TYR D 5 -39.72 -28.34 18.64
N GLU D 6 -40.58 -27.39 18.97
CA GLU D 6 -41.82 -27.19 18.23
C GLU D 6 -41.61 -26.14 17.16
N TYR D 7 -42.54 -26.09 16.19
CA TYR D 7 -42.40 -25.17 15.08
C TYR D 7 -43.70 -24.47 14.75
N ASP D 8 -44.58 -24.34 15.74
CA ASP D 8 -45.69 -23.39 15.74
C ASP D 8 -46.43 -23.36 14.42
N GLU D 9 -47.02 -24.50 14.07
CA GLU D 9 -47.97 -24.53 12.96
C GLU D 9 -49.23 -23.74 13.29
N ALA D 10 -49.46 -23.43 14.57
CA ALA D 10 -50.63 -22.69 15.00
C ALA D 10 -50.75 -21.33 14.32
N SER D 11 -49.66 -20.84 13.72
CA SER D 11 -49.67 -19.67 12.85
C SER D 11 -50.05 -18.39 13.58
N GLU D 12 -50.10 -18.41 14.91
CA GLU D 12 -50.39 -17.22 15.70
C GLU D 12 -49.22 -16.81 16.58
N THR D 13 -48.01 -17.22 16.20
CA THR D 13 -46.82 -16.99 17.01
C THR D 13 -45.77 -16.14 16.31
N TRP D 14 -45.36 -16.54 15.10
CA TRP D 14 -44.18 -15.91 14.49
C TRP D 14 -44.39 -14.46 14.11
N PRO D 15 -45.32 -14.12 13.21
CA PRO D 15 -45.18 -12.88 12.41
C PRO D 15 -44.68 -11.67 13.17
N SER D 16 -45.06 -11.56 14.45
CA SER D 16 -44.50 -10.55 15.32
C SER D 16 -42.98 -10.58 15.32
N PHE D 17 -42.40 -11.78 15.19
CA PHE D 17 -40.96 -11.88 15.12
C PHE D 17 -40.42 -11.11 13.95
N ILE D 18 -40.68 -11.57 12.73
CA ILE D 18 -40.15 -10.90 11.54
C ILE D 18 -40.49 -9.43 11.61
N LEU D 19 -41.67 -9.10 12.16
CA LEU D 19 -42.02 -7.71 12.44
C LEU D 19 -40.88 -6.98 13.13
N THR D 20 -40.52 -7.43 14.33
CA THR D 20 -39.54 -6.65 15.07
C THR D 20 -38.13 -6.83 14.51
N GLY D 21 -37.78 -8.07 14.17
CA GLY D 21 -36.50 -8.39 13.56
C GLY D 21 -36.21 -7.64 12.29
N LEU D 22 -37.22 -7.01 11.70
CA LEU D 22 -36.96 -6.11 10.58
C LEU D 22 -37.28 -4.66 10.89
N LEU D 23 -38.14 -4.38 11.87
CA LEU D 23 -38.38 -3.01 12.27
C LEU D 23 -37.14 -2.39 12.87
N MET D 24 -36.40 -3.18 13.64
CA MET D 24 -35.15 -2.67 14.17
C MET D 24 -34.12 -2.46 13.07
N VAL D 25 -34.26 -3.15 11.95
CA VAL D 25 -33.43 -2.86 10.80
C VAL D 25 -33.82 -1.52 10.19
N VAL D 26 -35.13 -1.29 10.02
CA VAL D 26 -35.56 -0.12 9.28
C VAL D 26 -35.38 1.15 10.11
N GLY D 27 -35.49 1.05 11.43
CA GLY D 27 -35.38 2.20 12.31
C GLY D 27 -34.21 3.11 11.99
N PRO D 28 -32.98 2.57 12.02
CA PRO D 28 -31.80 3.41 11.80
C PRO D 28 -31.80 4.09 10.46
N MET D 29 -32.22 3.40 9.40
CA MET D 29 -32.34 4.05 8.10
C MET D 29 -33.24 5.28 8.20
N THR D 30 -34.39 5.12 8.85
CA THR D 30 -35.32 6.23 9.02
C THR D 30 -34.66 7.40 9.73
N LEU D 31 -34.09 7.15 10.90
CA LEU D 31 -33.52 8.24 11.68
C LEU D 31 -32.37 8.91 10.94
N LEU D 32 -31.51 8.12 10.31
CA LEU D 32 -30.34 8.68 9.64
C LEU D 32 -30.74 9.52 8.44
N GLN D 33 -31.75 9.07 7.68
CA GLN D 33 -32.20 9.89 6.57
C GLN D 33 -32.89 11.15 7.07
N ILE D 34 -33.81 11.02 8.03
CA ILE D 34 -34.52 12.18 8.55
C ILE D 34 -33.62 13.10 9.36
N TYR D 35 -32.35 12.75 9.51
CA TYR D 35 -31.34 13.75 9.89
C TYR D 35 -31.61 15.11 9.25
N GLN D 36 -31.95 15.11 7.96
CA GLN D 36 -32.25 16.34 7.22
C GLN D 36 -33.23 17.25 7.95
N PHE D 54 -14.93 25.31 1.01
CA PHE D 54 -14.66 26.57 1.68
C PHE D 54 -14.05 27.58 0.73
N ASN D 55 -13.22 27.08 -0.19
CA ASN D 55 -12.63 27.94 -1.20
C ASN D 55 -13.73 28.47 -2.13
N GLU D 56 -13.36 29.41 -2.99
CA GLU D 56 -14.31 30.07 -3.88
C GLU D 56 -14.07 29.60 -5.30
N GLU D 57 -14.82 28.59 -5.73
CA GLU D 57 -14.74 28.11 -7.10
C GLU D 57 -15.15 29.20 -8.07
N VAL D 58 -14.62 29.12 -9.29
CA VAL D 58 -14.92 30.09 -10.33
C VAL D 58 -15.53 29.44 -11.56
N PHE D 59 -14.99 28.32 -12.01
CA PHE D 59 -15.26 27.84 -13.36
C PHE D 59 -16.36 26.79 -13.44
N LYS D 60 -16.96 26.39 -12.31
CA LYS D 60 -18.06 25.44 -12.39
C LYS D 60 -19.24 26.02 -13.15
N ASN D 61 -19.53 27.30 -12.92
CA ASN D 61 -20.60 27.97 -13.66
C ASN D 61 -20.24 28.18 -15.13
N LEU D 62 -18.95 28.39 -15.41
CA LEU D 62 -18.50 28.85 -16.71
C LEU D 62 -18.30 27.71 -17.70
N ASN D 63 -17.58 26.66 -17.29
CA ASN D 63 -17.02 25.70 -18.24
C ASN D 63 -18.04 25.22 -19.27
N GLU D 64 -19.32 25.25 -18.93
CA GLU D 64 -20.34 24.95 -19.93
C GLU D 64 -20.29 25.93 -21.09
N GLU D 65 -19.73 27.13 -20.87
CA GLU D 65 -19.59 28.08 -21.96
C GLU D 65 -18.67 27.56 -23.07
N TYR D 66 -17.81 26.60 -22.75
CA TYR D 66 -16.87 26.09 -23.73
C TYR D 66 -16.80 24.58 -23.81
N THR D 67 -17.71 23.87 -23.15
CA THR D 67 -17.80 22.43 -23.36
C THR D 67 -18.32 22.11 -24.75
N SER D 68 -18.43 20.82 -25.03
CA SER D 68 -19.13 20.35 -26.21
C SER D 68 -20.42 19.65 -25.79
N ASP D 69 -21.41 19.71 -26.68
CA ASP D 69 -22.66 19.01 -26.41
C ASP D 69 -22.43 17.50 -26.31
N GLU D 70 -21.56 16.96 -27.16
CA GLU D 70 -21.23 15.54 -27.08
C GLU D 70 -20.54 15.23 -25.77
N ILE D 71 -19.69 16.13 -25.29
CA ILE D 71 -19.04 15.92 -24.00
C ILE D 71 -20.06 15.91 -22.88
N LYS D 72 -21.01 16.85 -22.93
CA LYS D 72 -22.11 16.83 -21.97
C LYS D 72 -22.81 15.47 -22.00
N GLN D 73 -23.27 15.09 -23.19
CA GLN D 73 -23.96 13.83 -23.37
C GLN D 73 -23.17 12.67 -22.78
N PHE D 74 -21.86 12.63 -23.02
CA PHE D 74 -21.09 11.48 -22.58
C PHE D 74 -20.88 11.50 -21.07
N ARG D 75 -20.49 12.66 -20.52
CA ARG D 75 -20.26 12.72 -19.08
C ARG D 75 -21.53 12.43 -18.30
N ARG D 76 -22.70 12.67 -18.89
CA ARG D 76 -23.94 12.35 -18.21
C ARG D 76 -24.57 11.05 -18.70
N LYS D 77 -23.96 10.38 -19.68
CA LYS D 77 -24.46 9.09 -20.16
C LYS D 77 -23.50 7.95 -19.91
N PHE D 78 -22.40 8.19 -19.20
CA PHE D 78 -21.49 7.12 -18.84
C PHE D 78 -20.83 7.42 -17.51
N ASN D 93 -33.59 3.95 0.36
CA ASN D 93 -34.20 5.18 0.82
C ASN D 93 -35.71 5.11 0.71
N ILE D 94 -36.18 4.14 -0.07
CA ILE D 94 -37.61 3.90 -0.22
C ILE D 94 -38.04 2.57 0.36
N ILE D 95 -37.15 1.57 0.39
CA ILE D 95 -37.41 0.34 1.14
C ILE D 95 -37.77 0.68 2.57
N ILE D 96 -37.35 1.85 3.05
CA ILE D 96 -37.86 2.38 4.32
C ILE D 96 -39.38 2.36 4.31
N ILE D 97 -39.97 3.06 3.35
CA ILE D 97 -41.42 3.17 3.31
C ILE D 97 -42.05 1.81 3.07
N VAL D 98 -41.43 1.00 2.22
CA VAL D 98 -41.95 -0.34 1.96
C VAL D 98 -42.07 -1.12 3.27
N GLY D 99 -40.97 -1.19 4.01
CA GLY D 99 -41.01 -1.87 5.29
C GLY D 99 -42.05 -1.30 6.22
N TRP D 100 -42.20 0.03 6.23
CA TRP D 100 -43.20 0.63 7.10
C TRP D 100 -44.60 0.20 6.72
N ILE D 101 -44.86 0.06 5.42
CA ILE D 101 -46.14 -0.47 4.98
C ILE D 101 -46.32 -1.88 5.50
N LEU D 102 -45.26 -2.69 5.44
CA LEU D 102 -45.37 -4.04 5.98
C LEU D 102 -45.65 -4.00 7.47
N VAL D 103 -45.06 -3.03 8.17
CA VAL D 103 -45.37 -2.82 9.59
C VAL D 103 -46.87 -2.63 9.77
N ALA D 104 -47.46 -1.72 9.00
CA ALA D 104 -48.89 -1.47 9.12
C ALA D 104 -49.69 -2.73 8.86
N ILE D 105 -49.39 -3.41 7.75
CA ILE D 105 -50.09 -4.65 7.40
C ILE D 105 -50.08 -5.61 8.57
N LEU D 106 -48.89 -5.91 9.09
CA LEU D 106 -48.79 -6.97 10.08
C LEU D 106 -49.36 -6.54 11.42
N LEU D 107 -49.24 -5.26 11.76
CA LEU D 107 -49.90 -4.77 12.97
C LEU D 107 -51.40 -5.01 12.89
N GLN D 108 -52.02 -4.54 11.81
CA GLN D 108 -53.45 -4.73 11.65
C GLN D 108 -53.81 -6.21 11.66
N ARG D 109 -52.96 -7.03 11.02
CA ARG D 109 -53.21 -8.46 10.98
C ARG D 109 -53.26 -9.06 12.37
N ILE D 110 -52.19 -8.86 13.14
CA ILE D 110 -52.12 -9.47 14.46
C ILE D 110 -53.20 -8.90 15.37
N ASN D 111 -53.56 -7.63 15.19
CA ASN D 111 -54.62 -7.09 16.02
C ASN D 111 -55.96 -7.73 15.69
N SER D 112 -56.24 -7.93 14.40
CA SER D 112 -57.44 -8.64 14.01
C SER D 112 -57.44 -10.06 14.56
N ASN D 113 -56.26 -10.66 14.67
CA ASN D 113 -56.14 -11.95 15.33
C ASN D 113 -56.33 -11.77 16.84
N ASP D 114 -57.14 -12.65 17.43
CA ASP D 114 -57.40 -12.55 18.87
C ASP D 114 -56.19 -12.99 19.68
N ALA D 115 -55.69 -14.19 19.42
CA ALA D 115 -54.53 -14.71 20.13
C ALA D 115 -53.89 -15.87 19.36
N GLN D 202 -45.92 -29.97 34.33
CA GLN D 202 -46.02 -28.51 34.19
C GLN D 202 -46.07 -28.14 32.71
N SER D 203 -45.77 -26.87 32.42
CA SER D 203 -45.89 -26.38 31.04
C SER D 203 -44.60 -25.64 30.69
N THR D 204 -43.70 -26.34 30.00
CA THR D 204 -42.58 -25.74 29.29
C THR D 204 -42.77 -25.98 27.80
N SER D 205 -42.00 -25.25 26.99
CA SER D 205 -42.10 -25.43 25.55
C SER D 205 -40.84 -24.90 24.88
N HIS D 206 -40.45 -25.56 23.80
CA HIS D 206 -39.37 -25.09 22.94
C HIS D 206 -39.99 -24.58 21.65
N GLY D 207 -40.45 -23.33 21.68
CA GLY D 207 -41.19 -22.76 20.56
C GLY D 207 -40.29 -21.88 19.70
N ILE D 208 -40.37 -22.11 18.39
CA ILE D 208 -39.69 -21.30 17.40
C ILE D 208 -40.75 -20.51 16.65
N ALA D 209 -40.30 -19.57 15.82
CA ALA D 209 -41.23 -18.68 15.13
C ALA D 209 -41.82 -19.34 13.89
N LEU D 210 -40.98 -19.64 12.91
CA LEU D 210 -41.36 -20.01 11.55
C LEU D 210 -42.47 -21.06 11.52
N PRO D 211 -43.43 -20.91 10.61
CA PRO D 211 -44.54 -21.88 10.53
C PRO D 211 -44.07 -23.25 10.09
N ARG D 212 -44.63 -24.28 10.74
CA ARG D 212 -44.18 -25.65 10.55
C ARG D 212 -44.20 -26.08 9.08
N PHE D 213 -45.14 -25.56 8.30
CA PHE D 213 -45.23 -26.01 6.91
C PHE D 213 -43.93 -25.77 6.16
N LEU D 214 -43.21 -24.71 6.50
CA LEU D 214 -41.89 -24.52 5.92
C LEU D 214 -40.92 -25.59 6.42
N VAL D 215 -41.16 -26.11 7.62
CA VAL D 215 -40.25 -27.12 8.17
C VAL D 215 -40.34 -28.41 7.38
N ASP D 216 -41.54 -29.02 7.34
CA ASP D 216 -41.69 -30.35 6.77
C ASP D 216 -42.47 -30.38 5.48
N GLY D 217 -43.14 -29.29 5.10
CA GLY D 217 -43.93 -29.28 3.89
C GLY D 217 -43.10 -29.57 2.65
N SER D 218 -43.82 -29.76 1.54
CA SER D 218 -43.16 -30.06 0.28
C SER D 218 -42.18 -28.98 -0.14
N ALA D 219 -42.28 -27.78 0.43
CA ALA D 219 -41.30 -26.74 0.17
C ALA D 219 -40.03 -26.91 0.99
N SER D 220 -39.93 -27.98 1.78
CA SER D 220 -38.71 -28.18 2.55
C SER D 220 -37.53 -28.61 1.69
N PRO D 221 -37.67 -29.57 0.75
CA PRO D 221 -36.57 -29.78 -0.20
C PRO D 221 -36.19 -28.51 -0.92
N LEU D 222 -37.19 -27.72 -1.31
CA LEU D 222 -36.93 -26.42 -1.94
C LEU D 222 -36.04 -25.55 -1.08
N LEU D 223 -36.44 -25.35 0.17
CA LEU D 223 -35.67 -24.49 1.07
C LEU D 223 -34.26 -25.00 1.22
N VAL D 224 -34.10 -26.31 1.45
CA VAL D 224 -32.76 -26.81 1.76
C VAL D 224 -31.87 -26.70 0.53
N VAL D 225 -32.38 -27.04 -0.66
CA VAL D 225 -31.53 -26.93 -1.82
C VAL D 225 -31.25 -25.47 -2.12
N CYS D 226 -32.20 -24.58 -1.80
CA CYS D 226 -31.97 -23.16 -1.98
C CYS D 226 -30.81 -22.69 -1.10
N TYR D 227 -30.85 -23.07 0.17
CA TYR D 227 -29.79 -22.70 1.09
C TYR D 227 -28.43 -23.24 0.63
N VAL D 228 -28.40 -24.52 0.25
CA VAL D 228 -27.10 -25.09 -0.07
C VAL D 228 -26.57 -24.49 -1.35
N ALA D 229 -27.44 -24.25 -2.34
CA ALA D 229 -27.04 -23.46 -3.48
C ALA D 229 -26.46 -22.14 -3.02
N LEU D 230 -27.20 -21.45 -2.15
CA LEU D 230 -26.82 -20.11 -1.76
C LEU D 230 -25.40 -20.09 -1.23
N LEU D 231 -25.16 -20.78 -0.12
CA LEU D 231 -23.78 -20.80 0.35
C LEU D 231 -22.87 -21.45 -0.68
N GLY D 232 -23.01 -22.76 -0.87
CA GLY D 232 -22.03 -23.55 -1.58
C GLY D 232 -21.64 -23.03 -2.95
N LEU D 233 -22.49 -22.22 -3.60
CA LEU D 233 -22.12 -21.65 -4.88
C LEU D 233 -22.08 -20.14 -4.87
N ILE D 234 -23.14 -19.47 -4.42
CA ILE D 234 -23.14 -18.02 -4.41
C ILE D 234 -21.90 -17.51 -3.71
N LEU D 235 -21.63 -18.04 -2.52
CA LEU D 235 -20.47 -17.53 -1.81
C LEU D 235 -19.22 -17.81 -2.61
N PRO D 236 -18.81 -19.08 -2.79
CA PRO D 236 -17.48 -19.34 -3.35
C PRO D 236 -17.27 -18.68 -4.70
N TYR D 237 -18.24 -18.79 -5.59
CA TYR D 237 -18.12 -18.12 -6.87
C TYR D 237 -17.90 -16.63 -6.67
N PHE D 238 -18.69 -16.00 -5.81
CA PHE D 238 -18.61 -14.55 -5.68
C PHE D 238 -17.28 -14.13 -5.09
N VAL D 239 -16.89 -14.75 -3.97
CA VAL D 239 -15.62 -14.38 -3.34
C VAL D 239 -14.46 -14.68 -4.27
N SER D 240 -14.54 -15.75 -5.05
CA SER D 240 -13.46 -16.07 -5.97
C SER D 240 -13.33 -15.00 -7.04
N ARG D 241 -14.46 -14.66 -7.67
CA ARG D 241 -14.45 -13.58 -8.65
C ARG D 241 -13.88 -12.31 -8.03
N TRP D 242 -14.36 -11.98 -6.85
CA TRP D 242 -13.93 -10.75 -6.19
C TRP D 242 -12.43 -10.76 -5.96
N TRP D 243 -11.92 -11.86 -5.42
CA TRP D 243 -10.52 -11.91 -5.07
C TRP D 243 -9.66 -11.89 -6.33
N ALA D 244 -10.08 -12.60 -7.37
CA ALA D 244 -9.32 -12.57 -8.61
C ALA D 244 -9.25 -11.16 -9.14
N ARG D 245 -10.39 -10.46 -9.19
CA ARG D 245 -10.37 -9.14 -9.78
C ARG D 245 -9.59 -8.15 -8.91
N THR D 246 -9.58 -8.35 -7.60
CA THR D 246 -8.74 -7.49 -6.78
C THR D 246 -7.27 -7.80 -7.01
N GLN D 247 -6.86 -9.02 -6.69
CA GLN D 247 -5.48 -9.44 -6.86
C GLN D 247 -4.93 -9.06 -8.24
N SER D 248 -5.80 -9.00 -9.25
CA SER D 248 -5.35 -8.65 -10.58
C SER D 248 -4.77 -7.25 -10.63
N TYR D 249 -5.28 -6.31 -9.85
CA TYR D 249 -4.79 -4.95 -9.95
C TYR D 249 -3.45 -4.79 -9.24
N THR D 250 -3.01 -3.55 -9.15
CA THR D 250 -1.87 -3.12 -8.39
C THR D 250 -2.37 -2.33 -7.19
N LYS D 251 -1.46 -1.72 -6.44
CA LYS D 251 -1.85 -0.93 -5.28
C LYS D 251 -2.17 0.51 -5.63
N LYS D 252 -2.31 0.84 -6.90
CA LYS D 252 -2.61 2.22 -7.28
C LYS D 252 -3.66 2.29 -8.37
N GLY D 253 -4.45 1.24 -8.56
CA GLY D 253 -5.51 1.24 -9.55
C GLY D 253 -5.13 0.72 -10.91
N ILE D 254 -3.88 0.46 -11.15
CA ILE D 254 -3.41 0.04 -12.47
C ILE D 254 -3.40 -1.48 -12.52
N HIS D 255 -3.62 -2.02 -13.72
CA HIS D 255 -3.69 -3.46 -13.92
C HIS D 255 -2.31 -4.05 -14.15
N ASN D 256 -2.12 -5.26 -13.64
CA ASN D 256 -0.78 -5.84 -13.55
C ASN D 256 -0.10 -5.91 -14.92
N VAL D 257 -0.86 -6.23 -15.96
CA VAL D 257 -0.25 -6.35 -17.29
C VAL D 257 0.25 -5.00 -17.76
N THR D 258 -0.57 -3.96 -17.61
CA THR D 258 -0.12 -2.61 -17.96
C THR D 258 1.14 -2.25 -17.19
N ALA D 259 1.16 -2.56 -15.89
CA ALA D 259 2.34 -2.29 -15.09
C ALA D 259 3.55 -2.97 -15.69
N SER D 260 3.47 -4.29 -15.83
CA SER D 260 4.49 -5.07 -16.50
C SER D 260 4.98 -4.39 -17.77
N ASN D 261 4.05 -4.01 -18.64
CA ASN D 261 4.42 -3.51 -19.95
C ASN D 261 5.19 -2.23 -19.83
N PHE D 262 4.74 -1.35 -18.95
CA PHE D 262 5.46 -0.10 -18.77
C PHE D 262 6.84 -0.36 -18.22
N VAL D 263 6.94 -1.24 -17.24
CA VAL D 263 8.23 -1.53 -16.63
C VAL D 263 9.19 -2.06 -17.68
N SER D 264 8.76 -3.06 -18.43
CA SER D 264 9.55 -3.58 -19.52
C SER D 264 9.92 -2.48 -20.50
N ASN D 265 8.90 -1.91 -21.15
CA ASN D 265 9.02 -0.83 -22.12
C ASN D 265 10.06 0.18 -21.69
N LEU D 266 10.13 0.44 -20.39
CA LEU D 266 11.12 1.37 -19.89
C LEU D 266 12.50 0.73 -19.80
N VAL D 267 12.60 -0.46 -19.19
CA VAL D 267 13.92 -1.03 -18.94
C VAL D 267 14.61 -1.36 -20.26
N ASN D 268 13.89 -2.05 -21.15
CA ASN D 268 14.41 -2.32 -22.48
C ASN D 268 14.56 -1.04 -23.29
N TYR D 269 13.83 0.02 -22.92
CA TYR D 269 14.10 1.31 -23.54
C TYR D 269 15.55 1.68 -23.32
N LYS D 270 16.34 1.64 -24.38
CA LYS D 270 17.64 2.26 -24.30
C LYS D 270 17.45 3.76 -24.18
N PRO D 271 18.07 4.39 -23.22
CA PRO D 271 18.01 5.85 -23.14
C PRO D 271 18.67 6.53 -24.34
N SER D 272 19.12 5.73 -25.30
CA SER D 272 19.65 6.26 -26.55
C SER D 272 18.67 7.22 -27.19
N GLU D 273 17.42 6.78 -27.35
CA GLU D 273 16.39 7.66 -27.87
C GLU D 273 16.09 8.75 -26.85
N ILE D 274 15.41 9.81 -27.32
CA ILE D 274 14.92 10.87 -26.47
C ILE D 274 13.40 10.79 -26.43
N VAL D 275 12.83 11.07 -25.25
CA VAL D 275 11.40 11.01 -25.11
C VAL D 275 10.74 12.03 -26.02
N THR D 276 9.53 11.70 -26.46
CA THR D 276 8.68 12.65 -27.15
C THR D 276 7.23 12.28 -26.86
N THR D 277 6.38 13.31 -26.82
CA THR D 277 4.96 13.08 -26.56
C THR D 277 4.43 11.94 -27.41
N ASP D 278 4.93 11.80 -28.63
CA ASP D 278 4.50 10.70 -29.47
C ASP D 278 4.96 9.37 -28.89
N LEU D 279 6.19 9.31 -28.40
CA LEU D 279 6.69 8.06 -27.84
C LEU D 279 5.82 7.62 -26.66
N ILE D 280 5.63 8.50 -25.69
CA ILE D 280 4.88 8.15 -24.49
C ILE D 280 3.46 7.72 -24.85
N LEU D 281 2.85 8.41 -25.82
CA LEU D 281 1.55 7.97 -26.26
C LEU D 281 1.62 6.58 -26.88
N HIS D 282 2.69 6.29 -27.60
CA HIS D 282 2.87 4.94 -28.13
C HIS D 282 2.93 3.93 -27.00
N TRP D 283 3.57 4.29 -25.89
CA TRP D 283 3.56 3.39 -24.74
C TRP D 283 2.15 3.22 -24.23
N LEU D 284 1.43 4.32 -24.08
CA LEU D 284 0.05 4.32 -23.63
C LEU D 284 -0.89 3.68 -24.62
N SER D 285 -0.39 3.28 -25.78
CA SER D 285 -1.20 2.47 -26.67
C SER D 285 -1.54 1.14 -26.04
N PHE D 286 -0.67 0.64 -25.18
CA PHE D 286 -0.78 -0.72 -24.67
C PHE D 286 -1.57 -0.80 -23.38
N ALA D 287 -2.57 0.06 -23.23
CA ALA D 287 -3.45 -0.02 -22.08
C ALA D 287 -4.29 -1.28 -22.19
N HIS D 288 -3.88 -2.31 -21.45
CA HIS D 288 -4.57 -3.59 -21.55
C HIS D 288 -5.99 -3.48 -21.01
N GLU D 289 -6.24 -2.59 -20.07
CA GLU D 289 -7.61 -2.34 -19.64
C GLU D 289 -8.43 -1.75 -20.77
N PHE D 290 -7.84 -0.81 -21.51
CA PHE D 290 -8.46 -0.37 -22.75
C PHE D 290 -8.82 -1.56 -23.61
N LYS D 291 -7.81 -2.36 -23.98
CA LYS D 291 -8.04 -3.51 -24.85
C LYS D 291 -9.15 -4.41 -24.33
N GLN D 292 -9.32 -4.48 -23.01
CA GLN D 292 -10.49 -5.13 -22.45
C GLN D 292 -11.75 -4.43 -22.91
N PHE D 293 -11.83 -3.12 -22.66
CA PHE D 293 -13.10 -2.44 -22.83
C PHE D 293 -13.43 -2.18 -24.30
N PHE D 294 -12.45 -2.31 -25.18
CA PHE D 294 -12.60 -2.04 -26.60
C PHE D 294 -11.98 -3.19 -27.39
N PRO D 295 -12.52 -4.41 -27.24
CA PRO D 295 -11.89 -5.57 -27.85
C PRO D 295 -11.91 -5.52 -29.36
N ASP D 296 -12.45 -4.43 -29.88
CA ASP D 296 -12.81 -4.35 -31.28
C ASP D 296 -11.62 -3.93 -32.15
N LEU D 297 -10.72 -3.15 -31.58
CA LEU D 297 -9.74 -2.42 -32.37
C LEU D 297 -8.33 -2.57 -31.81
N GLN D 298 -7.42 -1.77 -32.33
CA GLN D 298 -6.00 -1.97 -32.11
C GLN D 298 -5.33 -0.75 -31.53
N PRO D 299 -4.43 -0.94 -30.56
CA PRO D 299 -3.61 0.18 -30.10
C PRO D 299 -2.93 0.91 -31.24
N THR D 300 -2.58 0.19 -32.30
CA THR D 300 -2.11 0.82 -33.51
C THR D 300 -3.04 1.93 -33.95
N ASP D 301 -4.34 1.75 -33.73
CA ASP D 301 -5.29 2.84 -33.98
C ASP D 301 -5.35 3.80 -32.80
N PHE D 302 -5.40 3.26 -31.59
CA PHE D 302 -5.53 4.10 -30.40
C PHE D 302 -4.52 5.23 -30.40
N GLU D 303 -3.32 4.96 -30.91
CA GLU D 303 -2.33 6.02 -31.07
C GLU D 303 -2.90 7.17 -31.91
N LYS D 304 -3.36 6.86 -33.12
CA LYS D 304 -3.87 7.91 -34.00
C LYS D 304 -5.08 8.59 -33.40
N LEU D 305 -5.94 7.82 -32.72
CA LEU D 305 -7.08 8.42 -32.05
C LEU D 305 -6.60 9.46 -31.04
N LEU D 306 -5.67 9.07 -30.18
CA LEU D 306 -5.08 10.02 -29.26
C LEU D 306 -4.57 11.24 -29.98
N GLN D 307 -3.91 11.05 -31.12
CA GLN D 307 -3.30 12.18 -31.81
C GLN D 307 -4.35 13.14 -32.34
N ASP D 308 -5.30 12.63 -33.11
CA ASP D 308 -6.38 13.45 -33.61
C ASP D 308 -7.10 14.16 -32.47
N HIS D 309 -7.21 13.48 -31.33
CA HIS D 309 -7.81 14.10 -30.15
C HIS D 309 -6.97 15.26 -29.66
N ILE D 310 -5.68 15.01 -29.44
CA ILE D 310 -4.77 16.01 -28.91
C ILE D 310 -4.65 17.20 -29.85
N ASN D 311 -5.04 17.04 -31.10
CA ASN D 311 -5.12 18.16 -32.02
C ASN D 311 -6.51 18.76 -32.08
N ARG D 312 -7.39 18.37 -31.17
CA ARG D 312 -8.73 18.92 -31.04
C ARG D 312 -9.60 18.54 -32.22
N ARG D 313 -9.03 17.85 -33.20
CA ARG D 313 -9.78 17.49 -34.40
C ARG D 313 -10.67 16.29 -34.10
N ASP D 314 -11.72 16.13 -34.90
CA ASP D 314 -12.70 15.09 -34.64
C ASP D 314 -12.22 13.74 -35.13
N SER D 315 -12.64 12.70 -34.43
CA SER D 315 -12.33 11.32 -34.79
C SER D 315 -13.39 10.81 -35.74
N GLY D 316 -13.44 9.50 -35.94
CA GLY D 316 -14.54 8.92 -36.67
C GLY D 316 -15.77 8.76 -35.81
N LYS D 317 -16.40 7.59 -35.88
CA LYS D 317 -17.58 7.29 -35.08
C LYS D 317 -17.28 7.21 -33.59
N LEU D 318 -16.04 7.37 -33.18
CA LEU D 318 -15.57 6.92 -31.88
C LEU D 318 -15.34 8.08 -30.90
N ASN D 319 -16.21 9.10 -30.95
CA ASN D 319 -16.11 10.17 -29.97
C ASN D 319 -16.29 9.63 -28.56
N ASN D 320 -17.30 8.80 -28.36
CA ASN D 320 -17.48 8.15 -27.08
C ASN D 320 -16.23 7.39 -26.67
N ALA D 321 -15.64 6.67 -27.62
CA ALA D 321 -14.44 5.90 -27.36
C ALA D 321 -13.35 6.80 -26.81
N LYS D 322 -12.93 7.80 -27.60
CA LYS D 322 -11.84 8.67 -27.16
C LYS D 322 -12.15 9.34 -25.84
N PHE D 323 -13.43 9.63 -25.58
CA PHE D 323 -13.78 10.23 -24.29
C PHE D 323 -13.41 9.29 -23.15
N ARG D 324 -13.92 8.06 -23.20
CA ARG D 324 -13.53 7.10 -22.17
C ARG D 324 -12.01 6.93 -22.13
N ILE D 325 -11.38 6.98 -23.29
CA ILE D 325 -9.94 6.81 -23.36
C ILE D 325 -9.25 7.81 -22.46
N VAL D 326 -9.42 9.11 -22.75
CA VAL D 326 -8.74 10.12 -21.95
C VAL D 326 -9.14 10.01 -20.49
N ALA D 327 -10.41 9.69 -20.24
CA ALA D 327 -10.87 9.52 -18.86
C ALA D 327 -9.98 8.56 -18.10
N LYS D 328 -9.69 7.40 -18.68
CA LYS D 328 -8.79 6.49 -18.00
C LYS D 328 -7.32 6.87 -18.15
N CYS D 329 -7.00 7.63 -19.21
CA CYS D 329 -5.62 7.99 -19.46
C CYS D 329 -5.05 8.80 -18.32
N HIS D 330 -5.89 9.61 -17.68
CA HIS D 330 -5.42 10.33 -16.49
C HIS D 330 -4.73 9.39 -15.51
N SER D 331 -5.46 8.41 -14.99
CA SER D 331 -4.88 7.52 -13.99
C SER D 331 -3.74 6.72 -14.57
N LEU D 332 -3.87 6.28 -15.81
CA LEU D 332 -2.78 5.56 -16.46
C LEU D 332 -1.49 6.36 -16.37
N LEU D 333 -1.56 7.63 -16.74
CA LEU D 333 -0.37 8.45 -16.76
C LEU D 333 0.19 8.64 -15.37
N HIS D 334 -0.68 8.80 -14.37
CA HIS D 334 -0.17 8.91 -13.01
C HIS D 334 0.62 7.66 -12.63
N GLY D 335 0.08 6.49 -12.93
CA GLY D 335 0.78 5.26 -12.61
C GLY D 335 2.13 5.17 -13.29
N LEU D 336 2.18 5.51 -14.57
CA LEU D 336 3.46 5.41 -15.26
C LEU D 336 4.46 6.41 -14.71
N LEU D 337 4.01 7.65 -14.45
CA LEU D 337 4.87 8.61 -13.78
C LEU D 337 5.49 7.98 -12.56
N ASP D 338 4.65 7.38 -11.72
CA ASP D 338 5.13 6.72 -10.51
C ASP D 338 6.26 5.75 -10.81
N ILE D 339 5.99 4.77 -11.66
CA ILE D 339 6.95 3.65 -11.74
C ILE D 339 8.21 4.08 -12.46
N ALA D 340 8.09 4.91 -13.49
CA ALA D 340 9.30 5.42 -14.14
C ALA D 340 10.11 6.25 -13.17
N CYS D 341 9.45 7.05 -12.34
CA CYS D 341 10.17 7.84 -11.36
C CYS D 341 10.92 6.93 -10.40
N GLY D 342 10.21 6.00 -9.77
CA GLY D 342 10.82 5.02 -8.90
C GLY D 342 11.93 4.29 -9.61
N PHE D 343 11.90 4.32 -10.94
CA PHE D 343 12.93 3.70 -11.76
C PHE D 343 14.03 4.69 -12.15
N ARG D 344 13.93 5.94 -11.73
CA ARG D 344 15.00 6.93 -11.88
C ARG D 344 15.32 7.20 -13.35
N ASN D 345 14.36 7.83 -14.01
CA ASN D 345 14.58 8.50 -15.30
C ASN D 345 13.84 9.83 -15.26
N LEU D 346 14.54 10.88 -14.83
CA LEU D 346 13.90 12.19 -14.70
C LEU D 346 13.28 12.61 -16.01
N ASP D 347 14.10 12.73 -17.05
CA ASP D 347 13.61 13.07 -18.39
C ASP D 347 12.28 12.39 -18.68
N ILE D 348 12.22 11.10 -18.39
CA ILE D 348 10.98 10.36 -18.60
C ILE D 348 9.85 10.96 -17.78
N ALA D 349 10.09 11.17 -16.49
CA ALA D 349 9.03 11.70 -15.64
C ALA D 349 8.56 13.06 -16.12
N LEU D 350 9.52 13.96 -16.38
CA LEU D 350 9.18 15.29 -16.84
C LEU D 350 8.40 15.24 -18.14
N GLY D 351 8.78 14.33 -19.03
CA GLY D 351 7.99 14.15 -20.25
C GLY D 351 6.59 13.66 -19.95
N ALA D 352 6.46 12.74 -18.99
CA ALA D 352 5.14 12.29 -18.60
C ALA D 352 4.27 13.46 -18.16
N ILE D 353 4.83 14.35 -17.35
CA ILE D 353 4.06 15.48 -16.84
C ILE D 353 3.69 16.43 -17.97
N ASN D 354 4.66 16.76 -18.82
CA ASN D 354 4.36 17.56 -20.01
C ASN D 354 3.19 16.94 -20.78
N THR D 355 3.32 15.68 -21.14
CA THR D 355 2.27 15.01 -21.89
C THR D 355 0.96 14.99 -21.14
N PHE D 356 1.01 14.99 -19.81
CA PHE D 356 -0.24 15.04 -19.06
C PHE D 356 -0.92 16.36 -19.25
N LYS D 357 -0.16 17.45 -19.10
CA LYS D 357 -0.71 18.75 -19.44
C LYS D 357 -1.25 18.75 -20.85
N CYS D 358 -0.56 18.06 -21.76
CA CYS D 358 -0.99 18.03 -23.14
C CYS D 358 -2.34 17.35 -23.29
N ILE D 359 -2.47 16.13 -22.76
CA ILE D 359 -3.75 15.42 -22.85
C ILE D 359 -4.84 16.24 -22.20
N VAL D 360 -4.51 16.95 -21.13
CA VAL D 360 -5.51 17.75 -20.44
C VAL D 360 -6.02 18.86 -21.34
N GLN D 361 -5.12 19.73 -21.78
CA GLN D 361 -5.53 20.89 -22.55
C GLN D 361 -5.67 20.61 -24.03
N ALA D 362 -5.63 19.34 -24.43
CA ALA D 362 -5.87 18.93 -25.81
C ALA D 362 -5.03 19.73 -26.79
N VAL D 363 -3.76 19.95 -26.45
CA VAL D 363 -2.85 20.66 -27.36
C VAL D 363 -1.52 19.92 -27.44
N PRO D 364 -0.93 19.80 -28.62
CA PRO D 364 0.42 19.25 -28.72
C PRO D 364 1.44 20.21 -28.12
N LEU D 365 2.44 19.63 -27.48
CA LEU D 365 3.48 20.43 -26.81
C LEU D 365 4.14 21.36 -27.80
N THR D 366 4.05 22.66 -27.55
CA THR D 366 4.57 23.69 -28.43
C THR D 366 5.14 24.82 -27.60
N PRO D 367 6.17 25.51 -28.10
CA PRO D 367 6.86 26.50 -27.27
C PRO D 367 6.10 27.81 -27.06
N ASN D 368 4.86 27.87 -27.50
CA ASN D 368 4.01 29.00 -27.19
C ASN D 368 2.69 28.59 -26.57
N CYS D 369 2.48 27.30 -26.33
CA CYS D 369 1.22 26.80 -25.81
C CYS D 369 0.83 27.45 -24.50
N GLN D 370 1.73 28.21 -23.88
CA GLN D 370 1.34 28.99 -22.71
C GLN D 370 0.14 29.87 -22.99
N ILE D 371 -0.06 30.27 -24.24
CA ILE D 371 -1.23 31.04 -24.61
C ILE D 371 -2.25 30.21 -25.37
N LEU D 372 -1.92 28.97 -25.74
CA LEU D 372 -2.87 28.12 -26.42
C LEU D 372 -3.79 27.35 -25.47
N GLN D 373 -3.53 27.45 -24.17
CA GLN D 373 -4.44 26.91 -23.16
C GLN D 373 -5.63 27.81 -22.91
N LEU D 374 -5.83 28.82 -23.76
CA LEU D 374 -6.91 29.75 -23.57
C LEU D 374 -8.20 29.17 -24.14
N PRO D 375 -9.36 29.70 -23.74
CA PRO D 375 -10.62 29.14 -24.25
C PRO D 375 -10.83 29.37 -25.73
N ASN D 376 -10.48 30.56 -26.23
CA ASN D 376 -10.71 30.90 -27.63
C ASN D 376 -9.51 31.68 -28.14
N VAL D 377 -8.84 31.16 -29.16
CA VAL D 377 -7.73 31.85 -29.79
C VAL D 377 -7.87 31.71 -31.31
N ASP D 378 -7.46 32.74 -32.03
CA ASP D 378 -7.28 32.62 -33.47
C ASP D 378 -6.02 31.82 -33.70
N LYS D 379 -6.16 30.50 -33.88
CA LYS D 379 -4.98 29.65 -33.81
C LYS D 379 -3.96 29.99 -34.89
N GLU D 380 -4.31 29.73 -36.15
CA GLU D 380 -3.34 29.93 -37.22
C GLU D 380 -3.07 31.41 -37.46
N HIS D 381 -4.14 32.20 -37.51
CA HIS D 381 -4.00 33.65 -37.67
C HIS D 381 -3.03 34.20 -36.63
N PHE D 382 -3.33 33.99 -35.36
CA PHE D 382 -2.54 34.55 -34.28
C PHE D 382 -1.11 34.02 -34.31
N ILE D 383 -0.94 32.74 -34.64
CA ILE D 383 0.41 32.20 -34.84
C ILE D 383 1.15 33.06 -35.84
N THR D 384 0.57 33.25 -37.02
CA THR D 384 1.23 34.02 -38.06
C THR D 384 1.52 35.43 -37.62
N LYS D 385 0.58 36.06 -36.92
CA LYS D 385 0.69 37.47 -36.59
C LYS D 385 1.77 37.70 -35.54
N THR D 386 1.73 36.92 -34.47
CA THR D 386 2.65 37.10 -33.36
C THR D 386 3.15 35.74 -32.88
N GLY D 387 4.44 35.67 -32.56
CA GLY D 387 4.98 34.47 -31.97
C GLY D 387 5.86 34.75 -30.76
N ASP D 388 6.21 36.02 -30.55
CA ASP D 388 7.09 36.37 -29.44
C ASP D 388 6.40 36.16 -28.10
N ILE D 389 5.08 36.18 -28.08
CA ILE D 389 4.35 36.24 -26.83
C ILE D 389 4.10 34.83 -26.29
N HIS D 390 4.85 34.45 -25.28
CA HIS D 390 4.65 33.18 -24.61
C HIS D 390 4.41 33.33 -23.11
N THR D 391 4.06 34.53 -22.66
CA THR D 391 3.87 34.78 -21.24
C THR D 391 2.54 35.48 -20.99
N LEU D 392 1.74 34.91 -20.09
CA LEU D 392 0.56 35.60 -19.59
C LEU D 392 0.91 37.02 -19.15
N GLY D 393 2.11 37.21 -18.62
CA GLY D 393 2.57 38.55 -18.31
C GLY D 393 2.56 39.43 -19.56
N LYS D 394 3.24 38.97 -20.62
CA LYS D 394 3.23 39.71 -21.87
C LYS D 394 1.82 40.02 -22.32
N LEU D 395 0.90 39.08 -22.10
CA LEU D 395 -0.51 39.36 -22.34
C LEU D 395 -0.97 40.57 -21.53
N PHE D 396 -0.90 40.45 -20.20
CA PHE D 396 -1.29 41.55 -19.33
C PHE D 396 -0.41 42.77 -19.54
N THR D 397 0.81 42.57 -20.07
CA THR D 397 1.72 43.68 -20.26
C THR D 397 1.10 44.76 -21.14
N LEU D 398 0.47 44.36 -22.23
CA LEU D 398 -0.08 45.30 -23.19
C LEU D 398 -1.40 45.86 -22.67
N GLU D 399 -2.15 46.53 -23.53
CA GLU D 399 -3.37 47.20 -23.11
C GLU D 399 -4.58 46.28 -23.27
N ASP D 400 -5.61 46.57 -22.47
CA ASP D 400 -6.82 45.76 -22.46
C ASP D 400 -7.47 45.70 -23.84
N ALA D 401 -7.75 46.86 -24.41
CA ALA D 401 -8.23 46.89 -25.79
C ALA D 401 -7.19 46.28 -26.73
N LYS D 402 -5.91 46.52 -26.45
CA LYS D 402 -4.86 46.11 -27.37
C LYS D 402 -4.65 44.60 -27.34
N ILE D 403 -4.70 44.00 -26.15
CA ILE D 403 -4.48 42.55 -26.07
C ILE D 403 -5.57 41.81 -26.83
N GLY D 404 -6.82 42.22 -26.65
CA GLY D 404 -7.90 41.62 -27.41
C GLY D 404 -7.80 41.92 -28.89
N GLU D 405 -7.31 43.11 -29.23
CA GLU D 405 -7.05 43.43 -30.64
C GLU D 405 -6.09 42.43 -31.24
N VAL D 406 -4.97 42.18 -30.55
CA VAL D 406 -4.00 41.20 -31.04
C VAL D 406 -4.63 39.83 -31.14
N LEU D 407 -5.36 39.42 -30.10
CA LEU D 407 -6.02 38.12 -30.12
C LEU D 407 -6.90 37.96 -31.36
N GLY D 408 -7.83 38.89 -31.55
CA GLY D 408 -8.66 38.90 -32.74
C GLY D 408 -10.03 38.30 -32.55
N ILE D 409 -10.69 38.62 -31.44
CA ILE D 409 -12.02 38.08 -31.19
C ILE D 409 -13.05 39.21 -31.15
N LYS D 410 -12.61 40.40 -30.76
CA LYS D 410 -13.37 41.64 -30.92
C LYS D 410 -14.73 41.60 -30.22
N ASP D 411 -14.89 40.76 -29.21
CA ASP D 411 -16.15 40.66 -28.47
C ASP D 411 -15.91 41.01 -27.01
N GLN D 412 -16.76 41.88 -26.47
CA GLN D 412 -16.63 42.24 -25.06
C GLN D 412 -16.84 41.03 -24.16
N ALA D 413 -17.85 40.22 -24.45
CA ALA D 413 -18.12 39.04 -23.64
C ALA D 413 -16.96 38.06 -23.67
N LYS D 414 -16.49 37.72 -24.87
CA LYS D 414 -15.39 36.77 -24.99
C LYS D 414 -14.13 37.30 -24.33
N LEU D 415 -13.83 38.58 -24.55
CA LEU D 415 -12.67 39.17 -23.91
C LEU D 415 -12.78 39.14 -22.39
N ASN D 416 -13.97 39.39 -21.86
CA ASN D 416 -14.12 39.34 -20.41
C ASN D 416 -13.94 37.92 -19.90
N GLU D 417 -14.52 36.95 -20.58
CA GLU D 417 -14.35 35.55 -20.20
C GLU D 417 -12.86 35.19 -20.16
N THR D 418 -12.15 35.55 -21.23
CA THR D 418 -10.74 35.18 -21.31
C THR D 418 -9.92 35.89 -20.24
N LEU D 419 -10.15 37.18 -20.03
CA LEU D 419 -9.39 37.88 -19.00
C LEU D 419 -9.63 37.25 -17.65
N ARG D 420 -10.90 36.91 -17.35
CA ARG D 420 -11.20 36.30 -16.06
C ARG D 420 -10.49 34.97 -15.91
N VAL D 421 -10.63 34.09 -16.90
CA VAL D 421 -10.06 32.76 -16.77
C VAL D 421 -8.54 32.84 -16.67
N ALA D 422 -7.91 33.66 -17.51
CA ALA D 422 -6.46 33.80 -17.43
C ALA D 422 -6.05 34.45 -16.12
N SER D 423 -6.93 35.26 -15.53
CA SER D 423 -6.65 35.78 -14.20
C SER D 423 -6.69 34.68 -13.18
N HIS D 424 -7.46 33.62 -13.44
CA HIS D 424 -7.62 32.55 -12.45
C HIS D 424 -6.93 31.26 -12.86
N ILE D 425 -5.75 31.35 -13.46
CA ILE D 425 -4.88 30.18 -13.59
C ILE D 425 -3.65 30.45 -12.73
N PRO D 426 -3.27 29.52 -11.88
CA PRO D 426 -2.30 29.82 -10.83
C PRO D 426 -0.89 30.00 -11.36
N ASN D 427 -0.01 30.38 -10.45
CA ASN D 427 1.44 30.42 -10.65
C ASN D 427 2.07 30.39 -9.28
N LEU D 428 3.34 30.01 -9.22
CA LEU D 428 4.03 29.92 -7.95
C LEU D 428 5.27 30.79 -7.96
N LYS D 429 5.87 30.92 -6.77
CA LYS D 429 7.11 31.66 -6.62
C LYS D 429 7.70 31.29 -5.27
N ILE D 430 8.99 30.96 -5.25
CA ILE D 430 9.62 30.48 -4.02
C ILE D 430 9.65 31.59 -2.98
N ILE D 431 9.46 31.21 -1.73
CA ILE D 431 9.67 32.08 -0.58
C ILE D 431 10.19 31.21 0.56
N LYS D 432 11.45 31.39 0.94
CA LYS D 432 12.06 30.66 2.05
C LYS D 432 11.98 29.15 1.82
N ALA D 433 12.70 28.71 0.80
CA ALA D 433 12.80 27.29 0.48
C ALA D 433 14.03 26.72 1.17
N ASP D 434 13.82 25.76 2.06
CA ASP D 434 14.92 25.25 2.86
C ASP D 434 14.50 23.92 3.49
N PHE D 435 15.33 23.43 4.41
CA PHE D 435 15.14 22.13 5.02
C PHE D 435 14.63 22.28 6.45
N LEU D 436 14.16 21.18 7.00
CA LEU D 436 13.81 21.13 8.41
C LEU D 436 14.10 19.75 8.96
N VAL D 437 14.19 19.68 10.28
CA VAL D 437 14.25 18.42 10.99
C VAL D 437 13.37 18.62 12.24
N PRO D 438 12.46 17.70 12.53
CA PRO D 438 11.49 17.98 13.60
C PRO D 438 12.15 17.95 14.96
N GLY D 439 11.68 18.82 15.84
CA GLY D 439 12.26 18.96 17.15
C GLY D 439 13.51 19.81 17.11
N GLU D 440 14.58 19.27 16.53
CA GLU D 440 15.84 19.99 16.44
C GLU D 440 15.73 21.11 15.40
N ASN D 441 16.85 21.77 15.15
CA ASN D 441 16.88 22.83 14.15
C ASN D 441 18.13 22.83 13.28
N GLN D 442 19.00 21.84 13.42
CA GLN D 442 20.26 21.80 12.69
C GLN D 442 20.41 20.45 12.02
N VAL D 443 20.73 20.47 10.72
CA VAL D 443 20.93 19.23 9.99
C VAL D 443 22.08 18.46 10.61
N THR D 444 21.97 17.14 10.62
CA THR D 444 22.91 16.27 11.29
C THR D 444 23.15 15.03 10.43
N PRO D 445 24.31 14.41 10.55
CA PRO D 445 24.62 13.25 9.69
C PRO D 445 23.70 12.08 10.01
N SER D 446 23.31 11.36 8.97
CA SER D 446 22.38 10.25 9.06
C SER D 446 21.11 10.66 9.81
N SER D 447 20.41 11.62 9.23
CA SER D 447 19.16 12.14 9.77
C SER D 447 18.05 12.02 8.72
N THR D 448 16.86 12.50 9.09
CA THR D 448 15.69 12.44 8.21
C THR D 448 15.07 13.83 8.13
N PRO D 449 15.59 14.67 7.29
CA PRO D 449 15.02 16.01 7.14
C PRO D 449 13.73 15.99 6.36
N TYR D 450 13.19 17.15 6.05
CA TYR D 450 12.11 17.23 5.09
C TYR D 450 12.09 18.62 4.50
N ILE D 451 11.71 18.68 3.23
CA ILE D 451 11.68 19.93 2.48
C ILE D 451 10.56 20.80 3.02
N SER D 452 10.85 22.08 3.20
CA SER D 452 9.85 23.06 3.57
C SER D 452 9.99 24.24 2.64
N LEU D 453 8.85 24.75 2.19
CA LEU D 453 8.86 25.94 1.35
C LEU D 453 7.48 26.56 1.38
N LYS D 454 7.40 27.75 1.94
CA LYS D 454 6.13 28.42 2.16
C LYS D 454 5.98 29.45 1.03
N VAL D 455 5.26 29.07 -0.01
CA VAL D 455 5.26 29.80 -1.26
C VAL D 455 3.92 30.49 -1.46
N LEU D 456 3.83 31.28 -2.52
CA LEU D 456 2.69 32.12 -2.80
C LEU D 456 2.13 31.80 -4.18
N VAL D 457 0.91 32.28 -4.43
CA VAL D 457 0.21 32.05 -5.69
C VAL D 457 -0.04 33.41 -6.33
N ARG D 458 0.25 33.50 -7.62
CA ARG D 458 0.09 34.72 -8.40
C ARG D 458 -0.49 34.36 -9.75
N SER D 459 -0.90 35.39 -10.49
CA SER D 459 -1.48 35.18 -11.81
C SER D 459 -0.93 36.19 -12.80
N ALA D 460 0.36 36.53 -12.70
CA ALA D 460 0.99 37.54 -13.54
C ALA D 460 0.28 38.90 -13.38
N LYS D 461 -0.16 39.18 -12.16
CA LYS D 461 -0.81 40.46 -11.87
C LYS D 461 -0.26 41.13 -10.62
N GLN D 462 0.39 40.40 -9.72
CA GLN D 462 0.92 40.97 -8.48
C GLN D 462 2.37 40.52 -8.28
N PRO D 463 3.28 41.02 -9.09
CA PRO D 463 4.66 40.52 -9.08
C PRO D 463 5.55 41.21 -8.06
N LEU D 464 6.57 40.48 -7.62
CA LEU D 464 7.70 41.00 -6.85
C LEU D 464 7.21 41.67 -5.56
N ILE D 465 6.72 40.83 -4.67
CA ILE D 465 6.41 41.23 -3.31
C ILE D 465 7.65 40.97 -2.45
N PRO D 466 8.19 41.97 -1.77
CA PRO D 466 9.42 41.75 -1.00
C PRO D 466 9.21 40.79 0.14
N THR D 467 10.17 39.88 0.30
CA THR D 467 10.16 39.00 1.46
C THR D 467 10.14 39.81 2.76
N SER D 468 10.76 40.98 2.74
CA SER D 468 10.73 41.87 3.88
C SER D 468 9.29 42.24 4.24
N LEU D 469 8.45 42.46 3.24
CA LEU D 469 7.13 43.03 3.45
C LEU D 469 6.15 42.03 4.01
N ILE D 470 6.64 40.92 4.53
CA ILE D 470 5.89 40.05 5.42
C ILE D 470 6.59 40.09 6.77
N PRO D 471 5.86 40.21 7.88
CA PRO D 471 6.54 40.24 9.19
C PRO D 471 7.29 38.95 9.52
N GLU D 472 7.01 37.86 8.81
CA GLU D 472 7.67 36.57 8.99
C GLU D 472 7.24 35.92 10.30
N GLU D 473 6.49 36.66 11.12
CA GLU D 473 5.87 36.05 12.29
C GLU D 473 4.75 35.13 11.86
N ASN D 474 3.94 35.55 10.89
CA ASN D 474 2.89 34.74 10.32
C ASN D 474 3.42 33.58 9.50
N LEU D 475 4.74 33.48 9.32
CA LEU D 475 5.32 32.51 8.39
C LEU D 475 5.96 31.33 9.08
N THR D 476 6.88 31.56 10.01
CA THR D 476 7.62 30.47 10.62
C THR D 476 6.68 29.57 11.42
N GLU D 477 7.00 28.28 11.42
CA GLU D 477 6.10 27.29 12.01
C GLU D 477 6.06 27.44 13.53
N PRO D 478 4.90 27.18 14.15
CA PRO D 478 4.84 27.15 15.61
C PRO D 478 5.52 25.90 16.16
N GLN D 479 5.48 25.77 17.48
CA GLN D 479 6.18 24.70 18.18
C GLN D 479 5.25 23.91 19.10
N ASP D 480 3.94 23.94 18.85
CA ASP D 480 3.02 23.09 19.60
C ASP D 480 3.49 21.66 19.49
N PHE D 481 3.89 21.06 20.61
CA PHE D 481 4.82 19.94 20.57
C PHE D 481 4.39 18.86 19.59
N GLU D 482 3.20 18.28 19.81
CA GLU D 482 2.78 17.14 18.98
C GLU D 482 2.83 17.50 17.50
N SER D 483 2.39 18.71 17.15
CA SER D 483 2.57 19.20 15.79
C SER D 483 4.05 19.22 15.42
N GLN D 484 4.88 19.72 16.33
CA GLN D 484 6.32 19.75 16.09
C GLN D 484 6.85 18.35 15.84
N ARG D 485 6.11 17.33 16.26
CA ARG D 485 6.48 15.97 15.94
C ARG D 485 5.76 15.48 14.69
N ASP D 486 4.45 15.68 14.62
CA ASP D 486 3.65 15.32 13.46
C ASP D 486 3.55 16.52 12.55
N PRO D 487 4.36 16.61 11.51
CA PRO D 487 4.23 17.72 10.58
C PRO D 487 3.00 17.53 9.73
N PHE D 488 2.81 18.39 8.74
CA PHE D 488 1.84 18.25 7.67
C PHE D 488 0.42 18.48 8.14
N ALA D 489 0.18 18.58 9.45
CA ALA D 489 -1.18 18.84 9.90
C ALA D 489 -1.61 20.23 9.50
N MET D 490 -0.74 21.21 9.74
CA MET D 490 -1.09 22.59 9.46
C MET D 490 -1.39 22.78 7.99
N MET D 491 -0.61 22.15 7.11
CA MET D 491 -0.93 22.27 5.69
C MET D 491 -2.23 21.53 5.38
N SER D 492 -2.39 20.31 5.88
CA SER D 492 -3.62 19.56 5.60
C SER D 492 -4.85 20.29 6.10
N LYS D 493 -4.68 21.30 6.96
CA LYS D 493 -5.82 22.12 7.33
C LYS D 493 -6.37 22.86 6.11
N GLN D 494 -5.49 23.28 5.21
CA GLN D 494 -5.90 24.13 4.11
C GLN D 494 -6.92 23.42 3.23
N PRO D 495 -7.67 24.17 2.42
CA PRO D 495 -8.65 23.55 1.52
C PRO D 495 -7.98 22.91 0.32
N LEU D 496 -8.80 22.33 -0.54
CA LEU D 496 -8.31 21.71 -1.75
C LEU D 496 -8.06 22.78 -2.81
N VAL D 497 -7.85 22.32 -4.04
CA VAL D 497 -7.69 23.19 -5.20
C VAL D 497 -9.00 23.15 -5.97
N PRO D 498 -9.48 24.25 -6.51
CA PRO D 498 -10.78 24.23 -7.18
C PRO D 498 -10.75 23.43 -8.47
N TYR D 499 -11.87 23.40 -9.18
CA TYR D 499 -11.91 22.66 -10.43
C TYR D 499 -11.04 23.34 -11.49
N SER D 500 -10.56 22.52 -12.41
CA SER D 500 -9.78 23.01 -13.54
C SER D 500 -10.73 23.57 -14.60
N PHE D 501 -10.22 23.80 -15.80
CA PHE D 501 -11.04 24.36 -16.88
C PHE D 501 -11.11 23.49 -18.13
N ALA D 502 -10.23 22.49 -18.28
CA ALA D 502 -10.00 21.81 -19.54
C ALA D 502 -11.29 21.51 -20.30
N PRO D 503 -11.53 22.18 -21.40
CA PRO D 503 -12.76 21.93 -22.17
C PRO D 503 -12.84 20.51 -22.65
N PHE D 504 -11.78 20.19 -23.37
CA PHE D 504 -11.57 18.91 -23.97
C PHE D 504 -11.28 17.79 -23.00
N PHE D 505 -11.20 18.04 -21.68
CA PHE D 505 -11.27 16.81 -20.93
C PHE D 505 -12.71 16.50 -20.56
N PRO D 506 -13.13 15.24 -20.58
CA PRO D 506 -14.56 14.93 -20.36
C PRO D 506 -15.13 15.44 -19.06
N THR D 507 -14.60 15.00 -17.93
CA THR D 507 -15.22 15.30 -16.65
C THR D 507 -14.74 16.65 -16.12
N LYS D 508 -15.30 17.04 -14.98
CA LYS D 508 -14.79 18.18 -14.23
C LYS D 508 -13.73 17.70 -13.24
N ARG D 509 -12.54 18.27 -13.36
CA ARG D 509 -11.40 17.76 -12.61
C ARG D 509 -10.79 18.87 -11.77
N ARG D 510 -10.50 18.55 -10.51
CA ARG D 510 -9.73 19.46 -9.69
C ARG D 510 -8.36 19.69 -10.33
N GLY D 511 -7.65 20.67 -9.81
CA GLY D 511 -6.27 20.85 -10.19
C GLY D 511 -5.43 19.73 -9.61
N SER D 512 -4.12 19.87 -9.78
CA SER D 512 -3.19 18.91 -9.20
C SER D 512 -1.79 19.44 -9.35
N TRP D 513 -0.96 19.18 -8.34
CA TRP D 513 0.42 19.61 -8.35
C TRP D 513 1.30 18.41 -8.14
N CYS D 514 2.42 18.36 -8.87
CA CYS D 514 3.39 17.32 -8.63
C CYS D 514 4.67 17.97 -8.16
N CYS D 515 5.26 17.42 -7.11
CA CYS D 515 6.58 17.85 -6.67
C CYS D 515 7.50 16.64 -6.72
N LEU D 516 8.72 16.87 -7.15
CA LEU D 516 9.66 15.78 -7.34
C LEU D 516 11.07 16.28 -7.20
N VAL D 517 11.96 15.35 -6.86
CA VAL D 517 13.28 15.67 -6.32
C VAL D 517 14.35 15.06 -7.20
N SER D 518 15.52 15.70 -7.20
CA SER D 518 16.56 15.34 -8.14
C SER D 518 17.92 15.62 -7.51
N SER D 519 18.69 14.56 -7.32
CA SER D 519 20.07 14.68 -6.87
C SER D 519 20.96 14.96 -8.08
N GLN D 520 21.92 15.87 -7.92
CA GLN D 520 22.78 16.24 -9.02
C GLN D 520 23.97 15.31 -9.19
N LYS D 521 24.23 14.42 -8.22
CA LYS D 521 25.32 13.48 -8.39
C LYS D 521 25.07 12.57 -9.59
N ASP D 522 23.81 12.35 -9.93
CA ASP D 522 23.45 11.54 -11.08
C ASP D 522 22.42 12.18 -11.99
N GLY D 523 21.59 13.07 -11.46
CA GLY D 523 20.43 13.57 -12.17
C GLY D 523 19.22 12.67 -12.07
N LYS D 524 19.36 11.50 -11.46
CA LYS D 524 18.27 10.54 -11.37
C LYS D 524 17.36 10.90 -10.22
N ILE D 525 16.06 10.68 -10.41
CA ILE D 525 15.13 10.89 -9.32
C ILE D 525 15.47 9.95 -8.18
N LEU D 526 14.99 10.30 -7.00
CA LEU D 526 15.42 9.56 -5.82
C LEU D 526 14.30 9.33 -4.81
N GLN D 527 13.06 9.19 -5.27
CA GLN D 527 11.98 8.74 -4.40
C GLN D 527 10.73 8.52 -5.23
N THR D 528 9.65 8.19 -4.54
CA THR D 528 8.32 8.29 -5.11
C THR D 528 7.97 9.76 -5.35
N PRO D 529 7.39 10.10 -6.50
CA PRO D 529 6.98 11.49 -6.72
C PRO D 529 5.76 11.79 -5.89
N ILE D 530 5.65 13.04 -5.44
CA ILE D 530 4.69 13.38 -4.41
C ILE D 530 3.64 14.31 -4.99
N ILE D 531 2.39 13.92 -4.86
CA ILE D 531 1.30 14.77 -5.31
C ILE D 531 0.90 15.70 -4.18
N ILE D 532 0.68 16.95 -4.52
CA ILE D 532 0.13 17.93 -3.59
C ILE D 532 -1.06 18.60 -4.26
N GLU D 533 -2.19 18.57 -3.56
CA GLU D 533 -3.41 19.16 -4.08
C GLU D 533 -4.21 19.86 -2.99
N LYS D 534 -3.60 20.12 -1.83
CA LYS D 534 -4.21 20.96 -0.80
C LYS D 534 -3.56 22.32 -0.86
N LEU D 535 -4.35 23.33 -1.19
CA LEU D 535 -3.80 24.64 -1.47
C LEU D 535 -4.85 25.70 -1.17
N SER D 536 -4.58 26.92 -1.62
CA SER D 536 -5.52 28.02 -1.47
C SER D 536 -5.23 29.05 -2.56
N TYR D 537 -6.25 29.41 -3.31
CA TYR D 537 -6.10 30.36 -4.41
C TYR D 537 -6.71 31.71 -4.10
N LYS D 538 -7.15 31.96 -2.87
CA LYS D 538 -7.87 33.20 -2.58
C LYS D 538 -7.04 34.43 -2.88
N ASN D 539 -5.73 34.29 -3.04
CA ASN D 539 -4.92 35.45 -3.39
C ASN D 539 -5.13 35.89 -4.81
N LEU D 540 -6.12 35.34 -5.52
CA LEU D 540 -6.36 35.68 -6.90
C LEU D 540 -7.70 36.34 -7.15
N ASN D 541 -8.62 36.33 -6.19
CA ASN D 541 -9.97 36.81 -6.44
C ASN D 541 -9.98 38.29 -6.81
N ASP D 542 -10.99 38.68 -7.59
CA ASP D 542 -11.09 40.05 -8.09
C ASP D 542 -11.24 41.06 -6.96
N ASP D 543 -11.62 40.61 -5.77
CA ASP D 543 -11.65 41.50 -4.62
C ASP D 543 -10.30 42.17 -4.43
N LYS D 544 -9.23 41.47 -4.78
CA LYS D 544 -7.88 42.01 -4.68
C LYS D 544 -7.30 42.34 -6.05
N ASP D 545 -8.16 42.51 -7.05
CA ASP D 545 -7.69 42.81 -8.39
C ASP D 545 -7.03 44.19 -8.48
N PHE D 546 -7.31 45.09 -7.53
CA PHE D 546 -6.82 46.45 -7.61
C PHE D 546 -5.31 46.51 -7.85
N PHE D 547 -4.56 45.54 -7.35
CA PHE D 547 -3.15 45.46 -7.65
C PHE D 547 -2.97 45.00 -9.10
N ASP D 548 -2.22 45.77 -9.88
CA ASP D 548 -2.09 45.56 -11.30
C ASP D 548 -0.61 45.57 -11.70
N LYS D 549 -0.38 45.63 -13.01
CA LYS D 549 0.93 45.88 -13.57
C LYS D 549 1.06 47.28 -14.17
N ARG D 550 0.07 48.13 -13.95
CA ARG D 550 0.05 49.46 -14.56
C ARG D 550 -0.41 50.51 -13.56
N LYS D 557 1.20 50.59 -6.48
CA LYS D 557 2.21 49.82 -5.76
C LYS D 557 1.74 49.51 -4.35
N HIS D 558 1.42 50.55 -3.58
CA HIS D 558 1.03 50.39 -2.18
C HIS D 558 -0.10 51.38 -1.88
N GLU D 559 -1.33 50.92 -2.03
CA GLU D 559 -2.50 51.77 -1.82
C GLU D 559 -3.66 50.85 -1.44
N LYS D 560 -3.99 50.80 -0.15
CA LYS D 560 -5.17 50.08 0.34
C LYS D 560 -5.10 48.60 -0.05
N PHE D 561 -4.10 47.92 0.51
CA PHE D 561 -3.86 46.53 0.22
C PHE D 561 -3.86 45.73 1.51
N ASP D 562 -4.41 44.52 1.45
CA ASP D 562 -4.55 43.66 2.62
C ASP D 562 -3.31 42.81 2.77
N ILE D 563 -2.30 43.35 3.45
CA ILE D 563 -1.02 42.66 3.60
C ILE D 563 -1.19 41.31 4.29
N ASN D 564 -2.22 41.16 5.11
CA ASN D 564 -2.44 39.91 5.83
C ASN D 564 -3.71 39.21 5.37
N ASP D 565 -4.04 39.35 4.09
CA ASP D 565 -5.01 38.50 3.43
C ASP D 565 -4.36 37.56 2.43
N TRP D 566 -3.09 37.78 2.11
CA TRP D 566 -2.34 36.90 1.23
C TRP D 566 -1.93 35.69 2.05
N GLU D 567 -2.57 34.55 1.78
CA GLU D 567 -2.10 33.32 2.38
C GLU D 567 -0.68 33.02 1.92
N ILE D 568 -0.07 32.05 2.58
CA ILE D 568 1.29 31.64 2.27
C ILE D 568 1.25 30.12 2.16
N GLY D 569 1.12 29.61 0.94
CA GLY D 569 0.98 28.20 0.70
C GLY D 569 2.20 27.41 1.14
N THR D 570 2.05 26.66 2.21
CA THR D 570 3.14 25.90 2.76
C THR D 570 3.18 24.54 2.11
N ILE D 571 4.37 24.12 1.69
CA ILE D 571 4.60 22.80 1.13
C ILE D 571 5.66 22.12 1.96
N LYS D 572 5.36 20.91 2.41
CA LYS D 572 6.26 20.15 3.25
C LYS D 572 6.36 18.75 2.67
N ILE D 573 7.53 18.41 2.15
CA ILE D 573 7.72 17.17 1.40
C ILE D 573 8.77 16.30 2.06
N PRO D 574 8.41 15.12 2.51
CA PRO D 574 9.39 14.25 3.17
C PRO D 574 10.50 13.85 2.22
N LEU D 575 11.48 13.16 2.76
CA LEU D 575 12.56 12.59 1.98
C LEU D 575 12.72 11.14 2.39
N GLY D 576 12.34 10.22 1.49
CA GLY D 576 12.37 8.81 1.80
C GLY D 576 13.73 8.32 2.27
N GLN D 577 14.70 8.34 1.38
CA GLN D 577 16.05 7.97 1.76
C GLN D 577 16.61 9.05 2.68
N PRO D 578 17.12 8.69 3.85
CA PRO D 578 17.47 9.69 4.86
C PRO D 578 18.73 10.44 4.47
N ALA D 579 19.17 11.31 5.38
CA ALA D 579 20.36 12.09 5.14
C ALA D 579 21.58 11.18 5.04
N PRO D 580 22.69 11.69 4.51
CA PRO D 580 23.91 10.88 4.46
C PRO D 580 24.61 10.83 5.80
N GLU D 581 25.55 9.90 5.91
CA GLU D 581 26.36 9.77 7.11
C GLU D 581 27.52 10.75 7.14
N THR D 582 27.98 11.23 5.99
CA THR D 582 29.12 12.12 5.92
C THR D 582 28.69 13.56 6.27
N VAL D 583 29.57 14.51 6.02
CA VAL D 583 29.31 15.92 6.31
C VAL D 583 29.70 16.74 5.10
N GLY D 584 28.89 17.73 4.77
CA GLY D 584 29.18 18.60 3.65
C GLY D 584 27.95 19.37 3.22
N ASP D 585 28.14 20.16 2.16
CA ASP D 585 27.09 20.97 1.56
C ASP D 585 26.61 20.25 0.30
N PHE D 586 25.71 19.29 0.50
CA PHE D 586 25.24 18.47 -0.61
C PHE D 586 24.07 19.14 -1.33
N PHE D 587 24.09 19.09 -2.66
CA PHE D 587 23.18 19.86 -3.47
C PHE D 587 22.07 19.01 -4.08
N PHE D 588 20.87 19.59 -4.12
CA PHE D 588 19.70 18.99 -4.75
C PHE D 588 19.10 19.97 -5.74
N ARG D 589 18.20 19.44 -6.57
CA ARG D 589 17.29 20.24 -7.35
C ARG D 589 15.88 19.68 -7.17
N VAL D 590 14.94 20.54 -6.82
CA VAL D 590 13.55 20.12 -6.66
C VAL D 590 12.69 20.98 -7.56
N ILE D 591 11.61 20.37 -8.04
CA ILE D 591 10.77 20.99 -9.06
C ILE D 591 9.33 20.68 -8.76
N VAL D 592 8.48 21.69 -8.82
CA VAL D 592 7.04 21.52 -8.75
C VAL D 592 6.45 21.87 -10.10
N LYS D 593 5.85 20.87 -10.73
CA LYS D 593 5.20 21.02 -12.01
C LYS D 593 3.70 21.06 -11.82
N SER D 594 3.07 22.03 -12.47
CA SER D 594 1.62 22.17 -12.42
C SER D 594 1.03 21.23 -13.46
N THR D 595 0.23 20.28 -13.01
CA THR D 595 -0.61 19.58 -13.94
C THR D 595 -1.59 20.56 -14.57
N ASP D 596 -2.19 20.14 -15.67
CA ASP D 596 -3.36 20.80 -16.26
C ASP D 596 -3.07 22.21 -16.75
N TYR D 597 -1.85 22.70 -16.65
CA TYR D 597 -1.63 24.12 -16.91
C TYR D 597 -0.19 24.39 -17.30
N PHE D 598 0.00 25.08 -18.41
CA PHE D 598 1.33 25.47 -18.86
C PHE D 598 1.81 26.72 -18.15
N THR D 599 1.25 27.02 -17.00
CA THR D 599 1.55 28.23 -16.26
C THR D 599 2.97 28.15 -15.70
N THR D 600 3.35 29.16 -14.92
CA THR D 600 4.72 29.29 -14.43
C THR D 600 4.96 28.22 -13.37
N ASP D 601 5.25 27.01 -13.84
CA ASP D 601 5.76 25.98 -12.95
C ASP D 601 7.07 26.44 -12.34
N LEU D 602 7.52 25.71 -11.32
CA LEU D 602 8.65 26.20 -10.55
C LEU D 602 9.76 25.17 -10.49
N ASP D 603 10.99 25.63 -10.69
CA ASP D 603 12.16 24.75 -10.74
C ASP D 603 13.29 25.43 -10.00
N ILE D 604 13.77 24.81 -8.92
CA ILE D 604 14.78 25.42 -8.08
C ILE D 604 15.80 24.38 -7.68
N THR D 605 16.93 24.87 -7.20
CA THR D 605 17.89 24.04 -6.51
C THR D 605 17.85 24.35 -5.03
N MET D 606 18.70 23.65 -4.30
CA MET D 606 19.00 23.96 -2.92
C MET D 606 20.16 23.07 -2.52
N ASN D 607 20.54 23.13 -1.26
CA ASN D 607 21.52 22.21 -0.76
C ASN D 607 21.32 22.08 0.73
N MET D 608 22.23 21.38 1.39
CA MET D 608 22.09 21.12 2.80
C MET D 608 23.46 20.91 3.40
N LYS D 609 23.75 21.61 4.48
CA LYS D 609 25.05 21.56 5.13
C LYS D 609 24.93 20.71 6.39
N VAL D 610 25.43 19.48 6.31
CA VAL D 610 25.59 18.67 7.50
C VAL D 610 26.59 19.36 8.42
N ARG D 611 26.27 19.42 9.71
CA ARG D 611 27.12 20.12 10.66
C ARG D 611 27.70 19.20 11.73
N ASP D 612 26.85 18.48 12.46
CA ASP D 612 27.30 17.66 13.59
C ASP D 612 28.09 18.50 14.60
N ASN E 69 12.13 -8.79 -26.88
CA ASN E 69 13.49 -8.27 -26.76
C ASN E 69 14.51 -9.41 -26.74
N ASP E 70 14.75 -10.04 -27.90
CA ASP E 70 15.67 -11.16 -27.93
C ASP E 70 16.30 -11.31 -29.31
N ALA E 71 17.50 -11.87 -29.30
CA ALA E 71 18.20 -12.29 -30.52
C ALA E 71 18.79 -13.68 -30.38
N HIS E 72 18.68 -14.30 -29.21
CA HIS E 72 19.08 -15.70 -29.05
C HIS E 72 18.42 -16.57 -30.12
N ASP E 73 17.16 -16.28 -30.43
CA ASP E 73 16.51 -16.96 -31.55
C ASP E 73 17.22 -16.69 -32.86
N LEU E 74 17.77 -15.48 -33.03
CA LEU E 74 18.51 -15.19 -34.26
C LEU E 74 19.79 -16.00 -34.33
N TYR E 75 20.45 -16.22 -33.20
CA TYR E 75 21.65 -17.05 -33.26
C TYR E 75 21.30 -18.52 -33.47
N PHE E 76 20.17 -18.99 -32.94
CA PHE E 76 19.71 -20.31 -33.32
C PHE E 76 19.46 -20.38 -34.82
N GLN E 77 18.87 -19.33 -35.37
CA GLN E 77 18.67 -19.26 -36.81
C GLN E 77 20.00 -19.43 -37.54
N ILE E 78 21.01 -18.68 -37.12
CA ILE E 78 22.26 -18.73 -37.88
C ILE E 78 22.96 -20.06 -37.70
N LYS E 79 22.87 -20.68 -36.52
CA LYS E 79 23.53 -21.96 -36.33
C LYS E 79 22.85 -23.07 -37.12
N GLU E 80 21.51 -23.11 -37.10
CA GLU E 80 20.80 -24.11 -37.88
C GLU E 80 20.86 -23.81 -39.37
N MET E 81 21.22 -22.59 -39.75
CA MET E 81 21.51 -22.32 -41.15
C MET E 81 22.89 -22.83 -41.53
N SER E 82 23.91 -22.45 -40.75
CA SER E 82 25.26 -22.97 -40.94
C SER E 82 25.28 -24.49 -40.95
N GLU E 83 24.31 -25.13 -40.32
CA GLU E 83 24.19 -26.59 -40.39
C GLU E 83 24.33 -27.10 -41.82
N ASN E 84 23.74 -26.39 -42.80
CA ASN E 84 23.86 -26.79 -44.19
C ASN E 84 24.52 -25.75 -45.08
N GLU E 85 24.10 -24.49 -44.99
CA GLU E 85 24.68 -23.43 -45.79
C GLU E 85 25.92 -22.91 -45.10
N LYS E 86 27.09 -23.12 -45.71
CA LYS E 86 28.38 -22.81 -45.10
C LYS E 86 28.89 -21.49 -45.68
N ILE E 87 28.76 -20.43 -44.90
CA ILE E 87 29.28 -19.12 -45.32
C ILE E 87 30.76 -19.01 -45.00
N HIS E 88 31.10 -19.04 -43.71
CA HIS E 88 32.46 -19.03 -43.22
C HIS E 88 32.40 -19.30 -41.72
N GLU E 89 33.35 -20.08 -41.23
CA GLU E 89 33.38 -20.38 -39.80
C GLU E 89 33.48 -19.11 -38.98
N LYS E 90 34.22 -18.12 -39.49
CA LYS E 90 34.41 -16.89 -38.73
C LYS E 90 33.11 -16.10 -38.60
N VAL E 91 32.20 -16.23 -39.56
CA VAL E 91 30.91 -15.57 -39.44
C VAL E 91 30.15 -16.11 -38.24
N LEU E 92 30.13 -17.43 -38.08
CA LEU E 92 29.48 -18.01 -36.92
C LEU E 92 30.24 -17.70 -35.64
N LYS E 93 31.57 -17.61 -35.72
CA LYS E 93 32.34 -17.14 -34.57
C LYS E 93 31.86 -15.75 -34.14
N ALA E 94 31.73 -14.85 -35.10
CA ALA E 94 31.32 -13.47 -34.80
C ALA E 94 29.91 -13.44 -34.21
N ALA E 95 28.97 -14.18 -34.80
CA ALA E 95 27.62 -14.21 -34.26
C ALA E 95 27.61 -14.80 -32.86
N LEU E 96 28.48 -15.77 -32.60
CA LEU E 96 28.59 -16.32 -31.25
C LEU E 96 29.06 -15.25 -30.28
N LEU E 97 30.07 -14.47 -30.68
CA LEU E 97 30.47 -13.33 -29.88
C LEU E 97 29.29 -12.42 -29.61
N ASN E 98 28.47 -12.16 -30.63
CA ASN E 98 27.34 -11.25 -30.47
C ASN E 98 26.36 -11.78 -29.44
N ARG E 99 26.00 -13.06 -29.53
CA ARG E 99 25.04 -13.62 -28.58
C ARG E 99 25.61 -13.62 -27.17
N GLY E 100 26.88 -13.99 -27.01
CA GLY E 100 27.50 -13.94 -25.70
C GLY E 100 27.53 -12.54 -25.13
N ALA E 101 27.74 -11.55 -26.00
CA ALA E 101 27.80 -10.16 -25.55
C ALA E 101 26.45 -9.69 -25.04
N GLU E 102 25.39 -9.95 -25.80
CA GLU E 102 24.06 -9.60 -25.30
C GLU E 102 23.75 -10.34 -24.02
N SER E 103 24.17 -11.60 -23.93
CA SER E 103 23.95 -12.37 -22.71
C SER E 103 24.56 -11.68 -21.52
N VAL E 104 25.87 -11.41 -21.58
CA VAL E 104 26.53 -10.81 -20.44
C VAL E 104 26.02 -9.41 -20.18
N ARG E 105 25.54 -8.70 -21.21
CA ARG E 105 25.03 -7.36 -20.99
C ARG E 105 23.70 -7.38 -20.25
N ARG E 106 22.78 -8.27 -20.67
CA ARG E 106 21.53 -8.41 -19.93
C ARG E 106 21.80 -8.89 -18.53
N SER E 107 22.79 -9.76 -18.36
CA SER E 107 23.16 -10.20 -17.01
C SER E 107 23.59 -9.02 -16.16
N LEU E 108 24.48 -8.18 -16.70
CA LEU E 108 24.96 -7.01 -15.97
C LEU E 108 23.81 -6.09 -15.59
N LYS E 109 22.96 -5.76 -16.57
CA LYS E 109 21.89 -4.80 -16.31
C LYS E 109 20.92 -5.33 -15.28
N LEU E 110 20.52 -6.60 -15.39
CA LEU E 110 19.63 -7.15 -14.39
C LEU E 110 20.29 -7.20 -13.02
N LYS E 111 21.59 -7.50 -12.97
CA LYS E 111 22.28 -7.53 -11.68
C LYS E 111 22.25 -6.16 -11.01
N GLU E 112 22.57 -5.10 -11.75
CA GLU E 112 22.56 -3.78 -11.13
C GLU E 112 21.15 -3.31 -10.83
N LEU E 113 20.16 -3.73 -11.62
CA LEU E 113 18.80 -3.28 -11.41
C LEU E 113 18.14 -3.99 -10.23
N ALA E 114 18.61 -5.20 -9.89
CA ALA E 114 18.00 -6.02 -8.84
C ALA E 114 17.49 -5.24 -7.64
N PRO E 115 18.27 -4.37 -6.98
CA PRO E 115 17.70 -3.67 -5.83
C PRO E 115 16.61 -2.69 -6.21
N GLN E 116 16.76 -1.96 -7.32
CA GLN E 116 15.74 -0.99 -7.73
C GLN E 116 14.41 -1.69 -8.01
N ILE E 117 14.46 -2.78 -8.78
CA ILE E 117 13.23 -3.49 -9.09
C ILE E 117 12.67 -4.16 -7.85
N ASN E 118 13.53 -4.71 -7.00
CA ASN E 118 13.04 -5.28 -5.75
C ASN E 118 12.32 -4.23 -4.92
N LEU E 119 12.84 -3.00 -4.94
CA LEU E 119 12.20 -1.92 -4.21
C LEU E 119 10.86 -1.58 -4.80
N LEU E 120 10.79 -1.50 -6.13
CA LEU E 120 9.49 -1.30 -6.78
C LEU E 120 8.52 -2.40 -6.37
N TYR E 121 9.02 -3.63 -6.27
CA TYR E 121 8.17 -4.74 -5.89
C TYR E 121 7.65 -4.55 -4.47
N LYS E 122 8.54 -4.23 -3.54
CA LYS E 122 8.14 -4.05 -2.15
C LYS E 122 7.10 -2.94 -2.03
N ASN E 123 7.35 -1.82 -2.70
CA ASN E 123 6.38 -0.73 -2.67
C ASN E 123 5.07 -1.14 -3.31
N GLY E 124 5.11 -2.09 -4.23
CA GLY E 124 3.90 -2.81 -4.60
C GLY E 124 3.05 -2.19 -5.69
N SER E 125 3.66 -1.66 -6.74
CA SER E 125 2.93 -1.19 -7.89
C SER E 125 2.95 -2.17 -9.05
N ILE E 126 3.43 -3.39 -8.81
CA ILE E 126 3.75 -4.34 -9.87
C ILE E 126 2.88 -5.58 -9.75
N GLY E 127 2.51 -5.94 -8.54
CA GLY E 127 1.78 -7.19 -8.31
C GLY E 127 2.74 -8.28 -7.89
N GLU E 128 2.55 -9.48 -8.43
CA GLU E 128 3.37 -10.63 -8.08
C GLU E 128 3.92 -11.29 -9.34
N ASP E 129 3.12 -11.21 -10.40
CA ASP E 129 3.37 -12.01 -11.58
C ASP E 129 4.66 -11.59 -12.26
N TYR E 130 4.88 -10.29 -12.41
CA TYR E 130 6.10 -9.83 -13.05
C TYR E 130 7.31 -10.18 -12.20
N TRP E 131 7.17 -10.18 -10.88
CA TRP E 131 8.29 -10.56 -10.05
C TRP E 131 8.65 -12.02 -10.28
N LYS E 132 7.64 -12.88 -10.36
CA LYS E 132 7.89 -14.26 -10.72
C LYS E 132 8.62 -14.35 -12.06
N ARG E 133 8.12 -13.61 -13.05
CA ARG E 133 8.76 -13.63 -14.36
C ARG E 133 10.21 -13.19 -14.27
N PHE E 134 10.52 -12.20 -13.43
CA PHE E 134 11.88 -11.70 -13.36
C PHE E 134 12.80 -12.70 -12.69
N GLU E 135 12.36 -13.31 -11.60
CA GLU E 135 13.21 -14.30 -10.96
C GLU E 135 13.50 -15.45 -11.91
N THR E 136 12.47 -15.93 -12.62
CA THR E 136 12.71 -16.99 -13.60
C THR E 136 13.63 -16.50 -14.70
N GLU E 137 13.50 -15.23 -15.11
CA GLU E 137 14.37 -14.71 -16.16
C GLU E 137 15.82 -14.72 -15.71
N VAL E 138 16.06 -14.39 -14.44
CA VAL E 138 17.42 -14.46 -13.90
C VAL E 138 17.92 -15.90 -13.95
N LYS E 139 17.11 -16.84 -13.48
CA LYS E 139 17.53 -18.25 -13.52
C LYS E 139 17.86 -18.68 -14.94
N LEU E 140 17.00 -18.35 -15.89
CA LEU E 140 17.22 -18.66 -17.29
C LEU E 140 18.55 -18.07 -17.73
N ILE E 141 18.67 -16.74 -17.74
CA ILE E 141 19.88 -16.13 -18.29
C ILE E 141 21.13 -16.70 -17.65
N GLU E 142 21.06 -17.07 -16.36
CA GLU E 142 22.18 -17.78 -15.74
C GLU E 142 22.49 -19.08 -16.48
N LEU E 143 21.51 -19.98 -16.53
CA LEU E 143 21.77 -21.30 -17.09
C LEU E 143 22.11 -21.23 -18.58
N GLU E 144 21.47 -20.30 -19.29
CA GLU E 144 21.77 -20.12 -20.69
C GLU E 144 23.16 -19.53 -20.91
N PHE E 145 23.63 -18.68 -19.99
CA PHE E 145 25.01 -18.23 -20.06
C PHE E 145 25.97 -19.39 -19.87
N LYS E 146 25.68 -20.25 -18.90
CA LYS E 146 26.50 -21.45 -18.73
C LYS E 146 26.48 -22.31 -19.98
N ASP E 147 25.32 -22.39 -20.64
CA ASP E 147 25.24 -23.15 -21.89
C ASP E 147 26.04 -22.48 -22.99
N THR E 148 26.09 -21.15 -23.02
CA THR E 148 26.95 -20.48 -23.98
C THR E 148 28.41 -20.83 -23.73
N LEU E 149 28.79 -20.91 -22.45
CA LEU E 149 30.14 -21.33 -22.12
C LEU E 149 30.41 -22.74 -22.63
N GLN E 150 29.48 -23.66 -22.38
CA GLN E 150 29.69 -25.04 -22.81
C GLN E 150 29.73 -25.15 -24.32
N GLU E 151 28.93 -24.36 -25.02
CA GLU E 151 28.93 -24.43 -26.46
C GLU E 151 30.18 -23.81 -27.04
N ALA E 152 30.69 -22.75 -26.41
CA ALA E 152 31.97 -22.19 -26.82
C ALA E 152 33.10 -23.18 -26.62
N GLU E 153 33.14 -23.88 -25.48
CA GLU E 153 34.22 -24.83 -25.26
C GLU E 153 34.09 -26.04 -26.19
N ARG E 154 32.86 -26.44 -26.50
CA ARG E 154 32.66 -27.46 -27.52
C ARG E 154 33.19 -26.98 -28.87
N LEU E 155 32.95 -25.71 -29.19
CA LEU E 155 33.41 -25.16 -30.46
C LEU E 155 34.93 -25.16 -30.55
N GLN E 156 35.59 -24.54 -29.58
CA GLN E 156 37.04 -24.41 -29.57
C GLN E 156 37.56 -24.63 -28.16
N PRO E 157 38.82 -25.07 -28.03
CA PRO E 157 39.36 -25.34 -26.70
C PRO E 157 39.71 -24.09 -25.90
N GLY E 158 40.31 -23.09 -26.56
CA GLY E 158 40.86 -21.97 -25.84
C GLY E 158 40.16 -20.65 -26.11
N TRP E 159 38.84 -20.70 -26.27
CA TRP E 159 38.07 -19.48 -26.47
C TRP E 159 36.97 -19.35 -25.43
N VAL E 160 37.32 -19.58 -24.17
CA VAL E 160 36.49 -19.17 -23.04
C VAL E 160 37.34 -18.26 -22.15
N GLN E 161 38.65 -18.51 -22.13
CA GLN E 161 39.56 -17.85 -21.21
C GLN E 161 39.62 -16.34 -21.42
N LEU E 162 40.16 -15.91 -22.56
CA LEU E 162 40.12 -14.49 -22.92
C LEU E 162 38.79 -14.10 -23.53
N PHE E 163 37.90 -15.09 -23.69
CA PHE E 163 36.66 -14.88 -24.44
C PHE E 163 35.72 -13.95 -23.70
N VAL E 164 35.45 -14.22 -22.42
CA VAL E 164 34.52 -13.36 -21.69
C VAL E 164 35.14 -11.98 -21.45
N MET E 165 36.47 -11.91 -21.34
CA MET E 165 37.15 -10.63 -21.31
C MET E 165 36.79 -9.80 -22.53
N VAL E 166 37.07 -10.33 -23.72
CA VAL E 166 36.73 -9.56 -24.91
C VAL E 166 35.23 -9.45 -25.10
N CYS E 167 34.45 -10.31 -24.44
CA CYS E 167 33.00 -10.19 -24.47
C CYS E 167 32.56 -8.89 -23.81
N LYS E 168 32.99 -8.65 -22.58
CA LYS E 168 32.66 -7.38 -21.94
C LYS E 168 33.32 -6.21 -22.66
N GLU E 169 34.49 -6.43 -23.25
CA GLU E 169 35.13 -5.39 -24.06
C GLU E 169 34.23 -4.95 -25.21
N ILE E 170 33.83 -5.90 -26.07
CA ILE E 170 32.91 -5.62 -27.16
C ILE E 170 31.60 -5.07 -26.62
N CYS E 171 31.18 -5.49 -25.43
CA CYS E 171 29.98 -4.95 -24.83
C CYS E 171 30.09 -3.44 -24.68
N PHE E 172 31.15 -2.98 -24.02
CA PHE E 172 31.30 -1.55 -23.82
C PHE E 172 31.44 -0.83 -25.15
N ASN E 173 32.20 -1.41 -26.08
CA ASN E 173 32.38 -0.76 -27.38
C ASN E 173 31.05 -0.62 -28.12
N GLN E 174 30.18 -1.63 -28.04
CA GLN E 174 28.93 -1.55 -28.78
C GLN E 174 27.97 -0.58 -28.13
N ALA E 175 27.97 -0.51 -26.80
CA ALA E 175 27.18 0.53 -26.15
C ALA E 175 27.64 1.91 -26.59
N LEU E 176 28.95 2.13 -26.60
CA LEU E 176 29.53 3.36 -27.11
C LEU E 176 29.02 3.67 -28.51
N SER E 177 29.13 2.70 -29.43
CA SER E 177 28.76 2.95 -30.82
C SER E 177 27.26 3.21 -30.95
N ARG E 178 26.44 2.47 -30.21
CA ARG E 178 25.01 2.71 -30.18
C ARG E 178 24.71 4.16 -29.84
N ARG E 179 25.22 4.61 -28.69
CA ARG E 179 24.95 6.00 -28.30
C ARG E 179 25.53 6.98 -29.31
N TYR E 180 26.71 6.67 -29.86
CA TYR E 180 27.32 7.55 -30.85
C TYR E 180 26.42 7.71 -32.06
N GLN E 181 25.68 6.66 -32.42
CA GLN E 181 24.74 6.76 -33.52
C GLN E 181 23.43 7.42 -33.11
N SER E 182 23.07 7.33 -31.83
CA SER E 182 21.79 7.86 -31.37
C SER E 182 21.65 9.36 -31.61
N ILE E 183 22.78 10.06 -31.80
CA ILE E 183 22.76 11.50 -31.96
C ILE E 183 21.88 11.91 -33.14
N LEU E 184 21.79 11.06 -34.16
CA LEU E 184 20.95 11.37 -35.31
C LEU E 184 19.50 11.51 -34.90
N LYS E 185 18.94 10.45 -34.29
CA LYS E 185 17.58 10.52 -33.80
C LYS E 185 17.40 11.69 -32.85
N ARG E 186 18.38 11.92 -31.98
CA ARG E 186 18.28 13.03 -31.03
C ARG E 186 18.03 14.35 -31.76
N LYS E 187 18.93 14.70 -32.70
CA LYS E 187 18.80 15.98 -33.36
C LYS E 187 17.54 16.05 -34.21
N GLU E 188 17.13 14.93 -34.81
CA GLU E 188 15.84 14.91 -35.51
C GLU E 188 14.72 15.35 -34.59
N VAL E 189 14.62 14.73 -33.42
CA VAL E 189 13.53 15.05 -32.50
C VAL E 189 13.58 16.51 -32.09
N CYS E 190 14.77 16.99 -31.74
CA CYS E 190 14.91 18.35 -31.24
C CYS E 190 14.48 19.37 -32.30
N ILE E 191 15.00 19.23 -33.52
CA ILE E 191 14.66 20.16 -34.56
C ILE E 191 13.17 20.07 -34.90
N LYS E 192 12.61 18.85 -34.87
CA LYS E 192 11.19 18.70 -35.17
C LYS E 192 10.34 19.50 -34.20
N GLU E 193 10.58 19.35 -32.90
CA GLU E 193 9.73 20.04 -31.94
C GLU E 193 9.96 21.54 -31.97
N TRP E 194 11.23 21.97 -31.91
CA TRP E 194 11.45 23.39 -31.70
C TRP E 194 11.39 24.22 -32.97
N GLU E 195 11.37 23.59 -34.15
CA GLU E 195 11.22 24.30 -35.42
C GLU E 195 12.31 25.35 -35.60
N LEU E 196 13.53 25.02 -35.17
CA LEU E 196 14.60 26.00 -35.16
C LEU E 196 15.04 26.39 -36.56
N LYS E 197 14.97 25.46 -37.52
CA LYS E 197 15.32 25.71 -38.92
C LYS E 197 16.77 26.17 -39.04
N ILE E 198 17.67 25.26 -38.69
CA ILE E 198 19.10 25.56 -38.74
C ILE E 198 19.54 25.82 -40.17
N ASN E 199 20.46 26.76 -40.32
CA ASN E 199 21.03 27.09 -41.63
C ASN E 199 22.12 26.09 -42.00
N ASN E 200 22.49 26.13 -43.28
CA ASN E 200 23.73 25.48 -43.70
C ASN E 200 24.94 26.14 -43.04
N ASP E 201 24.78 27.41 -42.62
CA ASP E 201 25.79 28.12 -41.86
C ASP E 201 25.38 28.17 -40.38
N GLY E 202 26.27 28.72 -39.55
CA GLY E 202 26.05 28.77 -38.12
C GLY E 202 24.79 29.51 -37.73
N ARG E 203 23.78 28.78 -37.29
CA ARG E 203 22.46 29.35 -36.99
C ARG E 203 21.58 28.34 -36.27
N THR F 3 15.73 -15.16 -41.60
CA THR F 3 15.72 -14.62 -42.95
C THR F 3 17.08 -14.05 -43.34
N LEU F 4 17.48 -14.26 -44.59
CA LEU F 4 18.74 -13.73 -45.08
C LEU F 4 18.76 -13.77 -46.60
N GLU F 5 19.23 -12.67 -47.20
CA GLU F 5 19.54 -12.60 -48.63
C GLU F 5 20.89 -11.91 -48.69
N TYR F 6 21.96 -12.69 -48.58
CA TYR F 6 23.26 -12.13 -48.20
C TYR F 6 24.27 -12.27 -49.33
N ASN F 7 25.41 -11.63 -49.13
CA ASN F 7 26.51 -11.61 -50.10
C ASN F 7 27.56 -12.61 -49.64
N ALA F 8 27.75 -13.67 -50.44
CA ALA F 8 28.81 -14.64 -50.19
C ALA F 8 30.09 -14.29 -50.93
N ASN F 9 30.01 -13.47 -51.97
CA ASN F 9 31.21 -13.03 -52.67
C ASN F 9 32.13 -12.27 -51.72
N SER F 10 31.65 -11.14 -51.18
CA SER F 10 32.38 -10.48 -50.12
C SER F 10 32.12 -11.11 -48.76
N LYS F 11 31.36 -12.21 -48.72
CA LYS F 11 31.06 -12.93 -47.48
C LYS F 11 30.45 -12.00 -46.44
N LEU F 12 29.41 -11.28 -46.84
CA LEU F 12 28.74 -10.32 -45.98
C LEU F 12 27.28 -10.71 -45.84
N ILE F 13 26.84 -10.87 -44.59
CA ILE F 13 25.49 -11.32 -44.29
C ILE F 13 24.52 -10.15 -44.32
N THR F 14 23.28 -10.42 -44.71
CA THR F 14 22.19 -9.45 -44.67
C THR F 14 20.88 -10.22 -44.69
N ALA F 15 19.88 -9.67 -44.03
CA ALA F 15 18.55 -10.24 -44.02
C ALA F 15 17.67 -9.48 -45.02
N SER F 16 16.38 -9.80 -45.01
CA SER F 16 15.45 -9.25 -45.99
C SER F 16 15.37 -7.73 -45.90
N ASP F 17 14.70 -7.14 -46.88
CA ASP F 17 14.53 -5.69 -46.99
C ASP F 17 13.04 -5.37 -46.92
N ALA F 18 12.53 -5.24 -45.69
CA ALA F 18 11.13 -5.02 -45.41
C ALA F 18 11.05 -4.39 -44.02
N VAL F 19 9.87 -4.44 -43.40
CA VAL F 19 9.74 -4.00 -42.02
C VAL F 19 10.79 -4.71 -41.17
N VAL F 20 11.52 -3.96 -40.35
CA VAL F 20 12.65 -4.48 -39.59
C VAL F 20 12.70 -3.82 -38.21
N ALA F 21 13.06 -4.63 -37.22
CA ALA F 21 13.22 -4.16 -35.85
C ALA F 21 14.66 -3.75 -35.58
N LEU F 22 14.87 -3.08 -34.45
CA LEU F 22 16.17 -2.47 -34.16
C LEU F 22 17.25 -3.53 -34.01
N SER F 23 17.06 -4.45 -33.06
CA SER F 23 18.05 -5.49 -32.77
C SER F 23 18.54 -6.16 -34.04
N THR F 24 17.67 -6.26 -35.05
CA THR F 24 18.05 -6.84 -36.32
C THR F 24 19.25 -6.11 -36.88
N GLU F 25 19.08 -4.83 -37.22
CA GLU F 25 20.17 -4.09 -37.83
C GLU F 25 21.36 -3.98 -36.90
N THR F 26 21.11 -3.83 -35.60
CA THR F 26 22.20 -3.84 -34.64
C THR F 26 23.10 -5.05 -34.85
N ASN F 27 22.53 -6.24 -34.70
CA ASN F 27 23.33 -7.46 -34.81
C ASN F 27 23.92 -7.61 -36.20
N ILE F 28 23.20 -7.19 -37.24
CA ILE F 28 23.75 -7.26 -38.58
C ILE F 28 25.07 -6.52 -38.65
N ASP F 29 25.04 -5.21 -38.38
CA ASP F 29 26.25 -4.42 -38.49
C ASP F 29 27.32 -4.92 -37.52
N GLN F 30 26.91 -5.42 -36.36
CA GLN F 30 27.87 -5.91 -35.39
C GLN F 30 28.62 -7.11 -35.93
N ILE F 31 27.90 -8.15 -36.35
CA ILE F 31 28.57 -9.34 -36.85
C ILE F 31 29.36 -9.01 -38.12
N ASN F 32 28.89 -8.04 -38.90
CA ASN F 32 29.64 -7.61 -40.07
C ASN F 32 31.01 -7.10 -39.66
N VAL F 33 31.05 -6.11 -38.76
CA VAL F 33 32.34 -5.52 -38.38
C VAL F 33 33.18 -6.52 -37.62
N LEU F 34 32.56 -7.45 -36.90
CA LEU F 34 33.31 -8.50 -36.24
C LEU F 34 34.03 -9.40 -37.24
N THR F 35 33.32 -9.80 -38.30
CA THR F 35 33.95 -10.66 -39.30
C THR F 35 35.04 -9.91 -40.06
N THR F 36 34.81 -8.63 -40.37
CA THR F 36 35.87 -7.81 -40.93
C THR F 36 37.06 -7.75 -39.99
N SER F 37 36.81 -7.71 -38.69
CA SER F 37 37.89 -7.73 -37.71
C SER F 37 38.66 -9.04 -37.78
N LEU F 38 37.94 -10.15 -37.87
CA LEU F 38 38.61 -11.46 -37.92
C LEU F 38 39.48 -11.58 -39.16
N ILE F 39 38.99 -11.09 -40.30
CA ILE F 39 39.78 -11.22 -41.53
C ILE F 39 40.90 -10.19 -41.57
N GLY F 40 40.72 -9.02 -40.95
CA GLY F 40 41.83 -8.09 -40.82
C GLY F 40 42.87 -8.55 -39.83
N GLU F 41 42.47 -9.45 -38.91
CA GLU F 41 43.43 -10.03 -37.98
C GLU F 41 44.23 -11.14 -38.65
N THR F 42 43.54 -12.08 -39.29
CA THR F 42 44.17 -13.27 -39.90
C THR F 42 45.07 -13.97 -38.88
N ASN F 43 44.60 -14.05 -37.63
CA ASN F 43 45.33 -14.71 -36.57
C ASN F 43 44.31 -15.24 -35.58
N PRO F 44 44.19 -16.57 -35.44
CA PRO F 44 43.22 -17.12 -34.48
C PRO F 44 43.40 -16.58 -33.08
N ASN F 45 44.63 -16.36 -32.66
CA ASN F 45 44.91 -15.73 -31.38
C ASN F 45 45.04 -14.22 -31.61
N PHE F 46 44.04 -13.48 -31.15
CA PHE F 46 44.05 -12.03 -31.17
C PHE F 46 44.80 -11.52 -29.94
N THR F 47 44.68 -10.22 -29.66
CA THR F 47 45.18 -9.64 -28.43
C THR F 47 44.42 -8.34 -28.21
N PRO F 48 44.01 -8.03 -26.98
CA PRO F 48 43.31 -6.76 -26.73
C PRO F 48 44.18 -5.54 -27.00
N GLN F 49 45.40 -5.73 -27.47
CA GLN F 49 46.20 -4.58 -27.87
C GLN F 49 45.88 -4.19 -29.31
N PRO F 50 45.78 -2.90 -29.60
CA PRO F 50 45.50 -2.45 -30.97
C PRO F 50 46.78 -2.23 -31.76
N ASN F 51 46.64 -1.75 -33.00
CA ASN F 51 47.81 -1.39 -33.79
C ASN F 51 48.29 -0.01 -33.35
N GLU F 52 49.46 0.02 -32.70
CA GLU F 52 50.09 1.30 -32.40
C GLU F 52 50.45 2.04 -33.68
N ALA F 53 50.73 1.30 -34.75
CA ALA F 53 51.00 1.95 -36.04
C ALA F 53 49.78 2.69 -36.54
N LEU F 54 48.62 2.02 -36.57
CA LEU F 54 47.39 2.68 -36.98
C LEU F 54 47.05 3.84 -36.06
N SER F 55 47.18 3.63 -34.75
CA SER F 55 46.94 4.72 -33.80
C SER F 55 47.85 5.90 -34.09
N LYS F 56 49.11 5.64 -34.47
CA LYS F 56 50.04 6.71 -34.78
C LYS F 56 49.69 7.40 -36.09
N MET F 57 49.11 6.66 -37.04
CA MET F 57 48.60 7.31 -38.23
C MET F 57 47.44 8.24 -37.90
N ILE F 58 46.55 7.81 -37.01
CA ILE F 58 45.46 8.67 -36.56
C ILE F 58 46.03 9.91 -35.87
N LYS F 59 47.05 9.72 -35.02
CA LYS F 59 47.64 10.85 -34.32
C LYS F 59 48.35 11.79 -35.28
N GLY F 60 48.94 11.25 -36.34
CA GLY F 60 49.52 12.10 -37.36
C GLY F 60 48.46 12.89 -38.10
N LEU F 61 47.31 12.28 -38.35
CA LEU F 61 46.18 13.02 -38.90
C LEU F 61 45.76 14.14 -37.96
N PHE F 62 45.81 13.88 -36.66
CA PHE F 62 45.43 14.90 -35.70
C PHE F 62 46.45 16.03 -35.63
N GLU F 63 47.74 15.69 -35.74
CA GLU F 63 48.76 16.73 -35.83
C GLU F 63 48.59 17.54 -37.10
N SER F 64 48.17 16.89 -38.19
CA SER F 64 47.88 17.62 -39.42
C SER F 64 46.70 18.55 -39.22
N GLY F 65 45.71 18.13 -38.44
CA GLY F 65 44.61 19.02 -38.12
C GLY F 65 45.05 20.20 -37.27
N MET F 66 45.98 19.96 -36.35
CA MET F 66 46.51 21.06 -35.55
C MET F 66 47.30 22.03 -36.41
N LYS F 67 48.05 21.51 -37.38
CA LYS F 67 48.72 22.37 -38.36
C LYS F 67 47.71 23.13 -39.20
N ASN F 68 46.59 22.50 -39.53
CA ASN F 68 45.55 23.17 -40.32
C ASN F 68 44.92 24.30 -39.52
N LEU F 69 44.76 24.11 -38.22
CA LEU F 69 44.41 25.23 -37.34
C LEU F 69 45.52 26.27 -37.34
N GLN F 70 46.77 25.83 -37.37
CA GLN F 70 47.91 26.75 -37.43
C GLN F 70 47.85 27.65 -38.66
N GLN F 71 47.31 27.14 -39.76
CA GLN F 71 47.05 27.99 -40.92
C GLN F 71 45.97 29.03 -40.67
N LYS F 72 45.41 29.09 -39.45
CA LYS F 72 44.26 29.93 -39.15
C LYS F 72 43.08 29.60 -40.06
N LYS F 73 43.02 28.36 -40.53
CA LYS F 73 41.91 27.85 -41.32
C LYS F 73 41.12 26.89 -40.45
N LEU F 74 39.90 27.29 -40.08
CA LEU F 74 39.13 26.50 -39.13
C LEU F 74 38.23 25.47 -39.80
N ASN F 75 37.68 25.80 -40.98
CA ASN F 75 36.74 24.88 -41.63
C ASN F 75 37.44 23.60 -42.09
N GLU F 76 38.55 23.75 -42.80
CA GLU F 76 39.30 22.56 -43.21
C GLU F 76 39.82 21.79 -42.01
N ALA F 77 40.18 22.49 -40.93
CA ALA F 77 40.58 21.82 -39.70
C ALA F 77 39.44 20.95 -39.17
N LEU F 78 38.23 21.52 -39.12
CA LEU F 78 37.05 20.75 -38.72
C LEU F 78 36.86 19.54 -39.62
N LYS F 79 37.08 19.71 -40.93
CA LYS F 79 36.93 18.58 -41.84
C LYS F 79 37.92 17.46 -41.51
N ASN F 80 39.19 17.83 -41.39
CA ASN F 80 40.23 16.83 -41.11
C ASN F 80 39.94 16.10 -39.81
N VAL F 81 39.57 16.85 -38.77
CA VAL F 81 39.38 16.22 -37.47
C VAL F 81 38.06 15.43 -37.43
N SER F 82 37.07 15.81 -38.24
CA SER F 82 35.87 14.98 -38.37
C SER F 82 36.20 13.65 -39.04
N LEU F 83 37.00 13.70 -40.10
CA LEU F 83 37.49 12.46 -40.71
C LEU F 83 38.24 11.63 -39.68
N ALA F 84 39.00 12.29 -38.80
CA ALA F 84 39.69 11.56 -37.74
C ALA F 84 38.69 10.84 -36.84
N ILE F 85 37.67 11.56 -36.38
CA ILE F 85 36.63 10.94 -35.55
C ILE F 85 36.08 9.70 -36.23
N GLU F 86 35.69 9.83 -37.49
CA GLU F 86 35.00 8.72 -38.16
C GLU F 86 35.93 7.53 -38.36
N MET F 87 37.12 7.78 -38.92
CA MET F 87 38.05 6.69 -39.18
C MET F 87 38.48 6.00 -37.89
N ALA F 88 38.53 6.73 -36.78
CA ALA F 88 38.85 6.08 -35.51
C ALA F 88 37.65 5.30 -34.97
N GLN F 89 36.43 5.83 -35.15
CA GLN F 89 35.23 5.10 -34.76
C GLN F 89 35.12 3.79 -35.51
N ARG F 90 35.64 3.74 -36.74
CA ARG F 90 35.53 2.54 -37.56
C ARG F 90 36.70 1.57 -37.34
N LYS F 91 37.93 2.06 -37.47
CA LYS F 91 39.09 1.20 -37.68
C LYS F 91 39.69 0.65 -36.39
N ARG F 92 38.93 0.56 -35.30
CA ARG F 92 39.43 -0.06 -34.07
C ARG F 92 38.43 -1.09 -33.59
N ALA F 93 38.93 -2.29 -33.27
CA ALA F 93 38.08 -3.40 -32.89
C ALA F 93 37.35 -3.10 -31.58
N PRO F 94 36.27 -3.84 -31.30
CA PRO F 94 35.56 -3.66 -30.02
C PRO F 94 36.28 -4.30 -28.85
N TRP F 95 37.57 -4.63 -29.00
CA TRP F 95 38.34 -5.13 -27.85
C TRP F 95 39.74 -4.55 -27.82
N GLU F 96 39.97 -3.39 -28.41
CA GLU F 96 41.29 -2.78 -28.42
C GLU F 96 41.57 -2.07 -27.10
N ALA F 97 42.60 -1.22 -27.08
CA ALA F 97 43.09 -0.63 -25.83
C ALA F 97 42.03 0.29 -25.23
N PHE F 98 41.40 -0.20 -24.16
CA PHE F 98 40.49 0.62 -23.38
C PHE F 98 41.22 1.82 -22.79
N ALA F 99 42.54 1.69 -22.60
CA ALA F 99 43.35 2.75 -22.01
C ALA F 99 43.52 3.94 -22.95
N ILE F 100 43.19 3.79 -24.23
CA ILE F 100 43.27 4.90 -25.16
C ILE F 100 41.93 5.23 -25.80
N GLN F 101 40.98 4.29 -25.86
CA GLN F 101 39.75 4.53 -26.62
C GLN F 101 39.01 5.79 -26.17
N LEU F 102 38.52 5.80 -24.93
CA LEU F 102 37.78 6.97 -24.45
C LEU F 102 38.69 8.16 -24.12
N PRO F 103 39.95 7.96 -23.68
CA PRO F 103 40.83 9.14 -23.54
C PRO F 103 41.00 9.90 -24.85
N GLU F 104 41.44 9.19 -25.89
CA GLU F 104 41.53 9.80 -27.20
C GLU F 104 40.17 10.26 -27.69
N LEU F 105 39.11 9.52 -27.36
CA LEU F 105 37.75 9.94 -27.69
C LEU F 105 37.49 11.36 -27.20
N HIS F 106 37.70 11.59 -25.91
CA HIS F 106 37.43 12.91 -25.35
C HIS F 106 38.42 13.94 -25.85
N PHE F 107 39.67 13.54 -26.13
CA PHE F 107 40.61 14.42 -26.80
C PHE F 107 40.02 14.99 -28.08
N MET F 108 39.69 14.09 -29.02
CA MET F 108 38.98 14.48 -30.22
C MET F 108 37.81 15.38 -29.87
N LEU F 109 36.85 14.87 -29.09
CA LEU F 109 35.56 15.52 -28.95
C LEU F 109 35.70 16.92 -28.36
N ARG F 110 36.66 17.13 -27.46
CA ARG F 110 36.85 18.47 -26.91
C ARG F 110 37.42 19.41 -27.96
N SER F 111 38.43 18.96 -28.72
CA SER F 111 38.91 19.80 -29.80
C SER F 111 37.80 20.10 -30.79
N LYS F 112 36.95 19.11 -31.05
CA LYS F 112 35.82 19.28 -31.96
C LYS F 112 34.87 20.35 -31.45
N ILE F 113 34.43 20.22 -30.20
CA ILE F 113 33.43 21.13 -29.68
C ILE F 113 33.97 22.56 -29.67
N ASP F 114 35.23 22.73 -29.28
CA ASP F 114 35.77 24.10 -29.24
C ASP F 114 35.90 24.67 -30.66
N LEU F 115 36.44 23.88 -31.58
CA LEU F 115 36.63 24.39 -32.93
C LEU F 115 35.30 24.70 -33.60
N CYS F 116 34.27 23.87 -33.35
CA CYS F 116 32.97 24.10 -33.99
C CYS F 116 32.25 25.27 -33.34
N LEU F 117 32.38 25.41 -32.01
CA LEU F 117 31.85 26.58 -31.33
C LEU F 117 32.41 27.85 -31.96
N ILE F 118 33.73 27.93 -32.11
CA ILE F 118 34.31 29.13 -32.69
C ILE F 118 33.96 29.23 -34.18
N LEU F 119 33.79 28.11 -34.87
CA LEU F 119 33.45 28.14 -36.28
C LEU F 119 32.05 28.69 -36.50
N GLY F 120 31.16 28.51 -35.52
CA GLY F 120 29.85 29.13 -35.60
C GLY F 120 28.65 28.21 -35.41
N LYS F 121 28.70 27.00 -35.97
CA LYS F 121 27.59 26.08 -35.80
C LYS F 121 27.50 25.63 -34.35
N HIS F 122 26.26 25.48 -33.87
CA HIS F 122 26.07 25.17 -32.46
C HIS F 122 25.06 24.08 -32.16
N LEU F 123 24.17 23.69 -33.08
CA LEU F 123 23.23 22.63 -32.75
C LEU F 123 23.95 21.28 -32.63
N GLU F 124 24.71 20.91 -33.64
CA GLU F 124 25.54 19.71 -33.54
C GLU F 124 26.48 19.79 -32.35
N ALA F 125 26.96 20.99 -32.05
CA ALA F 125 27.78 21.20 -30.85
C ALA F 125 27.01 20.78 -29.59
N LEU F 126 25.80 21.30 -29.43
CA LEU F 126 24.93 20.88 -28.33
C LEU F 126 24.80 19.37 -28.28
N GLN F 127 24.68 18.74 -29.45
CA GLN F 127 24.52 17.28 -29.46
C GLN F 127 25.77 16.60 -28.94
N ASP F 128 26.95 17.06 -29.39
CA ASP F 128 28.19 16.50 -28.87
C ASP F 128 28.26 16.64 -27.36
N LEU F 129 27.81 17.78 -26.84
CA LEU F 129 27.87 17.99 -25.40
C LEU F 129 26.92 17.06 -24.66
N ASP F 130 25.69 16.92 -25.16
CA ASP F 130 24.75 15.98 -24.53
C ASP F 130 25.32 14.58 -24.54
N PHE F 131 25.95 14.17 -25.65
CA PHE F 131 26.52 12.82 -25.74
C PHE F 131 27.65 12.64 -24.72
N LEU F 132 28.60 13.56 -24.72
CA LEU F 132 29.73 13.42 -23.81
C LEU F 132 29.27 13.46 -22.36
N LEU F 133 28.22 14.23 -22.08
CA LEU F 133 27.63 14.24 -20.75
C LEU F 133 27.09 12.86 -20.40
N GLY F 134 26.33 12.26 -21.31
CA GLY F 134 25.92 10.89 -21.12
C GLY F 134 27.09 9.98 -20.81
N THR F 135 28.21 10.19 -21.51
CA THR F 135 29.41 9.41 -21.21
C THR F 135 29.91 9.70 -19.80
N GLY F 136 29.64 10.88 -19.26
CA GLY F 136 30.02 11.18 -17.89
C GLY F 136 31.34 11.90 -17.70
N LEU F 137 31.49 13.06 -18.33
CA LEU F 137 32.69 13.87 -18.17
C LEU F 137 32.32 15.21 -17.54
N ILE F 138 31.59 15.16 -16.43
CA ILE F 138 31.14 16.38 -15.76
C ILE F 138 32.36 17.23 -15.43
N GLN F 139 32.44 18.40 -16.05
CA GLN F 139 33.55 19.30 -15.85
C GLN F 139 33.03 20.72 -15.98
N PRO F 140 33.57 21.65 -15.19
CA PRO F 140 33.18 23.05 -15.34
C PRO F 140 33.19 23.52 -16.78
N ASP F 141 34.25 23.24 -17.54
CA ASP F 141 34.31 23.70 -18.92
C ASP F 141 33.19 23.09 -19.76
N VAL F 142 32.89 21.81 -19.53
CA VAL F 142 31.77 21.18 -20.21
C VAL F 142 30.49 21.96 -19.96
N PHE F 143 30.25 22.32 -18.70
CA PHE F 143 29.02 23.03 -18.39
C PHE F 143 29.02 24.45 -18.96
N VAL F 144 30.19 25.10 -18.98
CA VAL F 144 30.30 26.41 -19.64
C VAL F 144 29.86 26.30 -21.09
N ARG F 145 30.41 25.31 -21.80
CA ARG F 145 30.07 25.16 -23.21
C ARG F 145 28.58 24.88 -23.38
N LYS F 146 28.02 23.98 -22.57
CA LYS F 146 26.61 23.63 -22.74
C LYS F 146 25.72 24.84 -22.48
N ALA F 147 26.05 25.65 -21.47
CA ALA F 147 25.18 26.77 -21.13
C ALA F 147 25.28 27.86 -22.18
N ASP F 148 26.51 28.15 -22.64
CA ASP F 148 26.68 29.07 -23.75
C ASP F 148 25.84 28.64 -24.93
N CYS F 149 25.90 27.35 -25.28
CA CYS F 149 25.18 26.86 -26.45
C CYS F 149 23.68 26.97 -26.24
N LEU F 150 23.19 26.60 -25.07
CA LEU F 150 21.75 26.62 -24.82
C LEU F 150 21.19 28.02 -24.90
N LEU F 151 21.86 28.98 -24.25
CA LEU F 151 21.39 30.35 -24.32
C LEU F 151 21.51 30.88 -25.75
N LYS F 152 22.58 30.54 -26.45
CA LYS F 152 22.71 30.90 -27.85
C LYS F 152 21.60 30.29 -28.69
N LEU F 153 20.95 29.24 -28.20
CA LEU F 153 19.80 28.65 -28.86
C LEU F 153 18.48 29.09 -28.25
N ARG F 154 18.52 30.05 -27.33
CA ARG F 154 17.33 30.77 -26.89
C ARG F 154 16.28 29.83 -26.30
N GLN F 155 16.61 29.21 -25.17
CA GLN F 155 15.65 28.52 -24.35
C GLN F 155 16.22 28.40 -22.93
N TRP F 156 15.34 28.52 -21.94
CA TRP F 156 15.75 28.98 -20.61
C TRP F 156 15.64 27.95 -19.51
N GLU F 157 14.53 27.21 -19.43
CA GLU F 157 14.33 26.29 -18.31
C GLU F 157 15.43 25.24 -18.24
N GLU F 158 15.69 24.58 -19.37
CA GLU F 158 16.70 23.53 -19.41
C GLU F 158 18.09 24.09 -19.15
N ALA F 159 18.35 25.32 -19.60
CA ALA F 159 19.63 25.94 -19.29
C ALA F 159 19.78 26.17 -17.80
N ARG F 160 18.70 26.64 -17.16
CA ARG F 160 18.70 26.78 -15.71
C ARG F 160 19.01 25.46 -15.03
N ALA F 161 18.34 24.39 -15.48
CA ALA F 161 18.53 23.09 -14.86
C ALA F 161 19.97 22.60 -15.01
N THR F 162 20.52 22.71 -16.22
CA THR F 162 21.85 22.16 -16.48
C THR F 162 22.93 23.00 -15.80
N CYS F 163 22.76 24.33 -15.77
CA CYS F 163 23.74 25.15 -15.08
C CYS F 163 23.63 24.96 -13.58
N GLU F 164 22.44 24.63 -13.08
CA GLU F 164 22.31 24.18 -11.71
C GLU F 164 23.15 22.94 -11.46
N ARG F 165 22.93 21.89 -12.27
CA ARG F 165 23.66 20.65 -12.09
C ARG F 165 25.17 20.90 -12.12
N GLY F 166 25.61 21.83 -12.96
CA GLY F 166 27.01 22.23 -12.92
C GLY F 166 27.36 22.98 -11.65
N LEU F 167 26.42 23.78 -11.14
CA LEU F 167 26.65 24.60 -9.95
C LEU F 167 26.72 23.74 -8.70
N ALA F 168 26.24 22.51 -8.76
CA ALA F 168 26.25 21.64 -7.58
C ALA F 168 27.64 21.17 -7.20
N LEU F 169 28.67 21.53 -7.96
CA LEU F 169 30.04 21.06 -7.69
C LEU F 169 31.01 22.17 -7.35
N ALA F 170 30.95 23.31 -8.04
CA ALA F 170 31.91 24.40 -7.85
C ALA F 170 31.22 25.75 -7.99
N PRO F 171 30.54 26.22 -6.94
CA PRO F 171 30.04 27.59 -6.94
C PRO F 171 31.10 28.65 -6.72
N GLU F 172 32.36 28.26 -6.56
CA GLU F 172 33.43 29.18 -6.18
C GLU F 172 33.99 29.98 -7.35
N ASP F 173 33.74 29.56 -8.58
CA ASP F 173 34.19 30.32 -9.74
C ASP F 173 33.21 31.47 -10.00
N MET F 174 33.40 32.19 -11.10
CA MET F 174 32.56 33.33 -11.43
C MET F 174 31.99 33.29 -12.83
N LYS F 175 32.56 32.52 -13.75
CA LYS F 175 32.04 32.47 -15.11
C LYS F 175 30.62 31.92 -15.11
N LEU F 176 30.41 30.78 -14.44
CA LEU F 176 29.08 30.20 -14.37
C LEU F 176 28.10 31.11 -13.66
N ARG F 177 28.56 31.85 -12.64
CA ARG F 177 27.67 32.77 -11.95
C ARG F 177 27.27 33.94 -12.87
N ALA F 178 28.20 34.38 -13.71
CA ALA F 178 27.85 35.37 -14.72
C ALA F 178 26.82 34.82 -15.68
N LEU F 179 27.00 33.58 -16.12
CA LEU F 179 25.96 32.94 -16.93
C LEU F 179 24.63 32.90 -16.20
N LEU F 180 24.68 32.73 -14.88
CA LEU F 180 23.46 32.70 -14.09
C LEU F 180 22.78 34.07 -14.06
N ILE F 181 23.57 35.14 -13.97
CA ILE F 181 22.94 36.46 -14.03
C ILE F 181 22.38 36.72 -15.42
N GLU F 182 23.07 36.20 -16.45
CA GLU F 182 22.57 36.29 -17.82
C GLU F 182 21.19 35.65 -17.90
N THR F 183 21.10 34.37 -17.57
CA THR F 183 19.82 33.67 -17.64
C THR F 183 18.79 34.27 -16.69
N ALA F 184 19.23 34.87 -15.59
CA ALA F 184 18.30 35.48 -14.65
C ALA F 184 17.60 36.67 -15.30
N ARG F 185 18.36 37.63 -15.81
CA ARG F 185 17.74 38.76 -16.49
C ARG F 185 16.97 38.29 -17.72
N ASN F 186 17.47 37.25 -18.41
CA ASN F 186 16.80 36.76 -19.61
C ASN F 186 15.43 36.18 -19.30
N LEU F 187 15.33 35.36 -18.26
CA LEU F 187 14.03 34.82 -17.88
C LEU F 187 13.12 35.91 -17.31
N ALA F 188 13.69 36.85 -16.54
CA ALA F 188 12.88 37.96 -16.06
C ALA F 188 12.24 38.71 -17.22
N GLU F 189 12.98 38.87 -18.32
CA GLU F 189 12.42 39.52 -19.49
C GLU F 189 11.46 38.60 -20.23
N TYR F 190 11.80 37.32 -20.31
CA TYR F 190 10.90 36.31 -20.86
C TYR F 190 9.52 36.45 -20.27
N ASN F 191 9.43 36.42 -18.95
CA ASN F 191 8.17 36.64 -18.26
C ASN F 191 7.64 38.04 -18.55
N GLY F 192 8.39 39.06 -18.14
CA GLY F 192 8.00 40.43 -18.39
C GLY F 192 8.23 40.85 -19.83
N UNK G 275 22.94 -35.69 23.20
CA UNK G 275 21.81 -36.41 22.64
C UNK G 275 20.65 -36.43 23.63
N UNK G 276 20.65 -35.48 24.57
CA UNK G 276 19.54 -35.37 25.51
C UNK G 276 18.23 -35.05 24.82
N UNK G 277 18.28 -34.72 23.53
CA UNK G 277 17.06 -34.46 22.76
C UNK G 277 16.10 -35.63 22.84
N UNK G 278 16.63 -36.86 22.88
CA UNK G 278 15.77 -38.03 23.01
C UNK G 278 14.90 -37.94 24.25
N UNK G 279 15.51 -37.73 25.41
CA UNK G 279 14.76 -37.68 26.66
C UNK G 279 13.85 -36.45 26.71
N UNK G 280 14.31 -35.32 26.17
CA UNK G 280 13.47 -34.12 26.19
C UNK G 280 12.20 -34.32 25.37
N UNK G 281 12.35 -34.84 24.14
CA UNK G 281 11.19 -35.10 23.30
C UNK G 281 10.30 -36.17 23.90
N UNK G 282 10.90 -37.18 24.53
CA UNK G 282 10.11 -38.20 25.20
C UNK G 282 9.28 -37.59 26.32
N UNK G 283 9.86 -36.64 27.06
CA UNK G 283 9.12 -35.98 28.13
C UNK G 283 7.97 -35.14 27.58
N UNK G 284 8.22 -34.39 26.50
CA UNK G 284 7.15 -33.58 25.92
C UNK G 284 6.01 -34.46 25.40
N UNK G 285 6.33 -35.42 24.55
CA UNK G 285 5.31 -36.33 24.04
C UNK G 285 4.62 -37.08 25.16
N UNK G 286 5.35 -37.37 26.25
CA UNK G 286 4.74 -38.00 27.40
C UNK G 286 3.70 -37.09 28.03
N UNK G 287 4.02 -35.82 28.19
CA UNK G 287 3.05 -34.88 28.74
C UNK G 287 1.79 -34.85 27.89
N UNK G 288 1.95 -34.79 26.57
CA UNK G 288 0.79 -34.72 25.70
C UNK G 288 -0.03 -36.01 25.76
N UNK G 289 0.58 -37.14 25.45
CA UNK G 289 -0.11 -38.41 25.54
C UNK G 289 -0.64 -38.67 26.94
N UNK G 290 -0.13 -37.97 27.94
CA UNK G 290 -0.61 -38.12 29.30
C UNK G 290 -1.91 -37.35 29.51
N UNK G 291 -1.98 -36.13 28.99
CA UNK G 291 -3.28 -35.48 28.87
C UNK G 291 -4.28 -36.43 28.24
N UNK G 292 -3.89 -37.03 27.12
CA UNK G 292 -4.77 -37.99 26.43
C UNK G 292 -5.19 -39.12 27.36
N UNK G 293 -4.22 -39.82 27.95
CA UNK G 293 -4.51 -41.04 28.71
C UNK G 293 -5.30 -40.75 29.97
N UNK G 294 -4.83 -39.82 30.80
CA UNK G 294 -5.54 -39.49 32.03
C UNK G 294 -6.94 -38.95 31.75
N UNK G 295 -7.14 -38.31 30.59
CA UNK G 295 -8.50 -38.03 30.15
C UNK G 295 -9.31 -39.33 30.09
N UNK G 296 -8.72 -40.37 29.48
CA UNK G 296 -9.38 -41.67 29.44
C UNK G 296 -9.23 -42.41 30.76
N UNK G 297 -8.03 -42.37 31.34
CA UNK G 297 -7.78 -43.03 32.61
C UNK G 297 -7.38 -42.04 33.70
N UNK G 298 -7.95 -42.51 44.96
CA UNK G 298 -6.97 -42.91 43.97
C UNK G 298 -5.76 -42.00 43.99
N UNK G 299 -4.69 -42.42 43.30
CA UNK G 299 -3.48 -41.61 43.22
C UNK G 299 -3.77 -40.25 42.57
N UNK G 300 -4.77 -40.20 41.69
CA UNK G 300 -5.15 -38.93 41.06
C UNK G 300 -5.55 -37.91 42.11
N UNK G 301 -6.60 -38.22 42.88
CA UNK G 301 -7.04 -37.31 43.92
C UNK G 301 -5.96 -37.10 44.99
N UNK G 302 -5.15 -38.13 45.24
CA UNK G 302 -4.07 -37.98 46.20
C UNK G 302 -3.10 -36.88 45.76
N UNK G 303 -2.68 -36.92 44.49
CA UNK G 303 -1.77 -35.91 43.98
C UNK G 303 -2.43 -34.53 43.91
N UNK G 304 -3.73 -34.49 43.58
CA UNK G 304 -4.45 -33.22 43.55
C UNK G 304 -4.46 -32.58 44.93
N UNK G 305 -4.80 -33.36 45.95
CA UNK G 305 -4.78 -32.87 47.31
C UNK G 305 -3.37 -32.54 47.76
N UNK G 306 -2.37 -33.25 47.25
CA UNK G 306 -0.98 -32.92 47.57
C UNK G 306 -0.62 -31.52 47.06
N UNK G 307 -0.97 -31.23 45.81
CA UNK G 307 -0.73 -29.90 45.25
C UNK G 307 -1.47 -28.83 46.03
N UNK G 308 -2.77 -29.08 46.30
CA UNK G 308 -3.55 -28.13 47.08
C UNK G 308 -2.93 -27.89 48.46
N UNK G 309 -2.41 -28.96 49.08
CA UNK G 309 -1.81 -28.84 50.41
C UNK G 309 -0.53 -28.03 50.36
N UNK G 310 0.29 -28.23 49.34
CA UNK G 310 1.50 -27.43 49.20
C UNK G 310 1.15 -25.95 49.02
N UNK G 311 0.14 -25.67 48.20
CA UNK G 311 -0.26 -24.27 48.00
C UNK G 311 -0.80 -23.67 49.28
N UNK G 312 -1.60 -24.43 50.03
CA UNK G 312 -2.13 -23.93 51.29
C UNK G 312 -1.01 -23.68 52.30
N UNK G 313 0.00 -24.57 52.32
CA UNK G 313 1.14 -24.36 53.22
C UNK G 313 1.91 -23.11 52.83
N UNK G 314 2.04 -22.84 51.53
CA UNK G 314 2.71 -21.62 51.10
C UNK G 314 1.92 -20.39 51.54
N UNK G 315 0.62 -20.39 51.30
CA UNK G 315 -0.21 -19.27 51.74
C UNK G 315 -0.16 -19.10 53.25
N UNK G 316 -0.03 -20.21 53.99
CA UNK G 316 0.07 -20.13 55.43
C UNK G 316 1.39 -19.51 55.87
N UNK G 317 2.50 -19.91 55.24
CA UNK G 317 3.77 -19.26 55.51
C UNK G 317 3.66 -17.77 55.25
N UNK G 318 2.98 -17.38 54.18
CA UNK G 318 2.79 -15.97 53.89
C UNK G 318 2.02 -15.28 55.02
N UNK G 319 0.88 -15.85 55.40
CA UNK G 319 0.05 -15.23 56.43
C UNK G 319 0.78 -15.16 57.77
N UNK G 320 1.76 -16.00 58.00
CA UNK G 320 2.50 -15.85 59.27
C UNK G 320 3.39 -14.59 59.21
N UNK G 321 3.81 -14.27 58.00
CA UNK G 321 4.69 -13.13 57.75
C UNK G 321 4.10 -11.80 58.15
N UNK G 322 2.81 -11.61 57.94
CA UNK G 322 2.18 -10.36 58.30
C UNK G 322 2.32 -10.19 59.81
N UNK G 323 2.00 -11.25 60.55
CA UNK G 323 2.13 -11.28 62.01
C UNK G 323 3.52 -10.84 62.37
N UNK G 324 4.58 -11.41 61.79
CA UNK G 324 5.92 -10.93 62.18
C UNK G 324 6.16 -9.45 61.85
N UNK H 166 9.66 -13.20 47.46
CA UNK H 166 8.37 -12.59 47.18
C UNK H 166 8.05 -12.68 45.70
N UNK H 167 9.06 -12.45 44.85
CA UNK H 167 8.85 -12.49 43.41
C UNK H 167 8.52 -13.91 42.95
N UNK H 168 9.33 -14.88 43.37
CA UNK H 168 9.15 -16.25 42.90
C UNK H 168 7.83 -16.85 43.36
N UNK H 169 7.39 -16.53 44.58
CA UNK H 169 6.11 -17.01 45.05
C UNK H 169 4.98 -16.49 44.17
N UNK H 170 5.04 -15.21 43.80
CA UNK H 170 4.04 -14.65 42.89
C UNK H 170 4.12 -15.31 41.52
N UNK H 171 5.35 -15.54 41.03
CA UNK H 171 5.51 -16.15 39.72
C UNK H 171 4.92 -17.55 39.68
N UNK H 172 5.05 -18.30 40.77
CA UNK H 172 4.46 -19.64 40.86
C UNK H 172 2.95 -19.59 41.00
N UNK H 173 2.43 -18.68 41.83
CA UNK H 173 0.99 -18.56 41.98
C UNK H 173 0.31 -18.04 40.73
N UNK H 174 1.05 -17.37 39.85
CA UNK H 174 0.44 -16.78 38.66
C UNK H 174 0.64 -17.64 37.42
N UNK H 175 1.81 -18.24 37.25
CA UNK H 175 2.20 -18.91 36.00
C UNK H 175 1.24 -20.00 35.57
N UNK H 176 0.35 -20.44 36.48
CA UNK H 176 -0.55 -21.54 36.21
C UNK H 176 -1.94 -21.09 35.78
N UNK H 177 -2.02 -20.02 34.98
CA UNK H 177 -3.30 -19.51 34.51
C UNK H 177 -4.10 -20.60 33.81
N UNK H 178 -5.42 -20.50 33.92
CA UNK H 178 -6.33 -21.46 33.32
C UNK H 178 -6.98 -20.89 32.07
#